data_5H6S
#
_entry.id   5H6S
#
_cell.length_a   73.042
_cell.length_b   126.478
_cell.length_c   123.185
_cell.angle_alpha   90.00
_cell.angle_beta   105.66
_cell.angle_gamma   90.00
#
_symmetry.space_group_name_H-M   'P 1 21 1'
#
loop_
_entity.id
_entity.type
_entity.pdbx_description
1 polymer Amidase
2 non-polymer 4-oxidanylbenzohydrazide
3 water water
#
_entity_poly.entity_id   1
_entity_poly.type   'polypeptide(L)'
_entity_poly.pdbx_seq_one_letter_code
;GSSHHHHHHSSGLVPRGSHMASAQETTRLTATEIRARISEGAASREEVVHEHLDRIDEFNALTNSFVELRADQVLEEARA
ADREFGSTLGGPLDGVPLSIKDSYSVAGLHRTDGLPVNADVLDAQDDVATARLRAAGGLVLGHAGIPDLCIRWNSVSGLY
GAVRNPRDLSRTAGGSSGGDAANVAAGFATIGLGGDLGGSIRVPASWCGVYGFRTGPGRIPDVNPNGGRSRNVVMELMAQ
IGPIARSIDDIELAFRIMTGVDRRDTMSSPLGLIEPIEAPRVAVLRHETGAVLDSSVEEQLDATIEMLRAEGYVVEENVL
PDLHRAPEVWAEIVGTELIHRVLPEVAELVIASERMHIVDMFGAYELGADVGAYLTALEERSSIQMTVAALMERYQLILA
PVAGMPAPPLDFDDHIGREASIALFDQMRCVPWVNLLGLPSLALPNGIQLVGRKHDELTILAAGRAYERRAPRVEIATPA
I
;
_entity_poly.pdbx_strand_id   A,B,C,D
#
# COMPACT_ATOMS: atom_id res chain seq x y z
N GLU A 25 -21.56 9.52 -7.18
CA GLU A 25 -20.21 9.62 -7.84
C GLU A 25 -19.39 10.88 -7.44
N THR A 26 -20.01 12.06 -7.34
CA THR A 26 -19.29 13.28 -6.93
C THR A 26 -18.77 13.24 -5.49
N THR A 27 -19.35 12.36 -4.66
CA THR A 27 -18.85 12.10 -3.31
C THR A 27 -17.42 11.53 -3.26
N ARG A 28 -16.95 10.90 -4.34
CA ARG A 28 -15.56 10.40 -4.44
C ARG A 28 -14.55 11.42 -4.96
N LEU A 29 -15.04 12.54 -5.47
CA LEU A 29 -14.22 13.44 -6.27
C LEU A 29 -13.66 14.59 -5.46
N THR A 30 -12.55 15.13 -5.95
CA THR A 30 -11.95 16.35 -5.39
C THR A 30 -12.69 17.56 -5.95
N ALA A 31 -12.44 18.72 -5.35
CA ALA A 31 -13.08 19.97 -5.75
C ALA A 31 -12.93 20.26 -7.24
N THR A 32 -11.71 20.07 -7.77
CA THR A 32 -11.47 20.36 -9.18
C THR A 32 -12.31 19.43 -10.07
N GLU A 33 -12.40 18.16 -9.68
CA GLU A 33 -13.14 17.16 -10.44
C GLU A 33 -14.65 17.43 -10.39
N ILE A 34 -15.18 17.82 -9.23
CA ILE A 34 -16.59 18.21 -9.12
C ILE A 34 -16.90 19.39 -10.00
N ARG A 35 -16.04 20.40 -9.94
CA ARG A 35 -16.23 21.59 -10.76
C ARG A 35 -16.17 21.27 -12.25
N ALA A 36 -15.31 20.32 -12.64
CA ALA A 36 -15.27 19.89 -14.06
C ALA A 36 -16.58 19.25 -14.50
N ARG A 37 -17.24 18.49 -13.61
CA ARG A 37 -18.53 17.90 -13.93
C ARG A 37 -19.61 18.97 -14.17
N ILE A 38 -19.55 20.04 -13.38
CA ILE A 38 -20.46 21.16 -13.53
C ILE A 38 -20.20 21.87 -14.87
N SER A 39 -18.92 22.18 -15.12
CA SER A 39 -18.50 22.79 -16.41
C SER A 39 -18.89 21.97 -17.63
N GLU A 40 -18.80 20.64 -17.51
CA GLU A 40 -19.14 19.70 -18.59
C GLU A 40 -20.66 19.58 -18.80
N GLY A 41 -21.46 20.11 -17.88
CA GLY A 41 -22.90 19.90 -17.89
C GLY A 41 -23.33 18.49 -17.48
N ALA A 42 -22.43 17.72 -16.88
CA ALA A 42 -22.73 16.35 -16.46
C ALA A 42 -23.43 16.35 -15.11
N ALA A 43 -23.26 17.40 -14.32
CA ALA A 43 -23.98 17.56 -13.05
C ALA A 43 -24.35 19.01 -12.81
N SER A 44 -25.48 19.23 -12.15
CA SER A 44 -25.85 20.55 -11.64
C SER A 44 -25.37 20.63 -10.19
N ARG A 45 -25.30 21.84 -9.65
CA ARG A 45 -24.91 22.01 -8.24
C ARG A 45 -25.92 21.31 -7.34
N GLU A 46 -27.19 21.38 -7.71
CA GLU A 46 -28.26 20.74 -6.97
C GLU A 46 -28.03 19.22 -6.91
N GLU A 47 -27.64 18.64 -8.03
CA GLU A 47 -27.34 17.20 -8.08
C GLU A 47 -26.13 16.82 -7.21
N VAL A 48 -25.10 17.65 -7.25
CA VAL A 48 -23.93 17.44 -6.39
C VAL A 48 -24.36 17.44 -4.92
N VAL A 49 -25.10 18.46 -4.53
CA VAL A 49 -25.60 18.56 -3.16
C VAL A 49 -26.49 17.35 -2.78
N HIS A 50 -27.40 16.97 -3.67
CA HIS A 50 -28.24 15.78 -3.44
C HIS A 50 -27.43 14.50 -3.24
N GLU A 51 -26.41 14.30 -4.05
CA GLU A 51 -25.58 13.10 -3.93
C GLU A 51 -24.90 13.04 -2.56
N HIS A 52 -24.41 14.19 -2.09
CA HIS A 52 -23.78 14.26 -0.77
C HIS A 52 -24.78 14.07 0.35
N LEU A 53 -25.93 14.75 0.27
CA LEU A 53 -26.98 14.61 1.30
C LEU A 53 -27.54 13.19 1.34
N ASP A 54 -27.67 12.54 0.19
CA ASP A 54 -28.14 11.14 0.14
C ASP A 54 -27.15 10.17 0.80
N ARG A 55 -25.85 10.38 0.53
CA ARG A 55 -24.80 9.61 1.19
C ARG A 55 -24.82 9.81 2.71
N ILE A 56 -24.97 11.08 3.13
CA ILE A 56 -25.12 11.39 4.55
C ILE A 56 -26.33 10.64 5.15
N ASP A 57 -27.48 10.72 4.46
CA ASP A 57 -28.69 10.03 4.97
C ASP A 57 -28.44 8.52 5.14
N GLU A 58 -27.68 7.94 4.22
CA GLU A 58 -27.40 6.52 4.23
C GLU A 58 -26.44 6.08 5.34
N PHE A 59 -25.36 6.84 5.57
CA PHE A 59 -24.28 6.39 6.44
C PHE A 59 -23.98 7.22 7.70
N ASN A 60 -24.57 8.41 7.81
CA ASN A 60 -24.23 9.30 8.94
C ASN A 60 -24.74 8.77 10.29
N ALA A 61 -25.73 7.88 10.26
CA ALA A 61 -26.15 7.19 11.48
C ALA A 61 -25.01 6.35 12.11
N LEU A 62 -24.10 5.86 11.28
CA LEU A 62 -22.94 5.07 11.71
C LEU A 62 -21.79 5.96 12.18
N THR A 63 -21.47 7.01 11.43
CA THR A 63 -20.31 7.86 11.79
C THR A 63 -20.64 8.94 12.81
N ASN A 64 -21.88 9.43 12.77
CA ASN A 64 -22.37 10.52 13.62
C ASN A 64 -21.43 11.75 13.48
N SER A 65 -21.00 11.99 12.25
CA SER A 65 -20.02 13.04 11.97
C SER A 65 -20.63 14.38 11.56
N PHE A 66 -21.75 14.37 10.83
CA PHE A 66 -22.51 15.59 10.57
C PHE A 66 -23.59 15.70 11.63
N VAL A 67 -23.44 16.68 12.50
CA VAL A 67 -24.31 16.74 13.69
C VAL A 67 -25.50 17.70 13.54
N GLU A 68 -25.43 18.63 12.58
CA GLU A 68 -26.54 19.52 12.27
C GLU A 68 -26.45 19.91 10.80
N LEU A 69 -27.49 19.60 10.05
CA LEU A 69 -27.51 19.88 8.61
C LEU A 69 -28.35 21.12 8.33
N ARG A 70 -28.05 21.77 7.20
CA ARG A 70 -28.85 22.84 6.63
C ARG A 70 -29.27 22.44 5.20
N ALA A 71 -29.91 21.28 5.09
CA ALA A 71 -30.17 20.66 3.80
C ALA A 71 -31.04 21.52 2.87
N ASP A 72 -32.14 22.04 3.39
CA ASP A 72 -33.05 22.86 2.57
C ASP A 72 -32.38 24.16 2.11
N GLN A 73 -31.58 24.76 3.00
CA GLN A 73 -30.96 26.04 2.70
C GLN A 73 -29.82 25.89 1.68
N VAL A 74 -29.03 24.83 1.79
CA VAL A 74 -27.92 24.59 0.85
C VAL A 74 -28.43 24.13 -0.53
N LEU A 75 -29.53 23.40 -0.55
CA LEU A 75 -30.14 23.04 -1.82
C LEU A 75 -30.66 24.29 -2.53
N GLU A 76 -31.27 25.19 -1.76
CA GLU A 76 -31.72 26.50 -2.21
C GLU A 76 -30.59 27.31 -2.85
N GLU A 77 -29.45 27.35 -2.16
CA GLU A 77 -28.23 28.00 -2.68
C GLU A 77 -27.77 27.37 -4.00
N ALA A 78 -27.74 26.04 -4.07
CA ALA A 78 -27.31 25.34 -5.26
C ALA A 78 -28.25 25.63 -6.46
N ARG A 79 -29.54 25.57 -6.19
CA ARG A 79 -30.54 25.82 -7.23
C ARG A 79 -30.50 27.25 -7.76
N ALA A 80 -30.29 28.21 -6.85
CA ALA A 80 -30.21 29.62 -7.24
C ALA A 80 -29.03 29.86 -8.17
N ALA A 81 -27.87 29.28 -7.84
CA ALA A 81 -26.68 29.35 -8.68
C ALA A 81 -26.89 28.63 -10.01
N ASP A 82 -27.52 27.45 -9.98
CA ASP A 82 -27.83 26.70 -11.22
C ASP A 82 -28.70 27.55 -12.16
N ARG A 83 -29.69 28.24 -11.62
CA ARG A 83 -30.60 29.05 -12.42
C ARG A 83 -29.89 30.24 -13.06
N GLU A 84 -29.10 30.96 -12.28
CA GLU A 84 -28.42 32.17 -12.74
C GLU A 84 -27.20 31.88 -13.62
N PHE A 85 -26.44 30.84 -13.27
CA PHE A 85 -25.13 30.58 -13.87
C PHE A 85 -25.08 29.42 -14.83
N GLY A 86 -25.94 28.43 -14.63
CA GLY A 86 -25.89 27.22 -15.44
C GLY A 86 -24.56 26.51 -15.26
N SER A 87 -23.87 26.19 -16.36
CA SER A 87 -22.59 25.48 -16.30
C SER A 87 -21.38 26.44 -16.12
N THR A 88 -21.64 27.74 -16.02
CA THR A 88 -20.61 28.74 -15.74
C THR A 88 -20.25 28.64 -14.27
N LEU A 89 -18.97 28.47 -13.99
CA LEU A 89 -18.49 28.48 -12.60
C LEU A 89 -18.30 29.90 -12.11
N GLY A 90 -18.70 30.14 -10.87
CA GLY A 90 -18.64 31.47 -10.26
C GLY A 90 -17.36 31.60 -9.50
N GLY A 91 -17.45 31.67 -8.17
CA GLY A 91 -16.26 31.78 -7.33
C GLY A 91 -15.47 30.47 -7.30
N PRO A 92 -14.28 30.49 -6.70
CA PRO A 92 -13.38 29.33 -6.78
C PRO A 92 -13.80 28.09 -6.00
N LEU A 93 -14.79 28.22 -5.12
CA LEU A 93 -15.41 27.05 -4.45
C LEU A 93 -16.87 26.79 -4.89
N ASP A 94 -17.32 27.43 -5.96
CA ASP A 94 -18.64 27.18 -6.53
C ASP A 94 -18.77 25.67 -6.81
N GLY A 95 -19.86 25.09 -6.30
CA GLY A 95 -20.19 23.69 -6.49
C GLY A 95 -19.59 22.69 -5.50
N VAL A 96 -18.82 23.18 -4.53
CA VAL A 96 -18.07 22.31 -3.65
C VAL A 96 -18.73 22.20 -2.27
N PRO A 97 -19.21 21.00 -1.90
CA PRO A 97 -19.80 20.82 -0.58
C PRO A 97 -18.76 20.84 0.54
N LEU A 98 -19.13 21.48 1.64
CA LEU A 98 -18.25 21.70 2.78
C LEU A 98 -18.81 21.19 4.10
N SER A 99 -17.90 20.76 4.96
CA SER A 99 -18.19 20.48 6.35
C SER A 99 -17.50 21.55 7.20
N ILE A 100 -18.17 22.04 8.22
CA ILE A 100 -17.61 23.05 9.11
C ILE A 100 -17.74 22.58 10.54
N LYS A 101 -16.64 22.62 11.30
N LYS A 101 -16.64 22.61 11.29
CA LYS A 101 -16.64 22.26 12.71
CA LYS A 101 -16.65 22.25 12.72
C LYS A 101 -17.65 23.11 13.48
C LYS A 101 -17.66 23.10 13.47
N ASP A 102 -18.36 22.49 14.42
CA ASP A 102 -19.35 23.18 15.27
C ASP A 102 -18.86 24.53 15.83
N SER A 103 -17.59 24.58 16.24
CA SER A 103 -16.91 25.77 16.77
C SER A 103 -16.92 27.04 15.91
N TYR A 104 -17.00 26.90 14.58
CA TYR A 104 -16.93 28.03 13.64
C TYR A 104 -18.32 28.37 13.16
N SER A 105 -18.76 29.59 13.47
CA SER A 105 -20.13 29.99 13.22
C SER A 105 -20.49 29.89 11.74
N VAL A 106 -21.68 29.38 11.51
CA VAL A 106 -22.29 29.37 10.17
C VAL A 106 -23.64 30.03 10.39
N ALA A 107 -23.95 31.05 9.60
CA ALA A 107 -25.25 31.73 9.74
C ALA A 107 -26.41 30.72 9.61
N GLY A 108 -27.31 30.74 10.60
CA GLY A 108 -28.45 29.82 10.63
C GLY A 108 -28.21 28.47 11.29
N LEU A 109 -26.99 28.19 11.77
CA LEU A 109 -26.69 26.97 12.49
C LEU A 109 -26.34 27.30 13.94
N HIS A 110 -26.40 26.28 14.79
CA HIS A 110 -26.10 26.43 16.20
C HIS A 110 -24.63 26.14 16.46
N ARG A 111 -24.07 26.79 17.45
CA ARG A 111 -22.67 26.61 17.85
C ARG A 111 -22.71 26.22 19.33
N THR A 112 -22.45 24.95 19.62
CA THR A 112 -22.78 24.36 20.91
C THR A 112 -21.57 24.01 21.78
N ASP A 113 -20.41 23.87 21.15
CA ASP A 113 -19.22 23.31 21.80
C ASP A 113 -19.50 21.89 22.39
N GLY A 114 -20.49 21.21 21.80
CA GLY A 114 -20.91 19.88 22.20
C GLY A 114 -21.79 19.79 23.45
N LEU A 115 -22.13 20.92 24.04
CA LEU A 115 -22.79 20.97 25.36
C LEU A 115 -24.30 21.14 25.19
N PRO A 116 -25.12 20.23 25.78
CA PRO A 116 -26.59 20.42 25.71
C PRO A 116 -27.06 21.79 26.20
N VAL A 117 -26.37 22.41 27.16
CA VAL A 117 -26.74 23.73 27.67
C VAL A 117 -26.71 24.79 26.56
N ASN A 118 -25.87 24.59 25.54
CA ASN A 118 -25.75 25.53 24.42
C ASN A 118 -26.56 25.15 23.17
N ALA A 119 -27.50 24.21 23.28
CA ALA A 119 -28.24 23.76 22.09
C ALA A 119 -29.08 24.85 21.46
N ASP A 120 -29.35 25.94 22.17
CA ASP A 120 -30.13 27.06 21.64
C ASP A 120 -29.29 28.23 21.15
N VAL A 121 -27.97 28.10 21.14
CA VAL A 121 -27.10 29.16 20.66
C VAL A 121 -27.16 29.14 19.14
N LEU A 122 -27.99 30.01 18.58
CA LEU A 122 -28.15 30.14 17.14
C LEU A 122 -27.42 31.38 16.63
N ASP A 123 -26.51 31.19 15.68
CA ASP A 123 -25.74 32.31 15.12
C ASP A 123 -26.43 32.97 13.93
N ALA A 124 -26.45 34.30 13.95
CA ALA A 124 -26.99 35.06 12.82
C ALA A 124 -25.97 35.21 11.69
N GLN A 125 -24.68 35.24 12.03
CA GLN A 125 -23.61 35.53 11.07
C GLN A 125 -22.58 34.41 10.97
N ASP A 126 -21.91 34.33 9.81
CA ASP A 126 -20.79 33.45 9.66
C ASP A 126 -19.59 34.00 10.42
N ASP A 127 -18.72 33.10 10.88
CA ASP A 127 -17.34 33.50 11.23
C ASP A 127 -16.63 33.98 9.96
N VAL A 128 -15.53 34.71 10.12
CA VAL A 128 -14.83 35.25 8.94
C VAL A 128 -14.30 34.13 8.03
N ALA A 129 -13.66 33.12 8.62
CA ALA A 129 -13.16 31.99 7.81
C ALA A 129 -14.31 31.29 7.05
N THR A 130 -15.41 31.02 7.74
CA THR A 130 -16.62 30.45 7.11
C THR A 130 -17.15 31.36 6.00
N ALA A 131 -17.24 32.66 6.28
CA ALA A 131 -17.78 33.62 5.30
C ALA A 131 -16.94 33.62 4.01
N ARG A 132 -15.63 33.48 4.15
CA ARG A 132 -14.75 33.50 2.98
C ARG A 132 -14.97 32.25 2.12
N LEU A 133 -15.14 31.09 2.75
CA LEU A 133 -15.47 29.87 2.02
C LEU A 133 -16.81 29.98 1.30
N ARG A 134 -17.82 30.54 1.98
CA ARG A 134 -19.16 30.69 1.41
C ARG A 134 -19.23 31.74 0.32
N ALA A 135 -18.58 32.88 0.55
CA ALA A 135 -18.48 33.96 -0.43
C ALA A 135 -17.84 33.47 -1.73
N ALA A 136 -16.95 32.48 -1.62
CA ALA A 136 -16.29 31.90 -2.78
C ALA A 136 -17.15 30.85 -3.51
N GLY A 137 -18.35 30.59 -3.00
CA GLY A 137 -19.33 29.70 -3.62
C GLY A 137 -19.48 28.36 -2.93
N GLY A 138 -18.71 28.15 -1.85
CA GLY A 138 -18.76 26.89 -1.12
C GLY A 138 -20.16 26.65 -0.53
N LEU A 139 -20.56 25.38 -0.57
CA LEU A 139 -21.90 24.97 -0.17
C LEU A 139 -21.83 24.24 1.17
N VAL A 140 -22.04 24.96 2.26
CA VAL A 140 -21.92 24.36 3.59
C VAL A 140 -23.13 23.45 3.86
N LEU A 141 -22.86 22.16 4.04
CA LEU A 141 -23.94 21.19 4.28
C LEU A 141 -24.40 21.18 5.73
N GLY A 142 -23.51 21.51 6.66
CA GLY A 142 -23.85 21.46 8.07
C GLY A 142 -22.63 21.63 8.94
N HIS A 143 -22.86 21.44 10.23
CA HIS A 143 -21.84 21.47 11.27
C HIS A 143 -21.38 20.06 11.61
N ALA A 144 -20.08 19.94 11.92
CA ALA A 144 -19.47 18.64 12.18
C ALA A 144 -19.22 18.41 13.67
N GLY A 145 -19.20 17.14 14.04
CA GLY A 145 -19.07 16.72 15.43
C GLY A 145 -17.72 17.03 16.05
N ILE A 146 -17.72 17.08 17.37
CA ILE A 146 -16.62 17.61 18.19
C ILE A 146 -16.68 16.97 19.57
N PRO A 147 -15.59 17.05 20.36
CA PRO A 147 -15.69 16.77 21.78
C PRO A 147 -16.21 17.95 22.56
N ASP A 148 -16.82 17.70 23.72
CA ASP A 148 -17.15 18.78 24.67
C ASP A 148 -15.94 19.69 24.85
N LEU A 149 -16.16 21.00 24.73
CA LEU A 149 -15.11 22.03 24.88
C LEU A 149 -14.04 22.05 23.78
N CYS A 150 -14.08 21.10 22.85
CA CYS A 150 -12.98 20.83 21.89
C CYS A 150 -11.60 20.61 22.54
N ILE A 151 -11.57 19.91 23.67
CA ILE A 151 -10.35 19.59 24.39
C ILE A 151 -10.26 18.07 24.51
N ARG A 152 -9.89 17.41 23.43
CA ARG A 152 -9.80 15.94 23.42
C ARG A 152 -9.36 15.45 22.05
N TRP A 153 -8.65 14.31 22.04
CA TRP A 153 -8.31 13.63 20.78
C TRP A 153 -9.35 12.59 20.34
N ASN A 154 -10.59 12.81 20.73
CA ASN A 154 -11.69 11.87 20.51
C ASN A 154 -12.93 12.74 20.53
N SER A 155 -13.70 12.73 19.45
CA SER A 155 -14.79 13.68 19.27
C SER A 155 -16.11 13.14 19.86
N VAL A 156 -16.17 13.21 21.18
CA VAL A 156 -17.30 12.68 21.96
C VAL A 156 -17.91 13.85 22.72
N SER A 157 -19.21 14.04 22.52
CA SER A 157 -19.94 15.13 23.18
C SER A 157 -21.21 14.69 23.90
N GLY A 158 -21.65 15.53 24.84
CA GLY A 158 -22.91 15.32 25.55
C GLY A 158 -24.13 15.50 24.64
N LEU A 159 -23.99 16.43 23.69
CA LEU A 159 -25.10 16.76 22.83
C LEU A 159 -25.28 15.77 21.67
N TYR A 160 -24.17 15.25 21.12
CA TYR A 160 -24.28 14.41 19.92
C TYR A 160 -23.72 13.00 20.06
N GLY A 161 -23.05 12.67 21.16
CA GLY A 161 -22.39 11.38 21.29
C GLY A 161 -21.05 11.32 20.58
N ALA A 162 -20.67 10.13 20.11
CA ALA A 162 -19.33 9.86 19.59
C ALA A 162 -19.27 9.84 18.06
N VAL A 163 -18.30 10.57 17.51
CA VAL A 163 -17.95 10.43 16.10
C VAL A 163 -17.14 9.14 15.96
N ARG A 164 -17.50 8.34 14.97
CA ARG A 164 -16.79 7.08 14.70
C ARG A 164 -16.04 7.16 13.38
N ASN A 165 -14.87 6.54 13.35
CA ASN A 165 -14.00 6.54 12.17
C ASN A 165 -14.65 5.79 10.98
N PRO A 166 -14.86 6.48 9.85
CA PRO A 166 -15.47 5.77 8.71
C PRO A 166 -14.64 4.63 8.12
N ARG A 167 -13.33 4.63 8.34
CA ARG A 167 -12.44 3.57 7.86
C ARG A 167 -12.53 2.31 8.72
N ASP A 168 -13.01 2.46 9.95
CA ASP A 168 -13.20 1.37 10.89
C ASP A 168 -14.02 1.90 12.06
N LEU A 169 -15.32 1.59 12.05
CA LEU A 169 -16.27 2.16 13.01
C LEU A 169 -16.03 1.83 14.49
N SER A 170 -15.17 0.84 14.77
CA SER A 170 -14.72 0.56 16.14
C SER A 170 -13.69 1.55 16.67
N ARG A 171 -13.18 2.42 15.81
CA ARG A 171 -12.06 3.30 16.14
C ARG A 171 -12.51 4.73 16.29
N THR A 172 -11.73 5.47 17.09
CA THR A 172 -11.91 6.92 17.19
C THR A 172 -11.69 7.59 15.83
N ALA A 173 -12.38 8.72 15.62
CA ALA A 173 -12.08 9.60 14.50
C ALA A 173 -11.02 10.63 14.86
N GLY A 174 -10.50 10.59 16.09
CA GLY A 174 -9.67 11.64 16.59
C GLY A 174 -10.46 12.87 17.02
N GLY A 175 -9.72 13.90 17.38
CA GLY A 175 -10.34 15.12 17.80
C GLY A 175 -9.30 16.21 17.94
N SER A 176 -9.72 17.45 18.17
N SER A 176 -9.71 17.46 18.11
CA SER A 176 -11.14 17.83 18.29
CA SER A 176 -11.09 17.87 18.25
C SER A 176 -11.93 18.06 16.99
C SER A 176 -11.92 17.86 16.97
N SER A 177 -11.27 18.06 15.83
CA SER A 177 -11.97 18.15 14.53
C SER A 177 -12.29 16.77 13.94
N GLY A 178 -12.81 15.87 14.76
CA GLY A 178 -13.03 14.49 14.34
C GLY A 178 -14.21 14.36 13.39
N GLY A 179 -15.26 15.14 13.64
CA GLY A 179 -16.41 15.19 12.72
C GLY A 179 -16.02 15.59 11.32
N ASP A 180 -15.23 16.66 11.19
CA ASP A 180 -14.82 17.15 9.87
C ASP A 180 -13.97 16.14 9.15
N ALA A 181 -13.00 15.58 9.84
CA ALA A 181 -12.13 14.56 9.26
C ALA A 181 -12.92 13.35 8.77
N ALA A 182 -13.88 12.91 9.58
CA ALA A 182 -14.72 11.76 9.23
C ALA A 182 -15.60 12.08 8.03
N ASN A 183 -16.21 13.26 8.03
CA ASN A 183 -17.03 13.72 6.91
C ASN A 183 -16.25 13.69 5.60
N VAL A 184 -15.02 14.19 5.60
CA VAL A 184 -14.18 14.19 4.40
C VAL A 184 -13.76 12.76 4.02
N ALA A 185 -13.35 11.96 5.00
CA ALA A 185 -12.95 10.57 4.71
C ALA A 185 -14.12 9.73 4.20
N ALA A 186 -15.34 10.01 4.66
CA ALA A 186 -16.52 9.25 4.22
C ALA A 186 -17.16 9.72 2.91
N GLY A 187 -16.65 10.84 2.35
CA GLY A 187 -17.29 11.43 1.18
C GLY A 187 -18.59 12.15 1.45
N PHE A 188 -18.82 12.59 2.69
CA PHE A 188 -20.00 13.38 3.00
C PHE A 188 -19.80 14.85 2.57
N ALA A 189 -18.54 15.27 2.47
CA ALA A 189 -18.19 16.61 1.98
C ALA A 189 -16.82 16.54 1.33
N THR A 190 -16.48 17.56 0.55
CA THR A 190 -15.20 17.60 -0.17
C THR A 190 -14.08 18.15 0.71
N ILE A 191 -14.40 19.21 1.45
CA ILE A 191 -13.44 19.92 2.28
C ILE A 191 -14.08 20.21 3.63
N GLY A 192 -13.30 20.10 4.70
CA GLY A 192 -13.74 20.40 6.05
C GLY A 192 -12.91 21.52 6.65
N LEU A 193 -13.43 22.15 7.70
CA LEU A 193 -12.76 23.26 8.35
C LEU A 193 -12.64 22.94 9.82
N GLY A 194 -11.40 22.90 10.31
CA GLY A 194 -11.12 22.64 11.70
C GLY A 194 -10.19 23.65 12.32
N GLY A 195 -9.79 23.35 13.54
CA GLY A 195 -8.84 24.19 14.29
C GLY A 195 -7.83 23.28 14.96
N ASP A 196 -6.67 23.82 15.34
CA ASP A 196 -5.59 22.99 15.86
C ASP A 196 -4.79 23.73 16.93
N LEU A 197 -5.08 23.40 18.19
CA LEU A 197 -4.42 23.92 19.39
C LEU A 197 -3.48 22.89 20.05
N GLY A 198 -3.82 21.62 19.95
CA GLY A 198 -3.02 20.51 20.41
C GLY A 198 -3.13 19.29 19.49
N GLY A 199 -3.32 19.54 18.19
CA GLY A 199 -3.48 18.46 17.21
C GLY A 199 -4.85 18.33 16.61
N SER A 200 -5.75 19.26 16.90
CA SER A 200 -7.14 19.11 16.48
C SER A 200 -7.46 18.98 14.99
N ILE A 201 -6.55 19.43 14.13
CA ILE A 201 -6.64 19.18 12.69
C ILE A 201 -5.84 17.93 12.32
N ARG A 202 -4.58 17.89 12.75
CA ARG A 202 -3.64 16.87 12.29
C ARG A 202 -3.96 15.46 12.79
N VAL A 203 -4.34 15.34 14.07
CA VAL A 203 -4.65 14.02 14.66
C VAL A 203 -5.85 13.37 13.97
N PRO A 204 -7.02 14.06 13.88
CA PRO A 204 -8.15 13.37 13.22
C PRO A 204 -7.97 13.18 11.70
N ALA A 205 -7.30 14.13 11.03
CA ALA A 205 -7.06 13.97 9.60
C ALA A 205 -6.27 12.70 9.34
N SER A 206 -5.14 12.54 10.04
CA SER A 206 -4.30 11.37 9.88
C SER A 206 -5.03 10.10 10.27
N TRP A 207 -5.74 10.12 11.39
CA TRP A 207 -6.43 8.89 11.83
C TRP A 207 -7.56 8.47 10.91
N CYS A 208 -8.14 9.45 10.21
CA CYS A 208 -9.16 9.18 9.20
C CYS A 208 -8.59 9.01 7.78
N GLY A 209 -7.28 9.06 7.65
CA GLY A 209 -6.60 8.87 6.37
C GLY A 209 -6.90 9.93 5.32
N VAL A 210 -6.88 11.19 5.73
CA VAL A 210 -7.03 12.31 4.82
C VAL A 210 -5.93 13.34 5.14
N TYR A 211 -5.88 14.43 4.38
CA TYR A 211 -4.94 15.53 4.66
C TYR A 211 -5.55 16.54 5.60
N GLY A 212 -4.73 17.11 6.48
CA GLY A 212 -5.18 18.15 7.40
C GLY A 212 -4.08 19.16 7.54
N PHE A 213 -4.37 20.43 7.23
CA PHE A 213 -3.36 21.48 7.21
C PHE A 213 -3.61 22.46 8.33
N ARG A 214 -2.73 22.44 9.35
CA ARG A 214 -2.70 23.50 10.37
C ARG A 214 -1.90 24.65 9.77
N THR A 215 -2.59 25.77 9.50
CA THR A 215 -1.93 26.96 8.99
C THR A 215 -1.09 27.57 10.12
N GLY A 216 -0.30 28.56 9.77
CA GLY A 216 0.59 29.23 10.72
C GLY A 216 0.11 30.61 11.12
N PRO A 217 0.80 31.21 12.09
CA PRO A 217 0.42 32.54 12.58
C PRO A 217 0.22 33.55 11.46
N GLY A 218 -0.87 34.32 11.57
CA GLY A 218 -1.09 35.50 10.73
C GLY A 218 -1.96 35.29 9.51
N ARG A 219 -2.10 34.03 9.06
CA ARG A 219 -2.69 33.75 7.75
C ARG A 219 -4.23 33.84 7.78
N ILE A 220 -4.86 32.99 8.58
CA ILE A 220 -6.33 32.92 8.60
C ILE A 220 -6.81 33.61 9.89
N PRO A 221 -7.67 34.63 9.78
CA PRO A 221 -8.18 35.28 10.98
C PRO A 221 -9.25 34.44 11.65
N ASP A 222 -9.25 34.46 12.99
CA ASP A 222 -10.29 33.84 13.80
C ASP A 222 -11.17 34.94 14.38
N VAL A 223 -12.29 35.17 13.71
CA VAL A 223 -13.22 36.25 14.08
C VAL A 223 -14.61 35.70 14.10
N ASN A 224 -15.26 35.83 15.27
CA ASN A 224 -16.63 35.42 15.46
C ASN A 224 -17.48 36.68 15.75
N PRO A 225 -18.22 37.17 14.74
CA PRO A 225 -18.99 38.40 14.95
C PRO A 225 -20.20 38.23 15.89
N ASN A 226 -20.56 36.99 16.17
CA ASN A 226 -21.69 36.68 17.07
C ASN A 226 -21.33 36.84 18.53
N GLY A 227 -20.04 36.81 18.84
CA GLY A 227 -19.55 36.97 20.20
C GLY A 227 -18.97 35.64 20.65
N GLY A 228 -17.68 35.46 20.42
CA GLY A 228 -16.94 34.34 21.03
C GLY A 228 -16.43 34.73 22.42
N ARG A 229 -16.50 33.79 23.36
CA ARG A 229 -15.74 33.82 24.61
C ARG A 229 -14.29 34.29 24.42
N SER A 230 -13.84 35.25 25.22
CA SER A 230 -12.47 35.74 25.11
C SER A 230 -11.46 34.76 25.70
N ARG A 231 -10.27 34.73 25.12
CA ARG A 231 -9.25 33.69 25.41
C ARG A 231 -7.89 34.27 25.77
N ASN A 232 -7.17 33.58 26.65
CA ASN A 232 -5.77 33.89 27.00
C ASN A 232 -4.91 33.97 25.72
N VAL A 233 -4.18 35.07 25.54
CA VAL A 233 -3.24 35.19 24.41
C VAL A 233 -2.31 33.96 24.28
N VAL A 234 -1.88 33.41 25.41
CA VAL A 234 -0.98 32.24 25.41
C VAL A 234 -1.61 31.07 24.63
N MET A 235 -2.89 30.82 24.86
CA MET A 235 -3.62 29.80 24.12
C MET A 235 -3.78 30.21 22.65
N GLU A 236 -4.16 31.47 22.43
CA GLU A 236 -4.38 31.95 21.06
C GLU A 236 -3.12 31.82 20.19
N LEU A 237 -1.95 32.03 20.79
CA LEU A 237 -0.68 31.93 20.07
C LEU A 237 -0.38 30.52 19.58
N MET A 238 -1.03 29.54 20.19
CA MET A 238 -0.84 28.12 19.85
C MET A 238 -1.92 27.53 18.94
N ALA A 239 -2.95 28.32 18.62
CA ALA A 239 -4.13 27.84 17.87
C ALA A 239 -4.20 28.44 16.46
N GLN A 240 -4.52 27.59 15.47
CA GLN A 240 -4.70 28.07 14.09
C GLN A 240 -5.82 27.28 13.42
N ILE A 241 -6.48 27.94 12.49
CA ILE A 241 -7.54 27.34 11.69
C ILE A 241 -6.92 26.65 10.48
N GLY A 242 -7.61 25.65 9.94
CA GLY A 242 -7.17 25.13 8.65
C GLY A 242 -8.06 24.07 8.02
N PRO A 243 -7.81 23.74 6.75
CA PRO A 243 -8.66 22.83 5.98
C PRO A 243 -8.29 21.34 6.16
N ILE A 244 -9.28 20.49 5.95
CA ILE A 244 -9.11 19.05 5.85
C ILE A 244 -9.65 18.66 4.47
N ALA A 245 -8.93 17.84 3.72
CA ALA A 245 -9.34 17.49 2.36
C ALA A 245 -8.66 16.22 1.88
N ARG A 246 -9.01 15.80 0.65
CA ARG A 246 -8.50 14.55 0.09
C ARG A 246 -7.39 14.73 -0.95
N SER A 247 -6.95 15.97 -1.20
CA SER A 247 -5.82 16.29 -2.09
C SER A 247 -5.15 17.58 -1.66
N ILE A 248 -3.91 17.78 -2.11
CA ILE A 248 -3.16 18.99 -1.79
C ILE A 248 -3.78 20.18 -2.49
N ASP A 249 -4.25 20.00 -3.73
CA ASP A 249 -4.92 21.10 -4.43
C ASP A 249 -6.10 21.65 -3.64
N ASP A 250 -6.91 20.77 -3.05
CA ASP A 250 -8.07 21.20 -2.24
C ASP A 250 -7.64 21.87 -0.93
N ILE A 251 -6.59 21.36 -0.31
CA ILE A 251 -6.01 22.00 0.87
C ILE A 251 -5.61 23.43 0.51
N GLU A 252 -4.83 23.58 -0.57
CA GLU A 252 -4.32 24.88 -0.99
C GLU A 252 -5.41 25.86 -1.38
N LEU A 253 -6.43 25.34 -2.07
CA LEU A 253 -7.55 26.17 -2.50
C LEU A 253 -8.25 26.76 -1.30
N ALA A 254 -8.63 25.92 -0.35
CA ALA A 254 -9.32 26.40 0.84
C ALA A 254 -8.43 27.34 1.65
N PHE A 255 -7.17 26.95 1.84
CA PHE A 255 -6.17 27.79 2.51
C PHE A 255 -6.09 29.20 1.92
N ARG A 256 -5.93 29.29 0.60
CA ARG A 256 -5.78 30.61 -0.04
C ARG A 256 -7.04 31.46 0.08
N ILE A 257 -8.21 30.81 -0.03
CA ILE A 257 -9.48 31.51 0.09
C ILE A 257 -9.66 32.11 1.49
N MET A 258 -9.23 31.39 2.53
CA MET A 258 -9.44 31.85 3.91
C MET A 258 -8.39 32.85 4.39
N THR A 259 -7.24 32.88 3.71
CA THR A 259 -6.13 33.73 4.08
C THR A 259 -6.40 35.22 3.74
N GLY A 260 -6.06 36.09 4.67
CA GLY A 260 -6.24 37.55 4.48
C GLY A 260 -6.46 38.21 5.82
N VAL A 261 -5.95 39.43 5.98
CA VAL A 261 -6.08 40.10 7.26
C VAL A 261 -7.55 40.39 7.59
N ASP A 262 -7.88 40.30 8.87
CA ASP A 262 -9.10 40.90 9.40
C ASP A 262 -8.67 41.43 10.75
N ARG A 263 -8.61 42.75 10.85
CA ARG A 263 -8.02 43.40 12.01
C ARG A 263 -8.79 43.21 13.34
N ARG A 264 -10.01 42.67 13.29
CA ARG A 264 -10.74 42.27 14.50
C ARG A 264 -10.00 41.12 15.23
N ASP A 265 -9.21 40.33 14.49
CA ASP A 265 -8.29 39.36 15.06
C ASP A 265 -6.90 40.00 15.07
N THR A 266 -6.43 40.37 16.25
CA THR A 266 -5.15 41.06 16.36
C THR A 266 -3.94 40.18 16.03
N MET A 267 -4.15 38.87 15.95
CA MET A 267 -3.12 37.94 15.53
C MET A 267 -3.00 37.85 14.00
N SER A 268 -4.01 38.29 13.26
CA SER A 268 -3.95 38.17 11.80
C SER A 268 -3.05 39.26 11.24
N SER A 269 -2.48 38.97 10.08
CA SER A 269 -1.49 39.85 9.44
C SER A 269 -1.83 40.04 7.95
N PRO A 270 -1.61 41.25 7.43
CA PRO A 270 -1.74 41.46 5.98
C PRO A 270 -0.59 40.88 5.15
N LEU A 271 0.43 40.31 5.80
CA LEU A 271 1.52 39.67 5.10
C LEU A 271 0.97 38.65 4.10
N GLY A 272 1.49 38.72 2.87
CA GLY A 272 1.09 37.78 1.83
C GLY A 272 1.74 36.41 2.02
N LEU A 273 1.38 35.48 1.14
CA LEU A 273 2.05 34.18 1.10
C LEU A 273 3.44 34.31 0.48
N ILE A 274 4.36 33.46 0.91
CA ILE A 274 5.75 33.52 0.51
C ILE A 274 6.02 32.33 -0.39
N GLU A 275 6.68 32.59 -1.53
CA GLU A 275 6.90 31.50 -2.48
C GLU A 275 7.73 30.40 -1.85
N PRO A 276 7.48 29.14 -2.25
CA PRO A 276 8.22 28.02 -1.67
C PRO A 276 9.73 28.17 -1.81
N ILE A 277 10.43 27.79 -0.75
CA ILE A 277 11.89 27.81 -0.70
C ILE A 277 12.46 26.83 -1.72
N GLU A 278 13.53 27.23 -2.41
CA GLU A 278 14.27 26.30 -3.27
C GLU A 278 15.15 25.40 -2.38
N ALA A 279 14.98 24.10 -2.56
CA ALA A 279 15.82 23.08 -1.91
C ALA A 279 15.90 23.17 -0.38
N PRO A 280 14.74 23.14 0.32
CA PRO A 280 14.82 23.10 1.77
C PRO A 280 15.38 21.76 2.24
N ARG A 281 16.20 21.78 3.28
CA ARG A 281 16.66 20.53 3.88
C ARG A 281 15.62 20.10 4.91
N VAL A 282 15.45 18.79 5.04
CA VAL A 282 14.43 18.21 5.88
C VAL A 282 15.11 17.48 7.03
N ALA A 283 14.77 17.87 8.27
CA ALA A 283 15.20 17.14 9.48
C ALA A 283 14.14 16.15 9.89
N VAL A 284 14.54 14.93 10.24
CA VAL A 284 13.58 13.91 10.67
C VAL A 284 13.47 13.92 12.18
N LEU A 285 12.25 14.10 12.68
CA LEU A 285 11.95 13.96 14.10
C LEU A 285 11.35 12.58 14.29
N ARG A 286 12.03 11.74 15.07
CA ARG A 286 11.54 10.40 15.40
C ARG A 286 11.32 10.33 16.91
N HIS A 287 12.39 10.17 17.69
CA HIS A 287 12.28 10.05 19.16
C HIS A 287 12.71 11.30 19.94
N GLU A 288 13.07 12.39 19.27
CA GLU A 288 13.67 13.54 19.95
C GLU A 288 12.71 14.33 20.88
N THR A 289 11.41 14.13 20.77
CA THR A 289 10.47 14.70 21.74
C THR A 289 10.02 13.68 22.77
N GLY A 290 10.63 12.48 22.75
CA GLY A 290 10.33 11.40 23.68
C GLY A 290 9.17 10.49 23.32
N ALA A 291 8.71 10.57 22.07
CA ALA A 291 7.53 9.86 21.66
C ALA A 291 7.76 8.34 21.67
N VAL A 292 6.71 7.61 22.06
CA VAL A 292 6.68 6.14 21.97
C VAL A 292 5.88 5.77 20.73
N LEU A 293 6.57 5.23 19.74
CA LEU A 293 6.02 4.99 18.41
C LEU A 293 5.82 3.53 18.12
N ASP A 294 4.67 3.20 17.52
CA ASP A 294 4.41 1.85 17.00
C ASP A 294 5.35 1.56 15.83
N SER A 295 5.64 0.28 15.61
CA SER A 295 6.40 -0.12 14.44
C SER A 295 5.78 0.34 13.12
N SER A 296 4.45 0.28 13.01
CA SER A 296 3.75 0.70 11.77
C SER A 296 3.98 2.21 11.48
N VAL A 297 4.10 3.00 12.55
CA VAL A 297 4.35 4.43 12.43
C VAL A 297 5.80 4.70 12.03
N GLU A 298 6.73 4.01 12.67
CA GLU A 298 8.15 4.11 12.29
C GLU A 298 8.32 3.74 10.82
N GLU A 299 7.59 2.72 10.36
CA GLU A 299 7.65 2.30 8.96
C GLU A 299 7.04 3.33 7.99
N GLN A 300 5.94 3.97 8.39
CA GLN A 300 5.39 5.08 7.61
C GLN A 300 6.35 6.28 7.52
N LEU A 301 7.04 6.56 8.62
CA LEU A 301 8.06 7.60 8.61
C LEU A 301 9.19 7.28 7.60
N ASP A 302 9.72 6.05 7.70
CA ASP A 302 10.78 5.59 6.76
C ASP A 302 10.33 5.69 5.31
N ALA A 303 9.10 5.24 5.04
CA ALA A 303 8.51 5.28 3.70
C ALA A 303 8.43 6.71 3.16
N THR A 304 8.05 7.64 4.03
CA THR A 304 7.93 9.05 3.62
C THR A 304 9.29 9.67 3.38
N ILE A 305 10.29 9.30 4.19
CA ILE A 305 11.66 9.75 3.98
C ILE A 305 12.09 9.35 2.56
N GLU A 306 11.81 8.11 2.18
CA GLU A 306 12.21 7.64 0.86
C GLU A 306 11.44 8.29 -0.28
N MET A 307 10.15 8.55 -0.08
CA MET A 307 9.35 9.32 -1.06
C MET A 307 9.93 10.71 -1.32
N LEU A 308 10.26 11.43 -0.26
CA LEU A 308 10.86 12.77 -0.36
C LEU A 308 12.26 12.75 -0.98
N ARG A 309 13.10 11.80 -0.56
CA ARG A 309 14.41 11.60 -1.22
C ARG A 309 14.29 11.32 -2.73
N ALA A 310 13.32 10.50 -3.10
CA ALA A 310 13.08 10.19 -4.50
C ALA A 310 12.64 11.42 -5.31
N GLU A 311 11.99 12.38 -4.62
CA GLU A 311 11.59 13.67 -5.21
C GLU A 311 12.62 14.78 -5.10
N GLY A 312 13.83 14.45 -4.67
CA GLY A 312 14.95 15.38 -4.68
C GLY A 312 15.25 16.13 -3.40
N TYR A 313 14.53 15.85 -2.31
CA TYR A 313 14.82 16.48 -1.03
C TYR A 313 16.00 15.81 -0.36
N VAL A 314 16.86 16.63 0.24
CA VAL A 314 17.85 16.17 1.21
C VAL A 314 17.13 15.99 2.53
N VAL A 315 17.12 14.76 3.04
CA VAL A 315 16.49 14.42 4.32
C VAL A 315 17.55 13.84 5.25
N GLU A 316 17.66 14.40 6.46
CA GLU A 316 18.66 13.97 7.44
C GLU A 316 18.03 13.53 8.74
N GLU A 317 18.51 12.39 9.25
CA GLU A 317 18.09 11.85 10.54
C GLU A 317 19.15 12.15 11.59
N ASN A 318 18.72 12.18 12.84
CA ASN A 318 19.59 12.41 14.00
C ASN A 318 20.35 13.72 13.92
N VAL A 319 19.65 14.78 13.55
CA VAL A 319 20.21 16.13 13.53
C VAL A 319 19.59 17.06 14.57
N LEU A 320 18.46 16.66 15.17
CA LEU A 320 17.74 17.48 16.13
C LEU A 320 18.25 17.24 17.55
N PRO A 321 18.24 18.28 18.40
CA PRO A 321 18.61 18.10 19.80
C PRO A 321 17.50 17.41 20.61
N ASP A 322 17.77 17.22 21.91
CA ASP A 322 16.79 16.67 22.82
C ASP A 322 15.68 17.70 23.07
N LEU A 323 14.51 17.42 22.52
CA LEU A 323 13.36 18.33 22.61
C LEU A 323 12.23 17.71 23.44
N HIS A 324 12.56 16.81 24.37
CA HIS A 324 11.51 16.15 25.16
C HIS A 324 10.70 17.15 26.03
N ARG A 325 11.32 18.29 26.40
CA ARG A 325 10.58 19.32 27.15
C ARG A 325 9.50 20.03 26.32
N ALA A 326 9.61 20.04 24.99
CA ALA A 326 8.63 20.77 24.16
C ALA A 326 7.18 20.32 24.36
N PRO A 327 6.87 19.03 24.18
CA PRO A 327 5.49 18.63 24.48
C PRO A 327 5.10 18.77 25.95
N GLU A 328 6.06 18.59 26.85
CA GLU A 328 5.80 18.77 28.27
C GLU A 328 5.44 20.20 28.63
N VAL A 329 6.14 21.17 28.07
CA VAL A 329 5.86 22.58 28.35
C VAL A 329 4.45 22.93 27.83
N TRP A 330 4.08 22.36 26.67
CA TRP A 330 2.72 22.55 26.16
C TRP A 330 1.70 22.05 27.19
N ALA A 331 1.90 20.84 27.66
CA ALA A 331 0.97 20.24 28.66
C ALA A 331 0.90 21.01 29.98
N GLU A 332 2.04 21.54 30.42
CA GLU A 332 2.12 22.35 31.64
C GLU A 332 1.30 23.63 31.49
N ILE A 333 1.49 24.32 30.36
CA ILE A 333 0.82 25.60 30.11
C ILE A 333 -0.68 25.39 29.91
N VAL A 334 -1.03 24.45 29.03
CA VAL A 334 -2.42 24.15 28.75
C VAL A 334 -3.11 23.56 29.98
N GLY A 335 -2.48 22.56 30.58
CA GLY A 335 -3.02 21.86 31.73
C GLY A 335 -3.29 22.75 32.91
N THR A 336 -2.39 23.69 33.16
CA THR A 336 -2.54 24.58 34.31
C THR A 336 -3.80 25.45 34.10
N GLU A 337 -4.00 25.93 32.88
CA GLU A 337 -5.21 26.71 32.56
C GLU A 337 -6.49 25.87 32.65
N LEU A 338 -6.45 24.65 32.11
CA LEU A 338 -7.65 23.82 32.14
C LEU A 338 -8.07 23.49 33.57
N ILE A 339 -7.10 23.17 34.41
CA ILE A 339 -7.36 22.76 35.80
C ILE A 339 -7.71 23.94 36.71
N HIS A 340 -7.02 25.06 36.55
CA HIS A 340 -7.19 26.19 37.46
C HIS A 340 -8.17 27.25 36.99
N ARG A 341 -8.55 27.24 35.71
CA ARG A 341 -9.51 28.21 35.17
C ARG A 341 -10.73 27.58 34.48
N VAL A 342 -10.50 26.67 33.52
CA VAL A 342 -11.62 26.18 32.69
C VAL A 342 -12.52 25.22 33.47
N LEU A 343 -11.94 24.18 34.07
CA LEU A 343 -12.76 23.19 34.78
C LEU A 343 -13.59 23.73 35.95
N PRO A 344 -13.04 24.64 36.77
CA PRO A 344 -13.92 25.21 37.79
C PRO A 344 -15.22 25.83 37.23
N GLU A 345 -15.18 26.35 36.01
CA GLU A 345 -16.33 27.01 35.41
C GLU A 345 -17.33 26.09 34.71
N VAL A 346 -16.84 25.02 34.07
CA VAL A 346 -17.71 24.19 33.22
C VAL A 346 -17.83 22.74 33.65
N ALA A 347 -17.27 22.39 34.81
CA ALA A 347 -17.26 20.99 35.27
C ALA A 347 -18.63 20.30 35.24
N GLU A 348 -19.68 21.02 35.65
CA GLU A 348 -21.03 20.41 35.65
C GLU A 348 -21.72 20.45 34.28
N LEU A 349 -21.09 21.08 33.29
CA LEU A 349 -21.68 21.20 31.95
C LEU A 349 -21.17 20.17 30.93
N VAL A 350 -20.08 19.48 31.26
CA VAL A 350 -19.43 18.56 30.32
C VAL A 350 -19.63 17.12 30.74
N ILE A 351 -19.54 16.20 29.80
CA ILE A 351 -19.63 14.76 30.09
C ILE A 351 -18.46 14.38 31.00
N ALA A 352 -18.70 13.42 31.89
CA ALA A 352 -17.69 13.03 32.86
C ALA A 352 -16.36 12.57 32.25
N SER A 353 -16.43 11.93 31.08
CA SER A 353 -15.20 11.51 30.39
C SER A 353 -14.36 12.68 29.90
N GLU A 354 -14.98 13.82 29.65
CA GLU A 354 -14.23 15.00 29.24
C GLU A 354 -13.55 15.60 30.47
N ARG A 355 -14.31 15.76 31.55
CA ARG A 355 -13.75 16.20 32.83
C ARG A 355 -12.59 15.28 33.26
N MET A 356 -12.80 13.98 33.19
CA MET A 356 -11.79 13.03 33.68
C MET A 356 -10.62 12.86 32.72
N HIS A 357 -10.79 13.14 31.44
CA HIS A 357 -9.62 13.17 30.54
C HIS A 357 -8.70 14.33 30.97
N ILE A 358 -9.30 15.48 31.25
CA ILE A 358 -8.53 16.64 31.69
C ILE A 358 -7.78 16.36 33.00
N VAL A 359 -8.51 15.84 33.99
CA VAL A 359 -7.91 15.52 35.26
C VAL A 359 -6.86 14.40 35.12
N ASP A 360 -7.23 13.31 34.45
CA ASP A 360 -6.33 12.14 34.37
C ASP A 360 -5.06 12.47 33.59
N MET A 361 -5.19 13.19 32.47
CA MET A 361 -4.01 13.49 31.64
C MET A 361 -3.34 14.79 32.02
N PHE A 362 -4.05 15.91 31.91
CA PHE A 362 -3.43 17.21 32.19
C PHE A 362 -3.05 17.39 33.67
N GLY A 363 -3.78 16.72 34.57
CA GLY A 363 -3.40 16.65 35.96
C GLY A 363 -2.00 16.11 36.23
N ALA A 364 -1.46 15.30 35.31
CA ALA A 364 -0.10 14.81 35.41
C ALA A 364 0.97 15.87 35.13
N TYR A 365 0.61 16.92 34.39
CA TYR A 365 1.55 17.94 33.94
C TYR A 365 1.30 19.34 34.50
N GLU A 366 0.11 19.61 35.01
CA GLU A 366 -0.24 20.95 35.47
C GLU A 366 0.68 21.36 36.61
N LEU A 367 0.89 22.68 36.74
CA LEU A 367 1.98 23.23 37.53
C LEU A 367 1.60 23.56 38.96
N GLY A 368 0.34 23.34 39.32
CA GLY A 368 -0.20 23.76 40.61
C GLY A 368 -0.66 25.20 40.56
N ALA A 369 -1.01 25.72 41.72
CA ALA A 369 -1.67 27.03 41.80
C ALA A 369 -0.73 28.23 41.80
N ASP A 370 0.57 28.03 41.96
CA ASP A 370 1.49 29.16 42.12
C ASP A 370 1.79 29.79 40.75
N VAL A 371 1.46 31.06 40.61
CA VAL A 371 1.69 31.80 39.35
C VAL A 371 3.15 31.82 38.92
N GLY A 372 4.09 31.80 39.88
CA GLY A 372 5.49 31.73 39.58
C GLY A 372 5.89 30.55 38.68
N ALA A 373 5.28 29.39 38.91
CA ALA A 373 5.58 28.21 38.12
C ALA A 373 5.09 28.37 36.65
N TYR A 374 3.93 28.97 36.50
CA TYR A 374 3.36 29.26 35.17
C TYR A 374 4.25 30.26 34.41
N LEU A 375 4.68 31.32 35.09
CA LEU A 375 5.57 32.31 34.48
C LEU A 375 6.90 31.67 34.02
N THR A 376 7.42 30.75 34.84
CA THR A 376 8.64 30.01 34.50
C THR A 376 8.46 29.15 33.25
N ALA A 377 7.32 28.49 33.15
CA ALA A 377 6.99 27.69 31.99
C ALA A 377 6.90 28.56 30.74
N LEU A 378 6.30 29.75 30.87
CA LEU A 378 6.24 30.69 29.74
C LEU A 378 7.63 31.09 29.26
N GLU A 379 8.56 31.31 30.19
CA GLU A 379 9.94 31.62 29.81
C GLU A 379 10.58 30.45 29.05
N GLU A 380 10.31 29.23 29.49
CA GLU A 380 10.87 28.04 28.82
C GLU A 380 10.30 27.88 27.41
N ARG A 381 9.02 28.16 27.24
CA ARG A 381 8.42 28.18 25.91
C ARG A 381 9.23 29.07 24.95
N SER A 382 9.55 30.29 25.38
CA SER A 382 10.31 31.22 24.52
C SER A 382 11.72 30.68 24.18
N SER A 383 12.38 30.08 25.16
CA SER A 383 13.69 29.47 24.99
C SER A 383 13.68 28.37 23.94
N ILE A 384 12.70 27.47 24.06
CA ILE A 384 12.57 26.36 23.11
C ILE A 384 12.27 26.90 21.71
N GLN A 385 11.37 27.87 21.64
CA GLN A 385 11.01 28.48 20.38
C GLN A 385 12.22 29.07 19.64
N MET A 386 13.09 29.74 20.39
CA MET A 386 14.30 30.34 19.84
C MET A 386 15.29 29.30 19.35
N THR A 387 15.47 28.24 20.13
CA THR A 387 16.32 27.10 19.74
C THR A 387 15.86 26.43 18.45
N VAL A 388 14.56 26.16 18.36
CA VAL A 388 14.02 25.52 17.16
C VAL A 388 14.04 26.46 15.96
N ALA A 389 13.73 27.72 16.17
CA ALA A 389 13.80 28.71 15.10
C ALA A 389 15.21 28.75 14.48
N ALA A 390 16.25 28.72 15.32
CA ALA A 390 17.64 28.75 14.84
C ALA A 390 17.97 27.53 13.99
N LEU A 391 17.55 26.35 14.44
CA LEU A 391 17.89 25.14 13.71
C LEU A 391 17.08 24.99 12.43
N MET A 392 15.88 25.57 12.39
CA MET A 392 15.06 25.54 11.18
C MET A 392 15.52 26.54 10.10
N GLU A 393 16.48 27.40 10.42
CA GLU A 393 17.19 28.16 9.37
C GLU A 393 18.05 27.23 8.51
N ARG A 394 18.47 26.11 9.09
CA ARG A 394 19.15 25.05 8.35
C ARG A 394 18.20 23.98 7.85
N TYR A 395 17.32 23.52 8.74
CA TYR A 395 16.35 22.50 8.42
C TYR A 395 14.97 23.13 8.32
N GLN A 396 14.63 23.63 7.14
CA GLN A 396 13.42 24.44 6.97
C GLN A 396 12.13 23.62 7.05
N LEU A 397 12.24 22.31 6.91
CA LEU A 397 11.12 21.40 7.15
C LEU A 397 11.51 20.34 8.16
N ILE A 398 10.62 20.06 9.10
CA ILE A 398 10.75 18.89 9.97
C ILE A 398 9.71 17.83 9.60
N LEU A 399 10.18 16.61 9.34
CA LEU A 399 9.31 15.47 9.05
C LEU A 399 9.16 14.67 10.32
N ALA A 400 7.92 14.38 10.69
CA ALA A 400 7.64 13.77 11.99
C ALA A 400 6.40 12.91 11.94
N PRO A 401 6.31 11.88 12.82
CA PRO A 401 5.01 11.28 13.01
C PRO A 401 4.00 12.32 13.51
N VAL A 402 2.74 12.06 13.30
CA VAL A 402 1.67 12.72 14.08
C VAL A 402 1.48 11.89 15.33
N ALA A 403 0.51 10.99 15.35
CA ALA A 403 0.32 10.08 16.49
C ALA A 403 1.36 8.97 16.46
N GLY A 404 1.67 8.44 17.65
CA GLY A 404 2.52 7.25 17.79
C GLY A 404 1.86 5.91 17.48
N MET A 405 0.57 5.92 17.13
CA MET A 405 -0.19 4.72 16.81
C MET A 405 -1.25 5.05 15.77
N PRO A 406 -1.70 4.05 14.99
CA PRO A 406 -2.86 4.26 14.14
C PRO A 406 -4.09 4.44 14.99
N ALA A 407 -5.19 4.80 14.36
CA ALA A 407 -6.41 5.20 15.09
C ALA A 407 -6.79 4.14 16.15
N PRO A 408 -6.79 4.53 17.44
CA PRO A 408 -7.08 3.55 18.48
C PRO A 408 -8.58 3.26 18.64
N PRO A 409 -8.93 2.29 19.51
CA PRO A 409 -10.34 2.02 19.76
C PRO A 409 -11.08 3.24 20.33
N LEU A 410 -12.38 3.32 20.09
CA LEU A 410 -13.19 4.47 20.48
C LEU A 410 -13.13 4.79 21.99
N ASP A 411 -12.87 3.79 22.82
CA ASP A 411 -12.76 3.99 24.26
C ASP A 411 -11.33 4.25 24.77
N PHE A 412 -10.40 4.56 23.87
CA PHE A 412 -8.97 4.66 24.23
C PHE A 412 -8.63 5.66 25.32
N ASP A 413 -9.42 6.72 25.42
CA ASP A 413 -9.20 7.76 26.42
C ASP A 413 -10.39 7.95 27.38
N ASP A 414 -11.21 6.92 27.53
CA ASP A 414 -12.44 6.97 28.34
C ASP A 414 -12.22 6.46 29.75
N HIS A 415 -12.13 7.39 30.71
CA HIS A 415 -11.92 7.07 32.14
C HIS A 415 -10.78 6.07 32.32
N ILE A 416 -9.63 6.42 31.76
CA ILE A 416 -8.47 5.49 31.71
C ILE A 416 -7.53 5.64 32.91
N GLY A 417 -7.61 6.77 33.62
CA GLY A 417 -6.76 7.02 34.77
C GLY A 417 -5.42 7.64 34.48
N ARG A 418 -4.69 7.93 35.55
CA ARG A 418 -3.43 8.68 35.46
C ARG A 418 -2.33 7.94 34.69
N GLU A 419 -2.06 6.69 35.05
CA GLU A 419 -0.94 5.99 34.40
C GLU A 419 -1.19 5.81 32.91
N ALA A 420 -2.42 5.40 32.57
CA ALA A 420 -2.80 5.25 31.17
C ALA A 420 -2.72 6.58 30.40
N SER A 421 -3.07 7.66 31.06
CA SER A 421 -3.03 8.98 30.40
C SER A 421 -1.62 9.48 30.13
N ILE A 422 -0.68 9.16 31.01
CA ILE A 422 0.73 9.44 30.76
C ILE A 422 1.22 8.61 29.57
N ALA A 423 0.88 7.31 29.52
CA ALA A 423 1.24 6.48 28.40
C ALA A 423 0.69 7.01 27.07
N LEU A 424 -0.55 7.53 27.11
CA LEU A 424 -1.19 8.09 25.91
C LEU A 424 -0.44 9.34 25.52
N PHE A 425 -0.19 10.22 26.48
CA PHE A 425 0.55 11.44 26.19
C PHE A 425 1.92 11.14 25.52
N ASP A 426 2.64 10.14 26.05
CA ASP A 426 3.91 9.76 25.47
C ASP A 426 3.78 9.31 24.01
N GLN A 427 2.68 8.65 23.68
CA GLN A 427 2.39 8.29 22.30
C GLN A 427 2.10 9.48 21.37
N MET A 428 1.67 10.60 21.96
CA MET A 428 1.27 11.77 21.19
C MET A 428 2.32 12.87 21.21
N ARG A 429 3.53 12.58 21.70
CA ARG A 429 4.57 13.61 21.89
C ARG A 429 5.09 14.30 20.62
N CYS A 430 4.83 13.73 19.44
CA CYS A 430 5.20 14.40 18.19
C CYS A 430 4.16 15.44 17.74
N VAL A 431 3.06 15.59 18.47
CA VAL A 431 1.94 16.49 18.05
C VAL A 431 2.00 17.92 18.61
N PRO A 432 1.97 18.11 19.96
CA PRO A 432 1.73 19.46 20.48
C PRO A 432 2.90 20.44 20.53
N TRP A 433 4.13 19.98 20.35
CA TRP A 433 5.29 20.88 20.24
C TRP A 433 5.10 21.88 19.09
N VAL A 434 4.44 21.43 18.04
CA VAL A 434 4.12 22.25 16.87
C VAL A 434 3.27 23.44 17.29
N ASN A 435 2.27 23.19 18.12
CA ASN A 435 1.42 24.25 18.67
C ASN A 435 2.17 25.18 19.58
N LEU A 436 2.96 24.60 20.49
CA LEU A 436 3.74 25.37 21.45
C LEU A 436 4.59 26.44 20.77
N LEU A 437 5.23 26.05 19.67
CA LEU A 437 6.17 26.94 18.98
C LEU A 437 5.56 27.77 17.86
N GLY A 438 4.26 27.59 17.59
CA GLY A 438 3.53 28.43 16.65
C GLY A 438 3.89 28.15 15.20
N LEU A 439 3.94 26.87 14.86
CA LEU A 439 4.42 26.45 13.54
C LEU A 439 3.30 25.86 12.71
N PRO A 440 3.29 26.17 11.40
CA PRO A 440 2.36 25.49 10.49
C PRO A 440 2.81 24.04 10.26
N SER A 441 1.86 23.16 9.96
CA SER A 441 2.16 21.76 9.72
C SER A 441 1.07 21.08 8.91
N LEU A 442 1.46 20.34 7.89
CA LEU A 442 0.57 19.50 7.13
C LEU A 442 0.61 18.05 7.58
N ALA A 443 -0.53 17.53 8.02
CA ALA A 443 -0.66 16.09 8.29
C ALA A 443 -1.04 15.38 7.00
N LEU A 444 -0.34 14.30 6.72
CA LEU A 444 -0.57 13.47 5.56
C LEU A 444 -1.45 12.27 5.93
N PRO A 445 -2.12 11.64 4.93
CA PRO A 445 -3.05 10.54 5.22
C PRO A 445 -2.42 9.30 5.87
N ASN A 446 -1.10 9.20 5.86
CA ASN A 446 -0.41 8.06 6.47
C ASN A 446 0.06 8.31 7.92
N GLY A 447 -0.35 9.43 8.53
CA GLY A 447 0.07 9.74 9.90
C GLY A 447 1.43 10.35 10.11
N ILE A 448 2.02 10.88 9.03
CA ILE A 448 3.26 11.63 9.08
C ILE A 448 2.92 13.10 8.76
N GLN A 449 3.69 14.03 9.31
CA GLN A 449 3.46 15.46 9.08
C GLN A 449 4.72 16.17 8.63
N LEU A 450 4.52 17.28 7.94
CA LEU A 450 5.57 18.18 7.49
C LEU A 450 5.37 19.53 8.18
N VAL A 451 6.32 19.88 9.05
CA VAL A 451 6.27 21.11 9.86
C VAL A 451 7.23 22.10 9.24
N GLY A 452 6.78 23.36 9.14
CA GLY A 452 7.60 24.45 8.60
C GLY A 452 7.74 25.60 9.57
N ARG A 453 8.54 26.59 9.18
CA ARG A 453 8.69 27.79 9.97
C ARG A 453 7.44 28.64 9.84
N LYS A 454 7.28 29.57 10.80
CA LYS A 454 6.27 30.63 10.68
C LYS A 454 6.34 31.27 9.29
N HIS A 455 5.18 31.48 8.65
CA HIS A 455 5.03 32.13 7.33
C HIS A 455 5.38 31.28 6.09
N ASP A 456 5.86 30.06 6.29
CA ASP A 456 6.39 29.24 5.22
C ASP A 456 5.43 28.13 4.79
N GLU A 457 4.13 28.44 4.74
CA GLU A 457 3.09 27.48 4.37
C GLU A 457 3.29 26.87 2.99
N LEU A 458 3.74 27.67 2.02
CA LEU A 458 3.81 27.15 0.65
C LEU A 458 4.95 26.16 0.48
N THR A 459 6.04 26.34 1.22
CA THR A 459 7.11 25.37 1.22
C THR A 459 6.61 24.01 1.73
N ILE A 460 5.80 24.04 2.78
CA ILE A 460 5.18 22.81 3.28
C ILE A 460 4.33 22.12 2.22
N LEU A 461 3.47 22.88 1.56
CA LEU A 461 2.56 22.31 0.58
C LEU A 461 3.30 21.73 -0.64
N ALA A 462 4.41 22.37 -1.04
CA ALA A 462 5.28 21.82 -2.08
C ALA A 462 5.79 20.42 -1.72
N ALA A 463 6.23 20.26 -0.48
CA ALA A 463 6.70 18.97 0.03
C ALA A 463 5.53 17.96 0.15
N GLY A 464 4.36 18.46 0.53
CA GLY A 464 3.13 17.66 0.52
C GLY A 464 2.81 17.10 -0.85
N ARG A 465 3.03 17.91 -1.89
CA ARG A 465 2.83 17.48 -3.29
C ARG A 465 3.81 16.39 -3.69
N ALA A 466 5.04 16.48 -3.20
CA ALA A 466 6.06 15.46 -3.42
C ALA A 466 5.61 14.12 -2.84
N TYR A 467 5.08 14.15 -1.61
CA TYR A 467 4.43 12.96 -1.05
C TYR A 467 3.28 12.48 -1.95
N GLU A 468 2.40 13.40 -2.33
CA GLU A 468 1.22 13.08 -3.14
C GLU A 468 1.56 12.44 -4.48
N ARG A 469 2.67 12.86 -5.09
CA ARG A 469 3.12 12.26 -6.37
C ARG A 469 3.56 10.78 -6.21
N ARG A 470 4.02 10.43 -5.02
CA ARG A 470 4.55 9.09 -4.71
C ARG A 470 3.59 8.13 -4.02
N ALA A 471 2.55 8.66 -3.37
CA ALA A 471 1.68 7.86 -2.51
C ALA A 471 0.38 7.48 -3.22
N PRO A 472 -0.30 6.43 -2.74
CA PRO A 472 -1.62 6.13 -3.28
C PRO A 472 -2.60 7.29 -3.09
N ARG A 473 -3.47 7.49 -4.06
CA ARG A 473 -4.51 8.50 -4.04
C ARG A 473 -5.44 8.21 -2.87
N VAL A 474 -5.78 9.24 -2.10
CA VAL A 474 -6.81 9.09 -1.10
C VAL A 474 -8.17 8.76 -1.76
N GLU A 475 -8.81 7.71 -1.24
CA GLU A 475 -10.14 7.30 -1.65
C GLU A 475 -11.07 7.38 -0.43
N ILE A 476 -12.34 7.66 -0.67
CA ILE A 476 -13.32 7.74 0.42
C ILE A 476 -13.63 6.35 0.96
N ALA A 477 -14.02 6.30 2.23
CA ALA A 477 -14.45 5.07 2.89
C ALA A 477 -15.97 5.00 2.83
N THR A 478 -16.50 3.78 2.75
CA THR A 478 -17.92 3.54 2.87
C THR A 478 -18.16 2.89 4.25
N PRO A 479 -18.72 3.65 5.21
CA PRO A 479 -18.89 3.10 6.58
C PRO A 479 -19.83 1.88 6.59
N ALA A 480 -19.37 0.79 7.16
CA ALA A 480 -20.15 -0.48 7.21
C ALA A 480 -19.93 -1.25 8.52
N GLU B 25 -17.59 -11.73 13.90
CA GLU B 25 -16.12 -11.54 14.17
C GLU B 25 -15.22 -12.66 13.63
N THR B 26 -15.63 -13.92 13.77
CA THR B 26 -14.89 -15.03 13.13
C THR B 26 -14.91 -14.96 11.60
N THR B 27 -15.85 -14.20 11.02
CA THR B 27 -15.89 -13.90 9.58
C THR B 27 -14.65 -13.18 9.05
N ARG B 28 -13.92 -12.50 9.92
CA ARG B 28 -12.69 -11.79 9.58
C ARG B 28 -11.42 -12.65 9.71
N LEU B 29 -11.54 -13.83 10.27
CA LEU B 29 -10.39 -14.62 10.72
C LEU B 29 -10.02 -15.72 9.73
N THR B 30 -8.77 -16.13 9.78
CA THR B 30 -8.29 -17.30 9.06
C THR B 30 -8.68 -18.58 9.80
N ALA B 31 -8.49 -19.71 9.12
CA ALA B 31 -8.83 -21.00 9.72
C ALA B 31 -8.09 -21.23 11.04
N THR B 32 -6.80 -20.88 11.07
CA THR B 32 -6.00 -21.09 12.29
C THR B 32 -6.55 -20.26 13.43
N GLU B 33 -6.95 -19.03 13.12
CA GLU B 33 -7.46 -18.12 14.13
C GLU B 33 -8.83 -18.55 14.65
N ILE B 34 -9.70 -19.02 13.76
CA ILE B 34 -10.99 -19.56 14.17
C ILE B 34 -10.80 -20.75 15.10
N ARG B 35 -9.96 -21.68 14.68
CA ARG B 35 -9.68 -22.87 15.47
C ARG B 35 -9.07 -22.54 16.83
N ALA B 36 -8.26 -21.49 16.88
CA ALA B 36 -7.70 -21.03 18.15
C ALA B 36 -8.81 -20.56 19.09
N ARG B 37 -9.80 -19.85 18.56
CA ARG B 37 -10.96 -19.47 19.37
C ARG B 37 -11.77 -20.62 19.90
N ILE B 38 -11.94 -21.66 19.08
CA ILE B 38 -12.63 -22.85 19.53
C ILE B 38 -11.81 -23.51 20.67
N SER B 39 -10.52 -23.72 20.43
CA SER B 39 -9.66 -24.40 21.41
C SER B 39 -9.56 -23.66 22.75
N GLU B 40 -9.65 -22.33 22.74
CA GLU B 40 -9.62 -21.51 23.96
C GLU B 40 -10.95 -21.40 24.69
N GLY B 41 -12.02 -21.93 24.11
CA GLY B 41 -13.34 -21.89 24.73
C GLY B 41 -14.04 -20.56 24.48
N ALA B 42 -13.54 -19.76 23.56
CA ALA B 42 -14.09 -18.44 23.27
C ALA B 42 -15.25 -18.49 22.26
N ALA B 43 -15.34 -19.57 21.49
CA ALA B 43 -16.43 -19.76 20.54
C ALA B 43 -16.72 -21.24 20.38
N SER B 44 -17.98 -21.56 20.17
CA SER B 44 -18.39 -22.90 19.76
C SER B 44 -18.39 -22.94 18.23
N ARG B 45 -18.35 -24.15 17.67
CA ARG B 45 -18.54 -24.31 16.23
C ARG B 45 -19.89 -23.74 15.79
N GLU B 46 -20.94 -23.98 16.57
CA GLU B 46 -22.27 -23.48 16.26
C GLU B 46 -22.26 -21.95 16.18
N GLU B 47 -21.57 -21.28 17.10
CA GLU B 47 -21.46 -19.82 17.07
C GLU B 47 -20.70 -19.33 15.83
N VAL B 48 -19.63 -20.01 15.46
CA VAL B 48 -18.88 -19.66 14.24
C VAL B 48 -19.80 -19.73 13.02
N VAL B 49 -20.55 -20.83 12.93
CA VAL B 49 -21.47 -21.03 11.81
C VAL B 49 -22.56 -19.94 11.83
N HIS B 50 -23.17 -19.67 12.99
CA HIS B 50 -24.16 -18.60 13.10
C HIS B 50 -23.62 -17.26 12.62
N GLU B 51 -22.38 -16.92 12.98
CA GLU B 51 -21.76 -15.64 12.59
C GLU B 51 -21.66 -15.51 11.07
N HIS B 52 -21.28 -16.61 10.42
CA HIS B 52 -21.16 -16.61 8.97
C HIS B 52 -22.53 -16.59 8.28
N LEU B 53 -23.46 -17.40 8.77
CA LEU B 53 -24.83 -17.41 8.20
C LEU B 53 -25.55 -16.08 8.41
N ASP B 54 -25.33 -15.43 9.55
CA ASP B 54 -25.94 -14.09 9.79
C ASP B 54 -25.34 -13.02 8.88
N ARG B 55 -24.03 -13.12 8.64
CA ARG B 55 -23.36 -12.21 7.69
C ARG B 55 -23.86 -12.42 6.25
N ILE B 56 -23.99 -13.69 5.85
CA ILE B 56 -24.62 -14.07 4.58
C ILE B 56 -26.04 -13.48 4.48
N ASP B 57 -26.83 -13.66 5.52
CA ASP B 57 -28.21 -13.15 5.45
C ASP B 57 -28.26 -11.62 5.28
N GLU B 58 -27.32 -10.92 5.89
CA GLU B 58 -27.26 -9.46 5.80
C GLU B 58 -26.77 -8.95 4.45
N PHE B 59 -25.79 -9.63 3.84
CA PHE B 59 -25.11 -9.07 2.65
C PHE B 59 -25.18 -9.86 1.34
N ASN B 60 -25.65 -11.10 1.39
CA ASN B 60 -25.61 -11.94 0.20
C ASN B 60 -26.59 -11.48 -0.88
N ALA B 61 -27.60 -10.70 -0.51
CA ALA B 61 -28.50 -10.08 -1.49
C ALA B 61 -27.75 -9.13 -2.43
N LEU B 62 -26.64 -8.55 -1.96
CA LEU B 62 -25.82 -7.66 -2.76
C LEU B 62 -24.82 -8.40 -3.64
N THR B 63 -24.13 -9.39 -3.09
CA THR B 63 -23.10 -10.12 -3.83
C THR B 63 -23.67 -11.22 -4.71
N ASN B 64 -24.74 -11.83 -4.27
CA ASN B 64 -25.32 -12.98 -4.93
C ASN B 64 -24.33 -14.12 -5.12
N SER B 65 -23.54 -14.36 -4.09
CA SER B 65 -22.39 -15.25 -4.21
C SER B 65 -22.64 -16.62 -3.61
N PHE B 66 -23.43 -16.72 -2.55
CA PHE B 66 -23.93 -18.02 -2.09
C PHE B 66 -25.27 -18.23 -2.74
N VAL B 67 -25.37 -19.24 -3.59
CA VAL B 67 -26.59 -19.46 -4.41
C VAL B 67 -27.50 -20.57 -3.86
N GLU B 68 -26.97 -21.43 -2.99
CA GLU B 68 -27.78 -22.42 -2.29
C GLU B 68 -27.14 -22.73 -0.96
N LEU B 69 -27.87 -22.57 0.13
CA LEU B 69 -27.35 -22.86 1.47
C LEU B 69 -27.84 -24.21 2.00
N ARG B 70 -27.08 -24.75 2.95
CA ARG B 70 -27.50 -25.89 3.76
C ARG B 70 -27.43 -25.48 5.23
N ALA B 71 -28.16 -24.42 5.56
CA ALA B 71 -28.05 -23.78 6.87
C ALA B 71 -28.40 -24.73 8.02
N ASP B 72 -29.55 -25.40 7.92
CA ASP B 72 -30.01 -26.32 8.98
C ASP B 72 -29.04 -27.48 9.18
N GLN B 73 -28.51 -28.00 8.07
CA GLN B 73 -27.70 -29.20 8.07
C GLN B 73 -26.30 -28.89 8.62
N VAL B 74 -25.75 -27.74 8.24
CA VAL B 74 -24.42 -27.36 8.72
C VAL B 74 -24.46 -26.99 10.20
N LEU B 75 -25.54 -26.32 10.63
CA LEU B 75 -25.73 -26.05 12.05
C LEU B 75 -25.79 -27.33 12.87
N GLU B 76 -26.48 -28.34 12.36
CA GLU B 76 -26.54 -29.64 13.03
C GLU B 76 -25.15 -30.28 13.15
N GLU B 77 -24.35 -30.19 12.08
CA GLU B 77 -23.00 -30.72 12.10
C GLU B 77 -22.15 -30.04 13.18
N ALA B 78 -22.26 -28.71 13.25
CA ALA B 78 -21.53 -27.94 14.22
C ALA B 78 -21.94 -28.29 15.64
N ARG B 79 -23.24 -28.38 15.87
CA ARG B 79 -23.78 -28.73 17.19
C ARG B 79 -23.34 -30.13 17.63
N ALA B 80 -23.34 -31.08 16.70
CA ALA B 80 -22.96 -32.46 17.02
C ALA B 80 -21.49 -32.56 17.43
N ALA B 81 -20.62 -31.88 16.70
CA ALA B 81 -19.20 -31.78 17.05
C ALA B 81 -18.98 -31.05 18.39
N ASP B 82 -19.70 -29.94 18.60
CA ASP B 82 -19.66 -29.23 19.89
C ASP B 82 -20.01 -30.18 21.04
N ARG B 83 -21.05 -31.01 20.85
CA ARG B 83 -21.50 -31.93 21.90
C ARG B 83 -20.41 -32.97 22.23
N GLU B 84 -19.85 -33.58 21.18
CA GLU B 84 -18.94 -34.72 21.34
C GLU B 84 -17.54 -34.30 21.74
N PHE B 85 -17.09 -33.19 21.15
CA PHE B 85 -15.71 -32.71 21.26
C PHE B 85 -15.47 -31.52 22.17
N GLY B 86 -16.46 -30.65 22.33
CA GLY B 86 -16.24 -29.41 23.07
C GLY B 86 -15.14 -28.57 22.46
N SER B 87 -14.18 -28.15 23.28
CA SER B 87 -13.05 -27.34 22.77
C SER B 87 -11.92 -28.16 22.13
N THR B 88 -12.03 -29.48 22.16
CA THR B 88 -11.08 -30.35 21.48
C THR B 88 -11.25 -30.22 19.95
N LEU B 89 -10.16 -29.97 19.24
CA LEU B 89 -10.24 -29.93 17.77
C LEU B 89 -10.15 -31.34 17.21
N GLY B 90 -10.97 -31.63 16.21
CA GLY B 90 -11.01 -32.96 15.61
C GLY B 90 -10.07 -32.98 14.41
N GLY B 91 -10.66 -33.04 13.21
CA GLY B 91 -9.85 -33.04 12.00
C GLY B 91 -9.24 -31.68 11.76
N PRO B 92 -8.35 -31.58 10.76
CA PRO B 92 -7.63 -30.34 10.48
C PRO B 92 -8.47 -29.18 9.96
N LEU B 93 -9.70 -29.44 9.53
CA LEU B 93 -10.65 -28.39 9.13
C LEU B 93 -11.85 -28.24 10.07
N ASP B 94 -11.82 -28.93 11.20
CA ASP B 94 -12.87 -28.81 12.21
C ASP B 94 -13.03 -27.33 12.57
N GLY B 95 -14.27 -26.86 12.51
CA GLY B 95 -14.63 -25.48 12.87
C GLY B 95 -14.55 -24.48 11.76
N VAL B 96 -14.17 -24.89 10.55
CA VAL B 96 -13.90 -23.95 9.46
C VAL B 96 -15.03 -23.93 8.43
N PRO B 97 -15.73 -22.79 8.28
CA PRO B 97 -16.80 -22.68 7.25
C PRO B 97 -16.25 -22.63 5.83
N LEU B 98 -16.91 -23.35 4.93
CA LEU B 98 -16.48 -23.50 3.54
C LEU B 98 -17.55 -23.09 2.53
N SER B 99 -17.07 -22.57 1.40
CA SER B 99 -17.84 -22.34 0.20
C SER B 99 -17.39 -23.33 -0.85
N ILE B 100 -18.35 -23.89 -1.60
CA ILE B 100 -18.01 -24.87 -2.63
C ILE B 100 -18.68 -24.46 -3.94
N LYS B 101 -17.92 -24.44 -5.03
N LYS B 101 -17.91 -24.38 -5.02
CA LYS B 101 -18.47 -24.07 -6.34
CA LYS B 101 -18.47 -24.02 -6.34
C LYS B 101 -19.60 -25.01 -6.68
C LYS B 101 -19.59 -24.99 -6.67
N ASP B 102 -20.67 -24.48 -7.27
CA ASP B 102 -21.78 -25.28 -7.78
C ASP B 102 -21.40 -26.57 -8.50
N SER B 103 -20.35 -26.49 -9.30
CA SER B 103 -19.81 -27.60 -10.10
C SER B 103 -19.39 -28.84 -9.32
N TYR B 104 -19.00 -28.68 -8.05
CA TYR B 104 -18.48 -29.80 -7.22
C TYR B 104 -19.58 -30.29 -6.30
N SER B 105 -19.92 -31.56 -6.42
CA SER B 105 -21.06 -32.14 -5.71
C SER B 105 -20.85 -32.05 -4.21
N VAL B 106 -21.92 -31.65 -3.52
CA VAL B 106 -22.03 -31.70 -2.08
C VAL B 106 -23.30 -32.49 -1.82
N ALA B 107 -23.20 -33.53 -1.01
CA ALA B 107 -24.37 -34.35 -0.68
C ALA B 107 -25.51 -33.47 -0.14
N GLY B 108 -26.68 -33.59 -0.78
CA GLY B 108 -27.86 -32.82 -0.39
C GLY B 108 -28.01 -31.45 -0.99
N LEU B 109 -27.05 -31.01 -1.81
CA LEU B 109 -27.14 -29.77 -2.58
C LEU B 109 -27.38 -30.08 -4.05
N HIS B 110 -27.91 -29.11 -4.77
CA HIS B 110 -28.13 -29.24 -6.21
C HIS B 110 -26.90 -28.81 -6.97
N ARG B 111 -26.69 -29.42 -8.13
CA ARG B 111 -25.57 -29.09 -9.03
C ARG B 111 -26.19 -28.73 -10.37
N THR B 112 -26.16 -27.44 -10.69
CA THR B 112 -26.99 -26.88 -11.78
C THR B 112 -26.22 -26.40 -13.01
N ASP B 113 -24.91 -26.15 -12.85
CA ASP B 113 -24.11 -25.51 -13.88
C ASP B 113 -24.70 -24.15 -14.28
N GLY B 114 -25.47 -23.56 -13.36
CA GLY B 114 -26.14 -22.28 -13.57
C GLY B 114 -27.39 -22.32 -14.42
N LEU B 115 -27.80 -23.51 -14.88
CA LEU B 115 -28.89 -23.63 -15.87
C LEU B 115 -30.21 -23.93 -15.17
N PRO B 116 -31.25 -23.11 -15.43
CA PRO B 116 -32.56 -23.42 -14.82
C PRO B 116 -33.04 -24.84 -15.09
N VAL B 117 -32.75 -25.39 -16.27
CA VAL B 117 -33.17 -26.75 -16.61
C VAL B 117 -32.63 -27.80 -15.63
N ASN B 118 -31.50 -27.51 -14.98
CA ASN B 118 -30.87 -28.46 -14.05
C ASN B 118 -31.21 -28.17 -12.59
N ALA B 119 -32.22 -27.33 -12.31
CA ALA B 119 -32.52 -26.96 -10.91
C ALA B 119 -32.97 -28.14 -10.04
N ASP B 120 -33.38 -29.26 -10.66
CA ASP B 120 -33.77 -30.47 -9.93
C ASP B 120 -32.66 -31.50 -9.78
N VAL B 121 -31.45 -31.21 -10.25
CA VAL B 121 -30.34 -32.16 -10.15
C VAL B 121 -29.83 -32.11 -8.71
N LEU B 122 -30.20 -33.12 -7.92
CA LEU B 122 -29.88 -33.18 -6.50
C LEU B 122 -28.92 -34.34 -6.27
N ASP B 123 -27.74 -34.05 -5.71
CA ASP B 123 -26.70 -35.06 -5.53
C ASP B 123 -26.83 -35.78 -4.21
N ALA B 124 -26.71 -37.08 -4.25
CA ALA B 124 -26.71 -37.91 -3.04
C ALA B 124 -25.34 -37.97 -2.36
N GLN B 125 -24.26 -37.87 -3.13
CA GLN B 125 -22.90 -37.97 -2.57
C GLN B 125 -22.06 -36.73 -2.82
N ASP B 126 -21.05 -36.52 -1.97
CA ASP B 126 -20.02 -35.52 -2.22
C ASP B 126 -19.11 -35.96 -3.37
N ASP B 127 -18.55 -34.98 -4.09
CA ASP B 127 -17.38 -35.25 -4.95
C ASP B 127 -16.21 -35.64 -4.05
N VAL B 128 -15.18 -36.26 -4.60
CA VAL B 128 -14.04 -36.69 -3.76
C VAL B 128 -13.37 -35.48 -3.08
N ALA B 129 -13.16 -34.40 -3.82
CA ALA B 129 -12.51 -33.21 -3.23
C ALA B 129 -13.34 -32.65 -2.06
N THR B 130 -14.64 -32.47 -2.29
CA THR B 130 -15.57 -32.05 -1.25
C THR B 130 -15.57 -33.01 -0.07
N ALA B 131 -15.58 -34.30 -0.35
CA ALA B 131 -15.62 -35.34 0.69
C ALA B 131 -14.40 -35.26 1.62
N ARG B 132 -13.24 -34.99 1.05
CA ARG B 132 -12.02 -34.85 1.82
C ARG B 132 -12.07 -33.62 2.73
N LEU B 133 -12.60 -32.51 2.23
CA LEU B 133 -12.77 -31.30 3.04
C LEU B 133 -13.72 -31.53 4.21
N ARG B 134 -14.84 -32.21 3.94
CA ARG B 134 -15.86 -32.49 4.96
C ARG B 134 -15.39 -33.52 5.97
N ALA B 135 -14.72 -34.57 5.49
CA ALA B 135 -14.18 -35.61 6.38
C ALA B 135 -13.14 -35.05 7.35
N ALA B 136 -12.45 -34.00 6.94
CA ALA B 136 -11.48 -33.31 7.77
C ALA B 136 -12.16 -32.35 8.79
N GLY B 137 -13.48 -32.23 8.75
CA GLY B 137 -14.25 -31.42 9.70
C GLY B 137 -14.79 -30.12 9.16
N GLY B 138 -14.47 -29.82 7.90
CA GLY B 138 -14.96 -28.63 7.23
C GLY B 138 -16.47 -28.54 7.21
N LEU B 139 -16.96 -27.32 7.42
CA LEU B 139 -18.40 -27.05 7.55
C LEU B 139 -18.90 -26.37 6.30
N VAL B 140 -19.39 -27.15 5.33
CA VAL B 140 -19.87 -26.57 4.06
C VAL B 140 -21.17 -25.81 4.30
N LEU B 141 -21.14 -24.50 4.04
CA LEU B 141 -22.33 -23.67 4.21
C LEU B 141 -23.29 -23.77 3.03
N GLY B 142 -22.76 -24.00 1.83
CA GLY B 142 -23.58 -23.93 0.62
C GLY B 142 -22.75 -24.00 -0.65
N HIS B 143 -23.46 -23.88 -1.77
CA HIS B 143 -22.89 -23.81 -3.10
C HIS B 143 -22.72 -22.36 -3.55
N ALA B 144 -21.65 -22.10 -4.30
CA ALA B 144 -21.31 -20.73 -4.74
C ALA B 144 -21.64 -20.49 -6.21
N GLY B 145 -21.89 -19.22 -6.52
CA GLY B 145 -22.32 -18.81 -7.84
C GLY B 145 -21.25 -18.99 -8.92
N ILE B 146 -21.74 -19.10 -10.16
CA ILE B 146 -20.93 -19.49 -11.33
C ILE B 146 -21.55 -18.90 -12.59
N PRO B 147 -20.80 -18.88 -13.70
CA PRO B 147 -21.43 -18.63 -14.98
C PRO B 147 -22.02 -19.90 -15.53
N ASP B 148 -23.02 -19.74 -16.41
CA ASP B 148 -23.54 -20.85 -17.22
C ASP B 148 -22.39 -21.64 -17.86
N LEU B 149 -22.40 -22.96 -17.68
CA LEU B 149 -21.38 -23.85 -18.26
C LEU B 149 -19.98 -23.74 -17.62
N CYS B 150 -19.79 -22.81 -16.68
CA CYS B 150 -18.46 -22.44 -16.16
C CYS B 150 -17.43 -22.04 -17.24
N ILE B 151 -17.89 -21.40 -18.30
CA ILE B 151 -17.01 -20.95 -19.39
C ILE B 151 -17.09 -19.43 -19.50
N ARG B 152 -16.50 -18.73 -18.55
CA ARG B 152 -16.55 -17.25 -18.57
C ARG B 152 -15.70 -16.69 -17.44
N TRP B 153 -15.13 -15.51 -17.65
CA TRP B 153 -14.45 -14.77 -16.59
C TRP B 153 -15.42 -13.82 -15.85
N ASN B 154 -16.70 -14.18 -15.78
CA ASN B 154 -17.73 -13.37 -15.17
C ASN B 154 -18.83 -14.33 -14.72
N SER B 155 -19.16 -14.35 -13.44
CA SER B 155 -20.01 -15.41 -12.91
C SER B 155 -21.48 -15.00 -12.96
N VAL B 156 -22.04 -15.17 -14.14
CA VAL B 156 -23.41 -14.79 -14.48
C VAL B 156 -24.14 -16.03 -14.97
N SER B 157 -25.27 -16.35 -14.32
CA SER B 157 -26.04 -17.52 -14.68
C SER B 157 -27.51 -17.20 -14.94
N GLY B 158 -28.15 -18.09 -15.69
CA GLY B 158 -29.60 -18.05 -15.92
C GLY B 158 -30.38 -18.28 -14.65
N LEU B 159 -29.87 -19.14 -13.79
CA LEU B 159 -30.59 -19.52 -12.58
C LEU B 159 -30.45 -18.53 -11.45
N TYR B 160 -29.25 -17.99 -11.26
CA TYR B 160 -28.96 -17.18 -10.10
C TYR B 160 -28.67 -15.71 -10.38
N GLY B 161 -28.51 -15.34 -11.64
CA GLY B 161 -28.10 -13.98 -11.98
C GLY B 161 -26.61 -13.78 -11.79
N ALA B 162 -26.19 -12.54 -11.51
CA ALA B 162 -24.77 -12.19 -11.51
C ALA B 162 -24.17 -12.10 -10.11
N VAL B 163 -22.99 -12.70 -9.95
CA VAL B 163 -22.19 -12.48 -8.76
C VAL B 163 -21.53 -11.12 -8.90
N ARG B 164 -21.59 -10.32 -7.84
CA ARG B 164 -20.96 -9.00 -7.84
C ARG B 164 -19.79 -8.99 -6.86
N ASN B 165 -18.77 -8.23 -7.22
CA ASN B 165 -17.54 -8.12 -6.41
C ASN B 165 -17.82 -7.44 -5.07
N PRO B 166 -17.51 -8.12 -3.95
CA PRO B 166 -17.80 -7.48 -2.67
C PRO B 166 -16.94 -6.25 -2.35
N ARG B 167 -15.81 -6.10 -3.04
CA ARG B 167 -14.91 -4.96 -2.90
C ARG B 167 -15.46 -3.72 -3.60
N ASP B 168 -16.34 -3.93 -4.58
CA ASP B 168 -16.96 -2.86 -5.37
C ASP B 168 -18.07 -3.52 -6.21
N LEU B 169 -19.32 -3.36 -5.77
CA LEU B 169 -20.44 -4.10 -6.35
C LEU B 169 -20.77 -3.77 -7.81
N SER B 170 -20.19 -2.70 -8.35
CA SER B 170 -20.33 -2.38 -9.77
C SER B 170 -19.40 -3.22 -10.66
N ARG B 171 -18.50 -3.99 -10.03
CA ARG B 171 -17.48 -4.76 -10.74
C ARG B 171 -17.80 -6.26 -10.76
N THR B 172 -17.27 -6.93 -11.77
CA THR B 172 -17.30 -8.39 -11.84
C THR B 172 -16.52 -9.00 -10.68
N ALA B 173 -16.98 -10.17 -10.23
CA ALA B 173 -16.19 -10.98 -9.30
C ALA B 173 -15.22 -11.87 -10.03
N GLY B 174 -15.22 -11.82 -11.37
CA GLY B 174 -14.50 -12.78 -12.17
C GLY B 174 -15.26 -14.11 -12.29
N GLY B 175 -14.58 -15.07 -12.89
CA GLY B 175 -15.15 -16.39 -13.10
C GLY B 175 -14.13 -17.35 -13.67
N SER B 176 -14.47 -18.63 -13.74
N SER B 176 -14.44 -18.64 -13.69
CA SER B 176 -15.79 -19.16 -13.38
CA SER B 176 -15.73 -19.20 -13.36
C SER B 176 -16.04 -19.44 -11.89
C SER B 176 -16.05 -19.27 -11.87
N SER B 177 -15.02 -19.32 -11.03
CA SER B 177 -15.23 -19.49 -9.57
C SER B 177 -15.47 -18.15 -8.88
N GLY B 178 -16.32 -17.31 -9.45
CA GLY B 178 -16.52 -15.96 -8.93
C GLY B 178 -17.31 -15.95 -7.65
N GLY B 179 -18.26 -16.88 -7.51
CA GLY B 179 -19.02 -17.00 -6.26
C GLY B 179 -18.11 -17.34 -5.08
N ASP B 180 -17.21 -18.30 -5.29
CA ASP B 180 -16.31 -18.71 -4.20
C ASP B 180 -15.37 -17.60 -3.82
N ALA B 181 -14.77 -16.95 -4.81
CA ALA B 181 -13.88 -15.84 -4.53
C ALA B 181 -14.61 -14.71 -3.78
N ALA B 182 -15.82 -14.40 -4.20
CA ALA B 182 -16.62 -13.37 -3.55
C ALA B 182 -16.99 -13.76 -2.12
N ASN B 183 -17.39 -15.03 -1.92
CA ASN B 183 -17.69 -15.52 -0.56
C ASN B 183 -16.50 -15.37 0.37
N VAL B 184 -15.32 -15.74 -0.11
CA VAL B 184 -14.11 -15.62 0.70
C VAL B 184 -13.75 -14.13 0.97
N ALA B 185 -13.83 -13.30 -0.07
CA ALA B 185 -13.48 -11.87 0.08
C ALA B 185 -14.45 -11.14 1.00
N ALA B 186 -15.72 -11.56 1.02
CA ALA B 186 -16.76 -10.93 1.86
C ALA B 186 -16.83 -11.45 3.29
N GLY B 187 -16.02 -12.46 3.61
CA GLY B 187 -16.11 -13.12 4.91
C GLY B 187 -17.36 -13.95 5.11
N PHE B 188 -17.95 -14.45 4.02
CA PHE B 188 -19.09 -15.38 4.11
C PHE B 188 -18.62 -16.81 4.42
N ALA B 189 -17.37 -17.11 4.05
CA ALA B 189 -16.72 -18.38 4.38
C ALA B 189 -15.23 -18.18 4.46
N THR B 190 -14.53 -19.14 5.04
CA THR B 190 -13.10 -19.01 5.29
C THR B 190 -12.29 -19.47 4.07
N ILE B 191 -12.71 -20.56 3.46
CA ILE B 191 -12.02 -21.15 2.34
C ILE B 191 -13.08 -21.54 1.30
N GLY B 192 -12.72 -21.38 0.03
CA GLY B 192 -13.59 -21.74 -1.10
C GLY B 192 -12.92 -22.77 -1.98
N LEU B 193 -13.71 -23.46 -2.79
CA LEU B 193 -13.20 -24.51 -3.69
C LEU B 193 -13.64 -24.21 -5.11
N GLY B 194 -12.65 -24.08 -6.00
CA GLY B 194 -12.89 -23.84 -7.42
C GLY B 194 -12.12 -24.75 -8.35
N GLY B 195 -12.24 -24.47 -9.63
CA GLY B 195 -11.51 -25.18 -10.68
C GLY B 195 -10.94 -24.18 -11.65
N ASP B 196 -9.92 -24.56 -12.40
CA ASP B 196 -9.19 -23.61 -13.26
C ASP B 196 -8.73 -24.31 -14.53
N LEU B 197 -9.47 -24.04 -15.63
CA LEU B 197 -9.18 -24.52 -17.00
C LEU B 197 -8.70 -23.37 -17.93
N GLY B 198 -9.10 -22.15 -17.61
CA GLY B 198 -8.68 -20.96 -18.31
C GLY B 198 -8.61 -19.77 -17.37
N GLY B 199 -8.26 -20.01 -16.09
CA GLY B 199 -8.20 -18.95 -15.10
C GLY B 199 -9.30 -18.94 -14.08
N SER B 200 -10.14 -19.99 -14.06
CA SER B 200 -11.31 -19.98 -13.16
C SER B 200 -11.06 -19.88 -11.67
N ILE B 201 -9.86 -20.17 -11.19
CA ILE B 201 -9.47 -19.91 -9.80
C ILE B 201 -8.72 -18.57 -9.71
N ARG B 202 -7.70 -18.40 -10.54
CA ARG B 202 -6.78 -17.28 -10.41
C ARG B 202 -7.42 -15.92 -10.72
N VAL B 203 -8.24 -15.87 -11.75
CA VAL B 203 -8.87 -14.63 -12.19
C VAL B 203 -9.81 -14.09 -11.11
N PRO B 204 -10.79 -14.89 -10.63
CA PRO B 204 -11.68 -14.33 -9.60
C PRO B 204 -11.00 -14.09 -8.26
N ALA B 205 -10.06 -14.96 -7.87
CA ALA B 205 -9.31 -14.73 -6.63
C ALA B 205 -8.60 -13.37 -6.64
N SER B 206 -7.85 -13.09 -7.70
CA SER B 206 -7.13 -11.81 -7.80
C SER B 206 -8.10 -10.65 -7.91
N TRP B 207 -9.15 -10.79 -8.71
CA TRP B 207 -10.10 -9.67 -8.83
C TRP B 207 -10.86 -9.39 -7.54
N CYS B 208 -11.02 -10.40 -6.70
CA CYS B 208 -11.65 -10.22 -5.40
C CYS B 208 -10.64 -9.96 -4.26
N GLY B 209 -9.37 -9.81 -4.60
CA GLY B 209 -8.34 -9.53 -3.62
C GLY B 209 -8.10 -10.61 -2.57
N VAL B 210 -8.08 -11.87 -3.02
CA VAL B 210 -7.77 -13.00 -2.17
C VAL B 210 -6.77 -13.91 -2.87
N TYR B 211 -6.32 -14.96 -2.19
CA TYR B 211 -5.43 -15.94 -2.77
C TYR B 211 -6.22 -17.02 -3.49
N GLY B 212 -5.72 -17.45 -4.65
CA GLY B 212 -6.31 -18.59 -5.37
C GLY B 212 -5.24 -19.51 -5.89
N PHE B 213 -5.28 -20.77 -5.49
CA PHE B 213 -4.25 -21.72 -5.89
C PHE B 213 -4.75 -22.76 -6.88
N ARG B 214 -4.27 -22.67 -8.12
CA ARG B 214 -4.52 -23.70 -9.12
C ARG B 214 -3.46 -24.78 -8.90
N THR B 215 -3.90 -25.96 -8.48
CA THR B 215 -2.94 -27.03 -8.21
C THR B 215 -2.48 -27.57 -9.55
N GLY B 216 -1.55 -28.52 -9.52
CA GLY B 216 -1.00 -29.08 -10.74
C GLY B 216 -1.42 -30.52 -10.99
N PRO B 217 -1.05 -31.05 -12.15
CA PRO B 217 -1.43 -32.41 -12.50
C PRO B 217 -1.13 -33.43 -11.42
N GLY B 218 -2.10 -34.31 -11.17
CA GLY B 218 -1.90 -35.46 -10.32
C GLY B 218 -2.34 -35.36 -8.87
N ARG B 219 -2.44 -34.12 -8.35
CA ARG B 219 -2.56 -33.90 -6.94
C ARG B 219 -3.95 -34.12 -6.43
N ILE B 220 -4.93 -33.37 -6.96
CA ILE B 220 -6.29 -33.45 -6.47
C ILE B 220 -7.15 -34.17 -7.50
N PRO B 221 -7.82 -35.26 -7.10
CA PRO B 221 -8.64 -36.00 -8.07
C PRO B 221 -9.96 -35.28 -8.31
N ASP B 222 -10.42 -35.35 -9.56
CA ASP B 222 -11.73 -34.85 -9.97
C ASP B 222 -12.66 -36.05 -10.18
N VAL B 223 -13.45 -36.38 -9.15
CA VAL B 223 -14.31 -37.56 -9.18
C VAL B 223 -15.70 -37.18 -8.70
N ASN B 224 -16.69 -37.40 -9.57
CA ASN B 224 -18.08 -37.18 -9.24
C ASN B 224 -18.83 -38.52 -9.23
N PRO B 225 -19.10 -39.05 -8.02
CA PRO B 225 -19.73 -40.38 -7.93
C PRO B 225 -21.19 -40.37 -8.36
N ASN B 226 -21.79 -39.18 -8.45
CA ASN B 226 -23.17 -39.04 -8.86
C ASN B 226 -23.35 -39.16 -10.38
N GLY B 227 -22.25 -39.04 -11.14
CA GLY B 227 -22.26 -39.12 -12.58
C GLY B 227 -22.11 -37.73 -13.18
N GLY B 228 -20.88 -37.38 -13.48
CA GLY B 228 -20.60 -36.19 -14.31
C GLY B 228 -20.60 -36.54 -15.80
N ARG B 229 -20.62 -35.48 -16.60
CA ARG B 229 -20.34 -35.53 -18.05
C ARG B 229 -18.90 -35.99 -18.35
N SER B 230 -18.73 -36.84 -19.37
CA SER B 230 -17.40 -37.15 -19.91
C SER B 230 -16.81 -35.91 -20.59
N ARG B 231 -15.50 -35.74 -20.48
CA ARG B 231 -14.81 -34.64 -21.14
C ARG B 231 -13.62 -35.11 -21.95
N ASN B 232 -13.40 -34.46 -23.09
CA ASN B 232 -12.19 -34.62 -23.89
C ASN B 232 -10.94 -34.56 -23.00
N VAL B 233 -10.07 -35.58 -23.11
CA VAL B 233 -8.81 -35.59 -22.34
C VAL B 233 -7.99 -34.32 -22.54
N VAL B 234 -8.05 -33.76 -23.74
CA VAL B 234 -7.34 -32.52 -24.04
C VAL B 234 -7.77 -31.40 -23.06
N MET B 235 -9.06 -31.29 -22.79
CA MET B 235 -9.58 -30.32 -21.82
C MET B 235 -9.24 -30.73 -20.38
N GLU B 236 -9.34 -32.03 -20.08
CA GLU B 236 -8.96 -32.52 -18.75
C GLU B 236 -7.50 -32.26 -18.38
N LEU B 237 -6.60 -32.37 -19.36
CA LEU B 237 -5.19 -32.07 -19.16
C LEU B 237 -4.90 -30.63 -18.75
N MET B 238 -5.83 -29.72 -19.05
CA MET B 238 -5.65 -28.30 -18.74
C MET B 238 -6.39 -27.84 -17.52
N ALA B 239 -7.14 -28.72 -16.88
CA ALA B 239 -8.02 -28.32 -15.75
C ALA B 239 -7.56 -28.91 -14.41
N GLN B 240 -7.57 -28.09 -13.35
CA GLN B 240 -7.26 -28.57 -12.01
C GLN B 240 -8.12 -27.89 -10.97
N ILE B 241 -8.29 -28.56 -9.84
CA ILE B 241 -9.07 -28.10 -8.72
C ILE B 241 -8.17 -27.34 -7.76
N GLY B 242 -8.73 -26.41 -6.99
CA GLY B 242 -7.93 -25.73 -5.99
C GLY B 242 -8.66 -24.80 -5.05
N PRO B 243 -8.01 -24.43 -3.94
CA PRO B 243 -8.65 -23.60 -2.93
C PRO B 243 -8.49 -22.10 -3.17
N ILE B 244 -9.41 -21.36 -2.54
CA ILE B 244 -9.42 -19.91 -2.49
C ILE B 244 -9.49 -19.55 -1.01
N ALA B 245 -8.63 -18.65 -0.55
CA ALA B 245 -8.51 -18.36 0.87
C ALA B 245 -7.87 -17.00 1.09
N ARG B 246 -7.81 -16.59 2.34
CA ARG B 246 -7.27 -15.27 2.73
C ARG B 246 -5.85 -15.32 3.31
N SER B 247 -5.23 -16.50 3.34
CA SER B 247 -3.83 -16.66 3.81
C SER B 247 -3.21 -17.88 3.16
N ILE B 248 -1.87 -17.90 3.13
CA ILE B 248 -1.15 -19.05 2.55
C ILE B 248 -1.33 -20.32 3.38
N ASP B 249 -1.33 -20.18 4.70
CA ASP B 249 -1.59 -21.33 5.57
C ASP B 249 -2.92 -22.03 5.24
N ASP B 250 -3.95 -21.23 4.97
CA ASP B 250 -5.28 -21.78 4.60
C ASP B 250 -5.29 -22.41 3.21
N ILE B 251 -4.62 -21.78 2.26
CA ILE B 251 -4.38 -22.40 0.95
C ILE B 251 -3.69 -23.77 1.12
N GLU B 252 -2.59 -23.79 1.85
CA GLU B 252 -1.82 -25.04 2.00
C GLU B 252 -2.60 -26.13 2.74
N LEU B 253 -3.36 -25.72 3.77
CA LEU B 253 -4.18 -26.65 4.55
C LEU B 253 -5.20 -27.35 3.67
N ALA B 254 -5.99 -26.57 2.92
CA ALA B 254 -7.00 -27.14 2.04
C ALA B 254 -6.38 -28.00 0.93
N PHE B 255 -5.27 -27.52 0.36
CA PHE B 255 -4.55 -28.24 -0.68
C PHE B 255 -4.09 -29.62 -0.19
N ARG B 256 -3.47 -29.66 0.98
CA ARG B 256 -2.95 -30.93 1.51
C ARG B 256 -4.05 -31.92 1.83
N ILE B 257 -5.16 -31.42 2.37
CA ILE B 257 -6.31 -32.26 2.70
C ILE B 257 -6.91 -32.89 1.43
N MET B 258 -6.99 -32.12 0.35
CA MET B 258 -7.60 -32.61 -0.89
C MET B 258 -6.68 -33.52 -1.74
N THR B 259 -5.38 -33.45 -1.52
CA THR B 259 -4.39 -34.18 -2.31
C THR B 259 -4.40 -35.65 -1.90
N GLY B 260 -4.34 -36.52 -2.92
CA GLY B 260 -4.30 -37.97 -2.71
C GLY B 260 -4.92 -38.66 -3.89
N VAL B 261 -4.37 -39.81 -4.23
CA VAL B 261 -4.90 -40.55 -5.37
C VAL B 261 -6.35 -40.98 -5.17
N ASP B 262 -7.12 -40.92 -6.26
CA ASP B 262 -8.37 -41.65 -6.37
C ASP B 262 -8.40 -42.14 -7.80
N ARG B 263 -8.22 -43.45 -7.97
CA ARG B 263 -8.03 -44.02 -9.29
C ARG B 263 -9.24 -43.93 -10.23
N ARG B 264 -10.41 -43.53 -9.72
CA ARG B 264 -11.55 -43.22 -10.59
C ARG B 264 -11.27 -42.02 -11.48
N ASP B 265 -10.35 -41.15 -11.06
CA ASP B 265 -9.80 -40.11 -11.92
C ASP B 265 -8.46 -40.60 -12.43
N THR B 266 -8.41 -40.95 -13.72
CA THR B 266 -7.19 -41.50 -14.30
C THR B 266 -6.02 -40.52 -14.41
N MET B 267 -6.29 -39.23 -14.21
CA MET B 267 -5.27 -38.21 -14.18
C MET B 267 -4.66 -38.07 -12.78
N SER B 268 -5.33 -38.63 -11.76
CA SER B 268 -4.85 -38.62 -10.38
C SER B 268 -3.58 -39.47 -10.26
N SER B 269 -2.66 -39.05 -9.39
CA SER B 269 -1.45 -39.84 -9.12
C SER B 269 -1.21 -40.02 -7.62
N PRO B 270 -0.67 -41.19 -7.21
CA PRO B 270 -0.25 -41.33 -5.82
C PRO B 270 1.05 -40.61 -5.45
N LEU B 271 1.70 -39.97 -6.42
CA LEU B 271 2.92 -39.22 -6.12
C LEU B 271 2.68 -38.24 -4.97
N GLY B 272 3.56 -38.27 -3.98
CA GLY B 272 3.45 -37.38 -2.84
C GLY B 272 3.89 -35.97 -3.18
N LEU B 273 3.77 -35.08 -2.20
CA LEU B 273 4.27 -33.73 -2.35
C LEU B 273 5.80 -33.73 -2.26
N ILE B 274 6.41 -32.78 -2.94
CA ILE B 274 7.86 -32.67 -3.07
C ILE B 274 8.31 -31.42 -2.34
N GLU B 275 9.36 -31.53 -1.52
CA GLU B 275 9.74 -30.43 -0.66
C GLU B 275 10.20 -29.24 -1.51
N PRO B 276 9.99 -28.01 -1.02
CA PRO B 276 10.37 -26.82 -1.80
C PRO B 276 11.85 -26.85 -2.21
N ILE B 277 12.13 -26.39 -3.41
CA ILE B 277 13.50 -26.27 -3.87
C ILE B 277 14.19 -25.16 -3.12
N GLU B 278 15.45 -25.39 -2.79
CA GLU B 278 16.32 -24.40 -2.16
C GLU B 278 16.75 -23.46 -3.29
N ALA B 279 16.49 -22.17 -3.12
CA ALA B 279 16.98 -21.12 -4.04
C ALA B 279 16.53 -21.28 -5.51
N PRO B 280 15.20 -21.33 -5.75
CA PRO B 280 14.75 -21.34 -7.12
C PRO B 280 14.96 -19.97 -7.75
N ARG B 281 15.31 -19.95 -9.03
CA ARG B 281 15.42 -18.70 -9.75
C ARG B 281 14.06 -18.35 -10.36
N VAL B 282 13.73 -17.08 -10.35
CA VAL B 282 12.41 -16.59 -10.80
C VAL B 282 12.56 -15.84 -12.12
N ALA B 283 11.83 -16.25 -13.15
CA ALA B 283 11.74 -15.50 -14.40
C ALA B 283 10.48 -14.66 -14.41
N VAL B 284 10.60 -13.40 -14.79
CA VAL B 284 9.44 -12.50 -14.89
C VAL B 284 8.86 -12.57 -16.29
N LEU B 285 7.58 -12.89 -16.37
CA LEU B 285 6.79 -12.77 -17.59
C LEU B 285 6.03 -11.47 -17.48
N ARG B 286 6.29 -10.56 -18.41
CA ARG B 286 5.58 -9.29 -18.51
C ARG B 286 4.83 -9.25 -19.85
N HIS B 287 5.54 -9.04 -20.96
CA HIS B 287 4.92 -8.91 -22.28
C HIS B 287 5.17 -10.09 -23.22
N GLU B 288 5.85 -11.14 -22.73
CA GLU B 288 6.29 -12.22 -23.61
C GLU B 288 5.17 -13.14 -24.13
N THR B 289 3.96 -13.08 -23.55
CA THR B 289 2.79 -13.76 -24.18
C THR B 289 1.90 -12.77 -24.95
N GLY B 290 2.38 -11.54 -25.12
CA GLY B 290 1.66 -10.51 -25.89
C GLY B 290 0.59 -9.76 -25.13
N ALA B 291 0.61 -9.87 -23.79
CA ALA B 291 -0.41 -9.25 -22.96
C ALA B 291 -0.34 -7.72 -23.00
N VAL B 292 -1.52 -7.12 -22.94
CA VAL B 292 -1.67 -5.69 -22.82
C VAL B 292 -2.01 -5.39 -21.38
N LEU B 293 -1.09 -4.70 -20.68
CA LEU B 293 -1.18 -4.53 -19.23
C LEU B 293 -1.46 -3.08 -18.86
N ASP B 294 -2.38 -2.87 -17.93
CA ASP B 294 -2.56 -1.55 -17.31
C ASP B 294 -1.32 -1.18 -16.52
N SER B 295 -1.11 0.13 -16.34
CA SER B 295 0.01 0.60 -15.56
C SER B 295 -0.04 0.11 -14.12
N SER B 296 -1.24 0.06 -13.54
CA SER B 296 -1.40 -0.43 -12.16
C SER B 296 -0.92 -1.88 -12.00
N VAL B 297 -1.10 -2.69 -13.04
CA VAL B 297 -0.68 -4.09 -13.05
C VAL B 297 0.84 -4.21 -13.16
N GLU B 298 1.43 -3.41 -14.04
CA GLU B 298 2.88 -3.35 -14.17
C GLU B 298 3.53 -2.90 -12.88
N GLU B 299 2.91 -1.94 -12.19
CA GLU B 299 3.36 -1.51 -10.86
C GLU B 299 3.28 -2.62 -9.81
N GLN B 300 2.20 -3.40 -9.83
CA GLN B 300 2.08 -4.54 -8.90
C GLN B 300 3.12 -5.62 -9.20
N LEU B 301 3.41 -5.83 -10.48
CA LEU B 301 4.42 -6.79 -10.88
C LEU B 301 5.79 -6.32 -10.36
N ASP B 302 6.07 -5.03 -10.54
CA ASP B 302 7.34 -4.43 -10.05
C ASP B 302 7.47 -4.54 -8.52
N ALA B 303 6.39 -4.21 -7.82
CA ALA B 303 6.35 -4.34 -6.36
C ALA B 303 6.61 -5.76 -5.89
N THR B 304 6.03 -6.74 -6.61
CA THR B 304 6.20 -8.17 -6.25
C THR B 304 7.63 -8.63 -6.51
N ILE B 305 8.23 -8.16 -7.61
CA ILE B 305 9.64 -8.43 -7.87
C ILE B 305 10.48 -7.97 -6.67
N GLU B 306 10.19 -6.78 -6.16
CA GLU B 306 10.96 -6.19 -5.06
C GLU B 306 10.76 -6.93 -3.75
N MET B 307 9.52 -7.35 -3.49
CA MET B 307 9.23 -8.15 -2.31
C MET B 307 9.99 -9.47 -2.31
N LEU B 308 10.00 -10.16 -3.45
CA LEU B 308 10.72 -11.43 -3.59
C LEU B 308 12.24 -11.24 -3.50
N ARG B 309 12.76 -10.20 -4.12
CA ARG B 309 14.20 -9.90 -3.98
C ARG B 309 14.60 -9.61 -2.53
N ALA B 310 13.77 -8.83 -1.83
CA ALA B 310 13.96 -8.54 -0.41
C ALA B 310 13.96 -9.82 0.46
N GLU B 311 13.22 -10.84 0.01
CA GLU B 311 13.20 -12.15 0.69
C GLU B 311 14.26 -13.16 0.22
N GLY B 312 15.21 -12.72 -0.61
CA GLY B 312 16.36 -13.53 -1.02
C GLY B 312 16.29 -14.23 -2.36
N TYR B 313 15.21 -14.02 -3.14
CA TYR B 313 15.08 -14.67 -4.43
C TYR B 313 15.87 -13.94 -5.50
N VAL B 314 16.50 -14.71 -6.37
CA VAL B 314 17.05 -14.18 -7.61
C VAL B 314 15.89 -14.09 -8.60
N VAL B 315 15.62 -12.87 -9.07
CA VAL B 315 14.49 -12.59 -9.98
C VAL B 315 15.06 -11.89 -11.21
N GLU B 316 14.78 -12.44 -12.38
CA GLU B 316 15.36 -11.93 -13.62
C GLU B 316 14.26 -11.56 -14.63
N GLU B 317 14.41 -10.37 -15.22
CA GLU B 317 13.56 -9.91 -16.28
C GLU B 317 14.19 -10.19 -17.64
N ASN B 318 13.35 -10.25 -18.67
CA ASN B 318 13.79 -10.38 -20.06
C ASN B 318 14.62 -11.63 -20.32
N VAL B 319 14.19 -12.74 -19.76
CA VAL B 319 14.89 -14.03 -19.94
C VAL B 319 14.07 -15.05 -20.73
N LEU B 320 12.78 -14.78 -20.92
CA LEU B 320 11.88 -15.73 -21.56
C LEU B 320 11.79 -15.44 -23.06
N PRO B 321 11.59 -16.50 -23.87
CA PRO B 321 11.41 -16.33 -25.30
C PRO B 321 10.02 -15.81 -25.66
N ASP B 322 9.80 -15.59 -26.95
CA ASP B 322 8.51 -15.11 -27.44
C ASP B 322 7.47 -16.23 -27.28
N LEU B 323 6.52 -16.04 -26.37
CA LEU B 323 5.51 -17.08 -26.06
C LEU B 323 4.09 -16.63 -26.42
N HIS B 324 3.96 -15.74 -27.40
CA HIS B 324 2.65 -15.18 -27.74
C HIS B 324 1.72 -16.24 -28.34
N ARG B 325 2.30 -17.30 -28.91
CA ARG B 325 1.50 -18.41 -29.39
C ARG B 325 0.80 -19.18 -28.25
N ALA B 326 1.35 -19.15 -27.04
CA ALA B 326 0.83 -19.99 -25.95
C ALA B 326 -0.64 -19.70 -25.62
N PRO B 327 -1.01 -18.46 -25.27
CA PRO B 327 -2.45 -18.22 -25.08
C PRO B 327 -3.29 -18.45 -26.34
N GLU B 328 -2.70 -18.18 -27.51
CA GLU B 328 -3.39 -18.39 -28.78
C GLU B 328 -3.74 -19.85 -29.03
N VAL B 329 -2.78 -20.75 -28.76
CA VAL B 329 -3.00 -22.18 -28.93
C VAL B 329 -4.07 -22.69 -27.95
N TRP B 330 -4.06 -22.19 -26.71
CA TRP B 330 -5.15 -22.48 -25.78
C TRP B 330 -6.52 -22.08 -26.38
N ALA B 331 -6.62 -20.87 -26.90
CA ALA B 331 -7.89 -20.38 -27.46
C ALA B 331 -8.33 -21.18 -28.68
N GLU B 332 -7.37 -21.61 -29.50
CA GLU B 332 -7.65 -22.42 -30.67
C GLU B 332 -8.24 -23.76 -30.27
N ILE B 333 -7.60 -24.42 -29.31
CA ILE B 333 -8.01 -25.75 -28.89
C ILE B 333 -9.35 -25.71 -28.16
N VAL B 334 -9.45 -24.81 -27.17
CA VAL B 334 -10.67 -24.63 -26.42
C VAL B 334 -11.80 -24.12 -27.32
N GLY B 335 -11.53 -23.06 -28.06
CA GLY B 335 -12.51 -22.45 -28.94
C GLY B 335 -13.07 -23.40 -29.98
N THR B 336 -12.20 -24.22 -30.59
CA THR B 336 -12.67 -25.17 -31.58
C THR B 336 -13.67 -26.16 -30.97
N GLU B 337 -13.37 -26.66 -29.78
CA GLU B 337 -14.29 -27.53 -29.07
C GLU B 337 -15.62 -26.82 -28.69
N LEU B 338 -15.53 -25.59 -28.18
CA LEU B 338 -16.73 -24.87 -27.78
C LEU B 338 -17.65 -24.61 -28.97
N ILE B 339 -17.08 -24.28 -30.12
CA ILE B 339 -17.86 -23.88 -31.30
C ILE B 339 -18.41 -25.10 -32.04
N HIS B 340 -17.61 -26.16 -32.13
CA HIS B 340 -17.96 -27.34 -32.94
C HIS B 340 -18.54 -28.51 -32.18
N ARG B 341 -18.56 -28.42 -30.86
CA ARG B 341 -19.09 -29.52 -30.06
C ARG B 341 -20.03 -29.05 -28.97
N VAL B 342 -19.58 -28.13 -28.13
CA VAL B 342 -20.33 -27.73 -26.94
C VAL B 342 -21.56 -26.88 -27.28
N LEU B 343 -21.34 -25.82 -28.04
CA LEU B 343 -22.43 -24.91 -28.39
C LEU B 343 -23.57 -25.51 -29.20
N PRO B 344 -23.26 -26.37 -30.19
CA PRO B 344 -24.35 -27.11 -30.85
C PRO B 344 -25.28 -27.88 -29.88
N GLU B 345 -24.77 -28.33 -28.74
CA GLU B 345 -25.55 -29.10 -27.76
C GLU B 345 -26.34 -28.27 -26.76
N VAL B 346 -25.80 -27.14 -26.32
CA VAL B 346 -26.35 -26.40 -25.17
C VAL B 346 -26.83 -24.99 -25.47
N ALA B 347 -26.74 -24.56 -26.73
CA ALA B 347 -27.01 -23.16 -27.09
C ALA B 347 -28.34 -22.65 -26.55
N GLU B 348 -29.38 -23.47 -26.61
CA GLU B 348 -30.71 -23.05 -26.18
C GLU B 348 -30.92 -23.09 -24.66
N LEU B 349 -29.98 -23.71 -23.93
CA LEU B 349 -30.07 -23.83 -22.46
C LEU B 349 -29.33 -22.74 -21.68
N VAL B 350 -28.44 -22.00 -22.34
CA VAL B 350 -27.59 -20.99 -21.69
C VAL B 350 -28.13 -19.59 -21.98
N ILE B 351 -27.82 -18.65 -21.08
CA ILE B 351 -28.15 -17.24 -21.30
C ILE B 351 -27.40 -16.73 -22.54
N ALA B 352 -28.01 -15.78 -23.25
CA ALA B 352 -27.48 -15.33 -24.53
C ALA B 352 -26.08 -14.70 -24.42
N SER B 353 -25.81 -14.03 -23.31
CA SER B 353 -24.50 -13.43 -23.07
C SER B 353 -23.38 -14.48 -22.96
N GLU B 354 -23.72 -15.69 -22.49
CA GLU B 354 -22.77 -16.80 -22.46
C GLU B 354 -22.49 -17.29 -23.88
N ARG B 355 -23.56 -17.59 -24.62
CA ARG B 355 -23.44 -18.00 -26.01
C ARG B 355 -22.61 -16.99 -26.79
N MET B 356 -22.97 -15.73 -26.67
CA MET B 356 -22.30 -14.68 -27.44
C MET B 356 -20.90 -14.37 -26.96
N HIS B 357 -20.59 -14.57 -25.68
CA HIS B 357 -19.17 -14.53 -25.26
C HIS B 357 -18.33 -15.57 -26.03
N ILE B 358 -18.83 -16.79 -26.11
CA ILE B 358 -18.15 -17.85 -26.84
C ILE B 358 -17.99 -17.49 -28.32
N VAL B 359 -19.06 -17.02 -28.94
CA VAL B 359 -19.01 -16.66 -30.36
C VAL B 359 -18.11 -15.45 -30.59
N ASP B 360 -18.30 -14.42 -29.78
CA ASP B 360 -17.57 -13.16 -29.98
C ASP B 360 -16.07 -13.35 -29.72
N MET B 361 -15.71 -14.10 -28.69
CA MET B 361 -14.28 -14.22 -28.32
C MET B 361 -13.66 -15.47 -28.93
N PHE B 362 -14.16 -16.64 -28.59
CA PHE B 362 -13.56 -17.88 -29.10
C PHE B 362 -13.75 -18.04 -30.60
N GLY B 363 -14.78 -17.41 -31.16
CA GLY B 363 -14.94 -17.37 -32.61
C GLY B 363 -13.78 -16.70 -33.35
N ALA B 364 -13.05 -15.81 -32.68
CA ALA B 364 -11.87 -15.17 -33.24
C ALA B 364 -10.67 -16.13 -33.42
N TYR B 365 -10.64 -17.19 -32.62
CA TYR B 365 -9.47 -18.09 -32.54
C TYR B 365 -9.74 -19.51 -33.00
N GLU B 366 -11.01 -19.93 -33.05
CA GLU B 366 -11.34 -21.32 -33.40
C GLU B 366 -10.81 -21.66 -34.80
N LEU B 367 -10.48 -22.93 -34.99
CA LEU B 367 -9.70 -23.37 -36.13
C LEU B 367 -10.53 -23.74 -37.37
N GLY B 368 -11.85 -23.68 -37.23
CA GLY B 368 -12.77 -24.15 -38.25
C GLY B 368 -12.99 -25.67 -38.14
N ALA B 369 -13.61 -26.22 -39.19
CA ALA B 369 -14.12 -27.59 -39.16
C ALA B 369 -13.11 -28.67 -39.47
N ASP B 370 -11.97 -28.33 -40.05
CA ASP B 370 -10.98 -29.33 -40.48
C ASP B 370 -10.23 -29.96 -39.30
N VAL B 371 -10.36 -31.27 -39.15
CA VAL B 371 -9.69 -32.01 -38.06
C VAL B 371 -8.18 -31.84 -38.10
N GLY B 372 -7.61 -31.78 -39.32
CA GLY B 372 -6.20 -31.53 -39.55
C GLY B 372 -5.68 -30.30 -38.82
N ALA B 373 -6.45 -29.22 -38.84
CA ALA B 373 -6.08 -28.00 -38.15
C ALA B 373 -6.01 -28.21 -36.61
N TYR B 374 -6.96 -28.96 -36.08
CA TYR B 374 -6.99 -29.30 -34.65
C TYR B 374 -5.78 -30.18 -34.26
N LEU B 375 -5.50 -31.19 -35.07
CA LEU B 375 -4.31 -32.03 -34.84
C LEU B 375 -3.02 -31.22 -34.82
N THR B 376 -2.91 -30.25 -35.74
CA THR B 376 -1.74 -29.38 -35.80
C THR B 376 -1.59 -28.54 -34.54
N ALA B 377 -2.71 -27.98 -34.07
CA ALA B 377 -2.69 -27.21 -32.83
C ALA B 377 -2.22 -28.08 -31.66
N LEU B 378 -2.71 -29.32 -31.59
CA LEU B 378 -2.26 -30.24 -30.53
C LEU B 378 -0.75 -30.50 -30.57
N GLU B 379 -0.20 -30.67 -31.76
CA GLU B 379 1.25 -30.78 -31.91
C GLU B 379 1.97 -29.53 -31.42
N GLU B 380 1.45 -28.35 -31.75
CA GLU B 380 2.08 -27.11 -31.28
C GLU B 380 2.03 -26.98 -29.74
N ARG B 381 0.94 -27.46 -29.14
CA ARG B 381 0.82 -27.47 -27.68
C ARG B 381 2.01 -28.22 -27.05
N SER B 382 2.24 -29.44 -27.57
CA SER B 382 3.36 -30.27 -27.09
C SER B 382 4.72 -29.57 -27.23
N SER B 383 4.91 -28.88 -28.35
CA SER B 383 6.15 -28.16 -28.61
C SER B 383 6.39 -27.06 -27.59
N ILE B 384 5.35 -26.23 -27.39
CA ILE B 384 5.46 -25.13 -26.42
C ILE B 384 5.72 -25.70 -25.02
N GLN B 385 5.02 -26.78 -24.67
CA GLN B 385 5.17 -27.42 -23.36
C GLN B 385 6.62 -27.87 -23.10
N MET B 386 7.22 -28.50 -24.11
CA MET B 386 8.62 -28.95 -24.00
C MET B 386 9.62 -27.77 -23.92
N THR B 387 9.39 -26.71 -24.70
CA THR B 387 10.19 -25.50 -24.62
C THR B 387 10.17 -24.88 -23.23
N VAL B 388 8.96 -24.75 -22.67
CA VAL B 388 8.80 -24.14 -21.34
C VAL B 388 9.37 -25.06 -20.23
N ALA B 389 9.11 -26.36 -20.33
CA ALA B 389 9.66 -27.31 -19.37
C ALA B 389 11.21 -27.22 -19.31
N ALA B 390 11.83 -27.13 -20.49
CA ALA B 390 13.29 -26.95 -20.59
C ALA B 390 13.81 -25.69 -19.88
N LEU B 391 13.19 -24.55 -20.13
CA LEU B 391 13.64 -23.33 -19.50
C LEU B 391 13.32 -23.27 -18.01
N MET B 392 12.25 -23.94 -17.59
CA MET B 392 11.92 -23.98 -16.17
C MET B 392 12.83 -24.89 -15.34
N GLU B 393 13.69 -25.66 -15.99
CA GLU B 393 14.82 -26.29 -15.28
C GLU B 393 15.79 -25.26 -14.70
N ARG B 394 15.90 -24.12 -15.37
CA ARG B 394 16.69 -22.99 -14.87
C ARG B 394 15.84 -22.01 -14.06
N TYR B 395 14.67 -21.65 -14.59
CA TYR B 395 13.75 -20.73 -13.91
C TYR B 395 12.58 -21.54 -13.39
N GLN B 396 12.72 -22.01 -12.16
CA GLN B 396 11.73 -22.95 -11.59
C GLN B 396 10.44 -22.25 -11.18
N LEU B 397 10.46 -20.94 -11.11
CA LEU B 397 9.25 -20.14 -10.90
C LEU B 397 9.15 -19.06 -11.96
N ILE B 398 7.93 -18.84 -12.46
CA ILE B 398 7.63 -17.69 -13.30
C ILE B 398 6.67 -16.75 -12.54
N LEU B 399 7.06 -15.49 -12.44
CA LEU B 399 6.23 -14.46 -11.85
C LEU B 399 5.57 -13.68 -12.99
N ALA B 400 4.25 -13.54 -12.93
CA ALA B 400 3.49 -13.00 -14.06
C ALA B 400 2.26 -12.31 -13.57
N PRO B 401 1.76 -11.32 -14.34
CA PRO B 401 0.42 -10.84 -14.03
C PRO B 401 -0.60 -12.01 -14.18
N VAL B 402 -1.75 -11.83 -13.54
CA VAL B 402 -2.93 -12.64 -13.88
C VAL B 402 -3.62 -11.86 -14.98
N ALA B 403 -4.62 -11.06 -14.65
CA ALA B 403 -5.32 -10.22 -15.62
C ALA B 403 -4.50 -8.96 -15.91
N GLY B 404 -4.75 -8.37 -17.06
CA GLY B 404 -4.10 -7.14 -17.51
C GLY B 404 -4.69 -5.87 -16.96
N MET B 405 -5.74 -6.01 -16.15
CA MET B 405 -6.46 -4.87 -15.61
C MET B 405 -7.04 -5.31 -14.28
N PRO B 406 -7.30 -4.35 -13.36
CA PRO B 406 -8.02 -4.70 -12.14
C PRO B 406 -9.47 -5.04 -12.49
N ALA B 407 -10.23 -5.52 -11.50
CA ALA B 407 -11.60 -6.00 -11.72
C ALA B 407 -12.42 -5.01 -12.55
N PRO B 408 -12.84 -5.43 -13.76
CA PRO B 408 -13.60 -4.54 -14.64
C PRO B 408 -15.09 -4.41 -14.28
N PRO B 409 -15.82 -3.46 -14.95
CA PRO B 409 -17.27 -3.37 -14.72
C PRO B 409 -18.00 -4.69 -14.97
N LEU B 410 -19.12 -4.89 -14.29
CA LEU B 410 -19.88 -6.14 -14.40
C LEU B 410 -20.32 -6.47 -15.84
N ASP B 411 -20.46 -5.47 -16.70
CA ASP B 411 -20.84 -5.70 -18.11
C ASP B 411 -19.66 -5.80 -19.08
N PHE B 412 -18.45 -5.97 -18.56
CA PHE B 412 -17.22 -5.90 -19.39
C PHE B 412 -17.18 -6.88 -20.56
N ASP B 413 -17.84 -8.02 -20.42
CA ASP B 413 -17.87 -9.04 -21.44
C ASP B 413 -19.30 -9.37 -21.94
N ASP B 414 -20.22 -8.42 -21.75
CA ASP B 414 -21.62 -8.58 -22.12
C ASP B 414 -21.92 -8.08 -23.53
N HIS B 415 -22.12 -9.00 -24.48
CA HIS B 415 -22.44 -8.66 -25.87
C HIS B 415 -21.52 -7.57 -26.42
N ILE B 416 -20.23 -7.80 -26.27
CA ILE B 416 -19.25 -6.75 -26.61
C ILE B 416 -18.81 -6.83 -28.07
N GLY B 417 -19.08 -7.95 -28.73
CA GLY B 417 -18.68 -8.15 -30.12
C GLY B 417 -17.25 -8.58 -30.33
N ARG B 418 -16.91 -8.79 -31.60
CA ARG B 418 -15.63 -9.42 -31.97
C ARG B 418 -14.39 -8.58 -31.62
N GLU B 419 -14.39 -7.32 -32.01
CA GLU B 419 -13.20 -6.48 -31.82
C GLU B 419 -12.91 -6.29 -30.33
N ALA B 420 -13.94 -5.96 -29.57
CA ALA B 420 -13.82 -5.85 -28.12
C ALA B 420 -13.37 -7.16 -27.46
N SER B 421 -13.81 -8.29 -27.99
CA SER B 421 -13.41 -9.58 -27.43
C SER B 421 -11.95 -9.93 -27.68
N ILE B 422 -11.42 -9.53 -28.82
CA ILE B 422 -9.98 -9.68 -29.07
C ILE B 422 -9.17 -8.79 -28.11
N ALA B 423 -9.60 -7.55 -27.91
CA ALA B 423 -8.96 -6.65 -26.95
C ALA B 423 -8.97 -7.21 -25.53
N LEU B 424 -10.11 -7.82 -25.14
CA LEU B 424 -10.22 -8.47 -23.83
C LEU B 424 -9.25 -9.65 -23.74
N PHE B 425 -9.28 -10.52 -24.74
CA PHE B 425 -8.35 -11.65 -24.79
C PHE B 425 -6.91 -11.19 -24.63
N ASP B 426 -6.55 -10.11 -25.33
CA ASP B 426 -5.19 -9.58 -25.23
C ASP B 426 -4.83 -9.10 -23.83
N GLN B 427 -5.80 -8.54 -23.11
CA GLN B 427 -5.58 -8.22 -21.71
C GLN B 427 -5.41 -9.44 -20.78
N MET B 428 -5.88 -10.60 -21.22
CA MET B 428 -5.89 -11.81 -20.38
C MET B 428 -4.80 -12.81 -20.79
N ARG B 429 -3.86 -12.39 -21.65
CA ARG B 429 -2.88 -13.33 -22.22
C ARG B 429 -1.90 -13.95 -21.24
N CYS B 430 -1.74 -13.36 -20.04
CA CYS B 430 -0.90 -13.97 -19.02
C CYS B 430 -1.63 -15.11 -18.25
N VAL B 431 -2.90 -15.38 -18.55
CA VAL B 431 -3.70 -16.34 -17.80
C VAL B 431 -3.65 -17.78 -18.36
N PRO B 432 -4.11 -17.99 -19.62
CA PRO B 432 -4.39 -19.39 -20.02
C PRO B 432 -3.21 -20.24 -20.53
N TRP B 433 -2.04 -19.64 -20.78
CA TRP B 433 -0.84 -20.44 -21.10
C TRP B 433 -0.52 -21.43 -19.99
N VAL B 434 -0.83 -21.05 -18.75
CA VAL B 434 -0.62 -21.90 -17.56
C VAL B 434 -1.44 -23.19 -17.67
N ASN B 435 -2.69 -23.05 -18.08
CA ASN B 435 -3.56 -24.19 -18.33
C ASN B 435 -3.07 -25.04 -19.49
N LEU B 436 -2.68 -24.38 -20.58
CA LEU B 436 -2.28 -25.08 -21.78
C LEU B 436 -1.16 -26.05 -21.47
N LEU B 437 -0.20 -25.57 -20.70
CA LEU B 437 1.02 -26.33 -20.38
C LEU B 437 0.91 -27.23 -19.16
N GLY B 438 -0.21 -27.14 -18.43
CA GLY B 438 -0.48 -28.05 -17.33
C GLY B 438 0.39 -27.75 -16.12
N LEU B 439 0.43 -26.48 -15.73
CA LEU B 439 1.29 -26.00 -14.65
C LEU B 439 0.48 -25.49 -13.46
N PRO B 440 0.96 -25.78 -12.24
CA PRO B 440 0.33 -25.19 -11.06
C PRO B 440 0.69 -23.70 -10.96
N SER B 441 -0.21 -22.92 -10.38
CA SER B 441 0.03 -21.49 -10.19
C SER B 441 -0.78 -20.93 -9.04
N LEU B 442 -0.14 -20.10 -8.21
CA LEU B 442 -0.79 -19.37 -7.14
C LEU B 442 -1.04 -17.94 -7.56
N ALA B 443 -2.32 -17.53 -7.54
CA ALA B 443 -2.73 -16.15 -7.72
C ALA B 443 -2.71 -15.42 -6.40
N LEU B 444 -2.07 -14.25 -6.38
CA LEU B 444 -1.94 -13.42 -5.19
C LEU B 444 -3.03 -12.36 -5.17
N PRO B 445 -3.34 -11.79 -3.98
CA PRO B 445 -4.41 -10.78 -3.87
C PRO B 445 -4.20 -9.49 -4.65
N ASN B 446 -2.97 -9.24 -5.10
CA ASN B 446 -2.63 -8.07 -5.89
C ASN B 446 -2.66 -8.31 -7.41
N GLY B 447 -3.17 -9.46 -7.85
CA GLY B 447 -3.25 -9.75 -9.26
C GLY B 447 -2.00 -10.21 -9.96
N ILE B 448 -1.02 -10.69 -9.20
CA ILE B 448 0.20 -11.30 -9.70
C ILE B 448 0.17 -12.78 -9.32
N GLN B 449 0.78 -13.62 -10.13
CA GLN B 449 0.81 -15.05 -9.87
C GLN B 449 2.21 -15.63 -9.92
N LEU B 450 2.36 -16.77 -9.25
CA LEU B 450 3.59 -17.55 -9.18
C LEU B 450 3.35 -18.92 -9.81
N VAL B 451 3.94 -19.14 -10.97
CA VAL B 451 3.74 -20.36 -11.76
C VAL B 451 4.94 -21.26 -11.52
N GLY B 452 4.68 -22.54 -11.29
CA GLY B 452 5.74 -23.57 -11.10
C GLY B 452 5.65 -24.71 -12.08
N ARG B 453 6.65 -25.58 -12.04
CA ARG B 453 6.62 -26.80 -12.82
C ARG B 453 5.58 -27.77 -12.28
N LYS B 454 5.16 -28.68 -13.14
CA LYS B 454 4.39 -29.84 -12.71
C LYS B 454 5.04 -30.50 -11.48
N HIS B 455 4.22 -30.79 -10.46
CA HIS B 455 4.58 -31.44 -9.20
C HIS B 455 5.27 -30.53 -8.17
N ASP B 456 5.58 -29.29 -8.50
CA ASP B 456 6.39 -28.43 -7.62
C ASP B 456 5.52 -27.43 -6.81
N GLU B 457 4.37 -27.90 -6.34
CA GLU B 457 3.42 -27.01 -5.64
C GLU B 457 3.99 -26.32 -4.40
N LEU B 458 4.82 -27.04 -3.64
CA LEU B 458 5.31 -26.48 -2.37
C LEU B 458 6.33 -25.38 -2.59
N THR B 459 7.10 -25.46 -3.66
CA THR B 459 8.01 -24.38 -4.05
C THR B 459 7.21 -23.09 -4.31
N ILE B 460 6.07 -23.23 -5.00
CA ILE B 460 5.19 -22.09 -5.25
C ILE B 460 4.73 -21.47 -3.95
N LEU B 461 4.22 -22.31 -3.05
CA LEU B 461 3.66 -21.80 -1.79
C LEU B 461 4.72 -21.15 -0.90
N ALA B 462 5.94 -21.67 -0.94
CA ALA B 462 7.06 -21.04 -0.25
C ALA B 462 7.32 -19.60 -0.74
N ALA B 463 7.29 -19.41 -2.06
CA ALA B 463 7.40 -18.10 -2.67
C ALA B 463 6.19 -17.21 -2.34
N GLY B 464 5.00 -17.80 -2.32
CA GLY B 464 3.80 -17.11 -1.86
C GLY B 464 3.94 -16.61 -0.42
N ARG B 465 4.59 -17.39 0.44
CA ARG B 465 4.86 -16.97 1.83
C ARG B 465 5.79 -15.76 1.89
N ALA B 466 6.72 -15.69 0.95
CA ALA B 466 7.63 -14.54 0.83
C ALA B 466 6.86 -13.27 0.53
N TYR B 467 5.91 -13.34 -0.41
CA TYR B 467 5.01 -12.23 -0.69
C TYR B 467 4.21 -11.88 0.59
N GLU B 468 3.62 -12.90 1.21
CA GLU B 468 2.77 -12.71 2.36
C GLU B 468 3.48 -12.01 3.52
N ARG B 469 4.76 -12.29 3.70
CA ARG B 469 5.56 -11.62 4.74
C ARG B 469 5.75 -10.12 4.48
N ARG B 470 5.67 -9.72 3.21
CA ARG B 470 5.94 -8.32 2.80
C ARG B 470 4.71 -7.51 2.43
N ALA B 471 3.58 -8.17 2.15
CA ALA B 471 2.36 -7.49 1.69
C ALA B 471 1.39 -7.25 2.83
N PRO B 472 0.48 -6.28 2.67
CA PRO B 472 -0.56 -6.12 3.69
C PRO B 472 -1.41 -7.40 3.84
N ARG B 473 -1.89 -7.65 5.05
CA ARG B 473 -2.74 -8.79 5.35
C ARG B 473 -4.05 -8.60 4.59
N VAL B 474 -4.57 -9.68 4.03
CA VAL B 474 -5.87 -9.65 3.37
C VAL B 474 -6.94 -9.44 4.44
N GLU B 475 -7.85 -8.50 4.19
CA GLU B 475 -8.98 -8.24 5.07
C GLU B 475 -10.24 -8.44 4.27
N ILE B 476 -11.31 -8.83 4.95
CA ILE B 476 -12.60 -9.05 4.27
C ILE B 476 -13.24 -7.72 3.92
N ALA B 477 -14.11 -7.72 2.91
CA ALA B 477 -14.83 -6.54 2.51
C ALA B 477 -16.24 -6.68 3.04
N THR B 478 -16.86 -5.54 3.33
CA THR B 478 -18.28 -5.52 3.67
C THR B 478 -19.01 -4.93 2.48
N PRO B 479 -19.85 -5.74 1.81
CA PRO B 479 -20.54 -5.23 0.62
C PRO B 479 -21.47 -4.05 0.97
N ALA B 480 -21.42 -2.98 0.17
CA ALA B 480 -22.30 -1.83 0.38
C ALA B 480 -22.51 -1.00 -0.90
N GLU C 25 27.88 74.16 16.94
CA GLU C 25 26.48 74.39 16.45
C GLU C 25 25.79 73.25 15.67
N THR C 26 26.51 72.19 15.25
CA THR C 26 25.82 70.98 14.75
C THR C 26 25.00 70.26 15.84
N THR C 27 25.28 70.57 17.11
CA THR C 27 24.48 70.08 18.25
C THR C 27 23.01 70.53 18.26
N ARG C 28 22.73 71.61 17.55
CA ARG C 28 21.36 72.16 17.43
C ARG C 28 20.61 71.64 16.21
N LEU C 29 21.29 70.88 15.34
CA LEU C 29 20.79 70.55 14.01
C LEU C 29 20.18 69.15 13.93
N THR C 30 19.31 68.97 12.94
CA THR C 30 18.72 67.68 12.63
C THR C 30 19.72 66.86 11.80
N ALA C 31 19.43 65.57 11.62
CA ALA C 31 20.28 64.71 10.81
C ALA C 31 20.47 65.24 9.39
N THR C 32 19.38 65.71 8.78
CA THR C 32 19.46 66.17 7.38
C THR C 32 20.36 67.40 7.29
N GLU C 33 20.25 68.28 8.26
CA GLU C 33 21.05 69.52 8.31
C GLU C 33 22.54 69.25 8.57
N ILE C 34 22.83 68.30 9.47
CA ILE C 34 24.20 67.85 9.69
C ILE C 34 24.80 67.27 8.40
N ARG C 35 24.08 66.35 7.79
CA ARG C 35 24.53 65.72 6.54
C ARG C 35 24.72 66.72 5.39
N ALA C 36 23.90 67.77 5.37
CA ALA C 36 24.05 68.86 4.40
C ALA C 36 25.39 69.58 4.61
N ARG C 37 25.73 69.87 5.86
CA ARG C 37 27.01 70.51 6.18
C ARG C 37 28.19 69.65 5.74
N ILE C 38 28.09 68.34 5.97
CA ILE C 38 29.14 67.41 5.55
C ILE C 38 29.24 67.36 4.03
N SER C 39 28.09 67.28 3.37
CA SER C 39 28.02 67.17 1.90
C SER C 39 28.66 68.39 1.20
N GLU C 40 28.49 69.56 1.80
CA GLU C 40 29.00 70.82 1.22
C GLU C 40 30.45 71.13 1.60
N GLY C 41 31.07 70.27 2.41
CA GLY C 41 32.43 70.53 2.91
C GLY C 41 32.52 71.57 4.01
N ALA C 42 31.39 71.90 4.64
CA ALA C 42 31.35 72.88 5.71
C ALA C 42 31.75 72.28 7.07
N ALA C 43 31.64 70.97 7.20
CA ALA C 43 32.11 70.28 8.40
C ALA C 43 32.51 68.86 8.05
N SER C 44 33.45 68.33 8.82
CA SER C 44 33.84 66.94 8.71
C SER C 44 33.04 66.14 9.76
N ARG C 45 33.05 64.82 9.63
CA ARG C 45 32.40 63.98 10.62
C ARG C 45 33.12 64.14 11.94
N GLU C 46 34.45 64.18 11.90
CA GLU C 46 35.24 64.38 13.11
C GLU C 46 34.84 65.64 13.86
N GLU C 47 34.63 66.73 13.10
CA GLU C 47 34.19 67.99 13.69
C GLU C 47 32.81 67.88 14.37
N VAL C 48 31.87 67.20 13.71
CA VAL C 48 30.52 66.97 14.28
C VAL C 48 30.64 66.22 15.60
N VAL C 49 31.42 65.15 15.61
CA VAL C 49 31.61 64.36 16.80
C VAL C 49 32.28 65.15 17.92
N HIS C 50 33.34 65.89 17.59
CA HIS C 50 33.99 66.79 18.56
C HIS C 50 33.01 67.80 19.17
N GLU C 51 32.16 68.41 18.35
CA GLU C 51 31.19 69.38 18.87
C GLU C 51 30.26 68.75 19.89
N HIS C 52 29.77 67.54 19.61
CA HIS C 52 28.89 66.86 20.54
C HIS C 52 29.63 66.42 21.81
N LEU C 53 30.83 65.86 21.63
CA LEU C 53 31.62 65.45 22.79
C LEU C 53 32.01 66.63 23.67
N ASP C 54 32.33 67.78 23.07
CA ASP C 54 32.65 68.99 23.86
C ASP C 54 31.44 69.46 24.67
N ARG C 55 30.27 69.40 24.04
CA ARG C 55 29.05 69.75 24.71
C ARG C 55 28.74 68.79 25.85
N ILE C 56 28.95 67.49 25.63
CA ILE C 56 28.81 66.48 26.64
C ILE C 56 29.79 66.80 27.79
N ASP C 57 31.04 67.09 27.45
CA ASP C 57 32.02 67.40 28.49
C ASP C 57 31.61 68.61 29.34
N GLU C 58 30.97 69.60 28.71
CA GLU C 58 30.59 70.81 29.41
C GLU C 58 29.36 70.63 30.32
N PHE C 59 28.38 69.83 29.89
CA PHE C 59 27.09 69.78 30.59
C PHE C 59 26.66 68.41 31.13
N ASN C 60 27.33 67.32 30.76
CA ASN C 60 26.88 65.98 31.16
C ASN C 60 27.05 65.71 32.65
N ALA C 61 27.91 66.48 33.32
CA ALA C 61 27.98 66.44 34.79
C ALA C 61 26.66 66.87 35.44
N LEU C 62 25.92 67.75 34.78
CA LEU C 62 24.63 68.21 35.30
C LEU C 62 23.48 67.23 35.01
N THR C 63 23.38 66.76 33.77
CA THR C 63 22.28 65.84 33.36
C THR C 63 22.53 64.40 33.76
N ASN C 64 23.79 63.99 33.79
CA ASN C 64 24.18 62.59 34.09
C ASN C 64 23.42 61.61 33.18
N SER C 65 23.37 61.96 31.89
CA SER C 65 22.54 61.24 30.93
C SER C 65 23.30 60.31 29.98
N PHE C 66 24.53 60.68 29.62
CA PHE C 66 25.47 59.74 28.97
C PHE C 66 26.29 59.07 30.06
N VAL C 67 26.01 57.80 30.31
CA VAL C 67 26.58 57.06 31.43
C VAL C 67 27.85 56.26 31.10
N GLU C 68 28.03 55.94 29.83
CA GLU C 68 29.25 55.29 29.36
C GLU C 68 29.55 55.75 27.96
N LEU C 69 30.66 56.50 27.81
CA LEU C 69 31.06 57.02 26.51
C LEU C 69 32.07 56.12 25.80
N ARG C 70 32.07 56.21 24.47
CA ARG C 70 33.10 55.62 23.63
C ARG C 70 33.72 56.72 22.75
N ALA C 71 34.19 57.77 23.41
CA ALA C 71 34.69 58.99 22.74
C ALA C 71 35.83 58.69 21.77
N ASP C 72 36.88 58.01 22.27
CA ASP C 72 37.97 57.63 21.39
C ASP C 72 37.54 56.79 20.20
N GLN C 73 36.67 55.81 20.46
CA GLN C 73 36.25 54.84 19.48
C GLN C 73 35.38 55.44 18.39
N VAL C 74 34.48 56.33 18.76
CA VAL C 74 33.59 56.98 17.78
C VAL C 74 34.34 58.03 16.95
N LEU C 75 35.30 58.71 17.58
CA LEU C 75 36.16 59.64 16.86
C LEU C 75 36.99 58.91 15.80
N GLU C 76 37.46 57.70 16.12
CA GLU C 76 38.14 56.84 15.14
C GLU C 76 37.25 56.53 13.94
N GLU C 77 35.99 56.18 14.22
CA GLU C 77 35.01 55.91 13.16
C GLU C 77 34.78 57.13 12.28
N ALA C 78 34.65 58.30 12.90
CA ALA C 78 34.46 59.55 12.21
C ALA C 78 35.64 59.90 11.31
N ARG C 79 36.85 59.86 11.89
CA ARG C 79 38.07 60.15 11.15
C ARG C 79 38.29 59.16 9.98
N ALA C 80 38.01 57.89 10.23
CA ALA C 80 38.14 56.84 9.21
C ALA C 80 37.26 57.12 8.01
N ALA C 81 36.01 57.48 8.28
CA ALA C 81 35.04 57.81 7.24
C ALA C 81 35.41 59.09 6.50
N ASP C 82 35.89 60.11 7.23
CA ASP C 82 36.39 61.33 6.60
C ASP C 82 37.54 61.02 5.63
N ARG C 83 38.48 60.19 6.06
CA ARG C 83 39.64 59.81 5.23
C ARG C 83 39.19 59.05 3.99
N GLU C 84 38.26 58.12 4.14
CA GLU C 84 37.82 57.26 3.04
C GLU C 84 36.84 57.96 2.11
N PHE C 85 35.87 58.68 2.66
CA PHE C 85 34.75 59.25 1.87
C PHE C 85 34.81 60.77 1.60
N GLY C 86 35.46 61.52 2.47
CA GLY C 86 35.46 62.98 2.41
C GLY C 86 34.04 63.51 2.49
N SER C 87 33.70 64.45 1.62
CA SER C 87 32.37 65.06 1.61
C SER C 87 31.29 64.21 0.93
N THR C 88 31.64 63.04 0.41
CA THR C 88 30.66 62.08 -0.10
C THR C 88 30.04 61.34 1.09
N LEU C 89 28.72 61.34 1.17
CA LEU C 89 28.02 60.63 2.24
C LEU C 89 27.91 59.17 1.85
N GLY C 90 28.08 58.29 2.83
CA GLY C 90 27.97 56.85 2.63
C GLY C 90 26.52 56.48 2.85
N GLY C 91 26.24 55.84 3.97
CA GLY C 91 24.91 55.35 4.28
C GLY C 91 23.99 56.48 4.74
N PRO C 92 22.70 56.18 4.94
CA PRO C 92 21.73 57.21 5.25
C PRO C 92 21.83 57.85 6.66
N LEU C 93 22.63 57.27 7.55
CA LEU C 93 22.97 57.89 8.86
C LEU C 93 24.42 58.33 9.01
N ASP C 94 25.19 58.29 7.92
CA ASP C 94 26.57 58.74 7.94
C ASP C 94 26.63 60.16 8.51
N GLY C 95 27.52 60.35 9.47
CA GLY C 95 27.74 61.66 10.09
C GLY C 95 26.82 62.03 11.25
N VAL C 96 25.91 61.13 11.64
CA VAL C 96 24.90 61.46 12.64
C VAL C 96 25.24 60.80 14.00
N PRO C 97 25.48 61.61 15.04
CA PRO C 97 25.76 61.05 16.36
C PRO C 97 24.53 60.50 17.08
N LEU C 98 24.70 59.36 17.72
CA LEU C 98 23.63 58.62 18.37
C LEU C 98 23.86 58.39 19.85
N SER C 99 22.75 58.35 20.57
CA SER C 99 22.68 57.88 21.93
C SER C 99 21.95 56.53 21.92
N ILE C 100 22.44 55.55 22.67
CA ILE C 100 21.77 54.25 22.76
C ILE C 100 21.51 53.90 24.22
N LYS C 101 20.30 53.46 24.52
CA LYS C 101 19.94 53.05 25.88
C LYS C 101 20.84 51.90 26.32
N ASP C 102 21.26 51.93 27.58
CA ASP C 102 22.10 50.88 28.18
C ASP C 102 21.64 49.46 27.83
N SER C 103 20.32 49.24 27.80
CA SER C 103 19.70 47.94 27.47
C SER C 103 20.05 47.32 26.11
N TYR C 104 20.38 48.14 25.12
CA TYR C 104 20.63 47.66 23.75
C TYR C 104 22.13 47.54 23.51
N SER C 105 22.58 46.33 23.18
CA SER C 105 23.98 46.03 23.01
C SER C 105 24.65 46.86 21.94
N VAL C 106 25.79 47.43 22.32
CA VAL C 106 26.70 48.08 21.38
C VAL C 106 28.02 47.34 21.58
N ALA C 107 28.57 46.80 20.50
CA ALA C 107 29.85 46.08 20.55
C ALA C 107 30.89 46.98 21.20
N GLY C 108 31.48 46.49 22.30
CA GLY C 108 32.51 47.23 23.04
C GLY C 108 32.03 48.10 24.18
N LEU C 109 30.70 48.18 24.39
CA LEU C 109 30.14 48.79 25.58
C LEU C 109 29.56 47.77 26.52
N HIS C 110 29.41 48.21 27.77
CA HIS C 110 28.80 47.42 28.83
C HIS C 110 27.27 47.55 28.80
N ARG C 111 26.59 46.48 29.18
CA ARG C 111 25.14 46.43 29.23
C ARG C 111 24.78 45.94 30.62
N THR C 112 24.38 46.89 31.46
CA THR C 112 24.33 46.70 32.92
C THR C 112 22.93 46.61 33.54
N ASP C 113 21.91 47.11 32.84
CA ASP C 113 20.57 47.27 33.41
C ASP C 113 20.59 48.16 34.67
N GLY C 114 21.62 49.00 34.78
CA GLY C 114 21.82 49.88 35.93
C GLY C 114 22.45 49.24 37.16
N LEU C 115 22.70 47.94 37.15
CA LEU C 115 23.04 47.19 38.38
C LEU C 115 24.55 47.03 38.51
N PRO C 116 25.12 47.42 39.68
CA PRO C 116 26.53 47.15 39.93
C PRO C 116 26.97 45.71 39.67
N VAL C 117 26.13 44.73 39.96
CA VAL C 117 26.45 43.32 39.75
C VAL C 117 26.75 42.98 38.27
N ASN C 118 26.21 43.78 37.34
CA ASN C 118 26.44 43.63 35.91
C ASN C 118 27.49 44.58 35.31
N ALA C 119 28.27 45.28 36.15
CA ALA C 119 29.26 46.25 35.65
C ALA C 119 30.33 45.62 34.74
N ASP C 120 30.54 44.32 34.90
CA ASP C 120 31.50 43.52 34.11
C ASP C 120 30.94 42.95 32.79
N VAL C 121 29.67 43.21 32.48
CA VAL C 121 29.05 42.63 31.28
C VAL C 121 29.44 43.50 30.08
N LEU C 122 30.36 43.01 29.26
CA LEU C 122 30.94 43.76 28.13
C LEU C 122 30.62 42.99 26.86
N ASP C 123 29.86 43.61 25.97
CA ASP C 123 29.34 42.93 24.79
C ASP C 123 30.30 42.89 23.64
N ALA C 124 30.46 41.71 23.03
CA ALA C 124 31.28 41.58 21.82
C ALA C 124 30.56 42.05 20.55
N GLN C 125 29.23 42.01 20.57
CA GLN C 125 28.44 42.27 19.34
C GLN C 125 27.33 43.28 19.57
N ASP C 126 26.95 43.99 18.52
CA ASP C 126 25.77 44.88 18.55
C ASP C 126 24.51 44.02 18.57
N ASP C 127 23.46 44.54 19.19
CA ASP C 127 22.10 44.09 18.91
C ASP C 127 21.78 44.36 17.43
N VAL C 128 20.80 43.64 16.89
CA VAL C 128 20.43 43.88 15.50
C VAL C 128 20.01 45.32 15.23
N ALA C 129 19.19 45.91 16.12
CA ALA C 129 18.74 47.29 15.89
C ALA C 129 19.92 48.27 15.89
N THR C 130 20.84 48.10 16.83
CA THR C 130 22.03 48.93 16.88
C THR C 130 22.95 48.65 15.69
N ALA C 131 23.09 47.40 15.31
CA ALA C 131 23.90 47.03 14.13
C ALA C 131 23.42 47.75 12.87
N ARG C 132 22.11 47.83 12.68
CA ARG C 132 21.55 48.47 11.52
C ARG C 132 21.81 49.98 11.52
N LEU C 133 21.68 50.61 12.67
CA LEU C 133 21.99 52.05 12.78
C LEU C 133 23.47 52.33 12.45
N ARG C 134 24.36 51.49 12.98
CA ARG C 134 25.80 51.65 12.75
C ARG C 134 26.20 51.32 11.32
N ALA C 135 25.64 50.24 10.76
CA ALA C 135 25.88 49.86 9.36
C ALA C 135 25.47 50.97 8.37
N ALA C 136 24.42 51.72 8.73
CA ALA C 136 23.97 52.88 7.97
C ALA C 136 24.85 54.14 8.15
N GLY C 137 25.83 54.09 9.03
CA GLY C 137 26.80 55.18 9.24
C GLY C 137 26.67 55.92 10.57
N GLY C 138 25.71 55.53 11.41
CA GLY C 138 25.49 56.21 12.68
C GLY C 138 26.69 56.11 13.61
N LEU C 139 26.97 57.22 14.30
CA LEU C 139 28.13 57.35 15.16
C LEU C 139 27.69 57.29 16.59
N VAL C 140 27.74 56.10 17.18
CA VAL C 140 27.28 55.90 18.56
C VAL C 140 28.29 56.52 19.53
N LEU C 141 27.85 57.51 20.28
CA LEU C 141 28.72 58.21 21.22
C LEU C 141 28.86 57.44 22.52
N GLY C 142 27.85 56.62 22.86
CA GLY C 142 27.84 56.00 24.17
C GLY C 142 26.52 55.41 24.55
N HIS C 143 26.49 54.88 25.76
CA HIS C 143 25.28 54.35 26.39
C HIS C 143 24.63 55.38 27.31
N ALA C 144 23.30 55.42 27.28
CA ALA C 144 22.50 56.40 28.02
C ALA C 144 21.92 55.80 29.28
N GLY C 145 21.70 56.68 30.26
CA GLY C 145 21.18 56.32 31.57
C GLY C 145 19.76 55.77 31.63
N ILE C 146 19.49 55.04 32.70
CA ILE C 146 18.31 54.18 32.82
C ILE C 146 18.00 53.99 34.30
N PRO C 147 16.80 53.51 34.62
CA PRO C 147 16.57 53.01 35.98
C PRO C 147 17.01 51.55 36.11
N ASP C 148 17.36 51.15 37.33
CA ASP C 148 17.54 49.71 37.64
C ASP C 148 16.40 48.87 37.06
N LEU C 149 16.76 47.79 36.37
CA LEU C 149 15.78 46.87 35.74
C LEU C 149 14.99 47.46 34.58
N CYS C 150 15.18 48.74 34.28
CA CYS C 150 14.33 49.49 33.34
C CYS C 150 12.85 49.45 33.66
N ILE C 151 12.50 49.46 34.94
CA ILE C 151 11.10 49.45 35.39
C ILE C 151 10.83 50.67 36.28
N ARG C 152 10.71 51.83 35.66
CA ARG C 152 10.42 53.07 36.38
C ARG C 152 10.23 54.21 35.39
N TRP C 153 9.43 55.19 35.80
CA TRP C 153 9.31 56.43 35.05
C TRP C 153 10.32 57.50 35.50
N ASN C 154 11.50 57.08 35.94
CA ASN C 154 12.52 57.96 36.52
C ASN C 154 13.83 57.21 36.36
N SER C 155 14.80 57.79 35.66
CA SER C 155 16.00 57.03 35.30
C SER C 155 17.07 57.15 36.38
N VAL C 156 16.90 56.35 37.43
CA VAL C 156 17.81 56.33 38.56
C VAL C 156 18.37 54.92 38.70
N SER C 157 19.70 54.81 38.69
CA SER C 157 20.37 53.51 38.75
C SER C 157 21.39 53.44 39.89
N GLY C 158 21.59 52.24 40.38
CA GLY C 158 22.63 51.96 41.38
C GLY C 158 24.03 52.23 40.88
N LEU C 159 24.26 51.90 39.61
CA LEU C 159 25.58 52.07 39.03
C LEU C 159 25.89 53.51 38.65
N TYR C 160 24.89 54.26 38.16
CA TYR C 160 25.13 55.59 37.59
C TYR C 160 24.47 56.78 38.27
N GLY C 161 23.50 56.56 39.15
CA GLY C 161 22.76 57.64 39.78
C GLY C 161 21.62 58.10 38.91
N ALA C 162 21.23 59.37 39.08
CA ALA C 162 19.99 59.92 38.52
C ALA C 162 20.22 60.76 37.27
N VAL C 163 19.40 60.54 36.25
CA VAL C 163 19.37 61.39 35.09
C VAL C 163 18.50 62.60 35.43
N ARG C 164 18.99 63.81 35.16
CA ARG C 164 18.21 65.04 35.40
C ARG C 164 17.72 65.65 34.07
N ASN C 165 16.57 66.31 34.13
CA ASN C 165 15.96 66.87 32.94
C ASN C 165 16.78 68.10 32.46
N PRO C 166 17.28 68.07 31.21
CA PRO C 166 18.07 69.23 30.79
C PRO C 166 17.29 70.55 30.70
N ARG C 167 15.97 70.46 30.55
CA ARG C 167 15.07 71.63 30.49
C ARG C 167 14.83 72.29 31.85
N ASP C 168 15.07 71.55 32.91
CA ASP C 168 14.95 72.01 34.30
C ASP C 168 15.56 70.93 35.19
N LEU C 169 16.80 71.15 35.64
CA LEU C 169 17.58 70.13 36.36
C LEU C 169 16.98 69.62 37.69
N SER C 170 16.00 70.35 38.24
CA SER C 170 15.25 69.89 39.40
C SER C 170 14.23 68.78 39.08
N ARG C 171 13.97 68.54 37.80
CA ARG C 171 12.90 67.64 37.37
C ARG C 171 13.43 66.31 36.86
N THR C 172 12.60 65.28 36.98
CA THR C 172 12.90 63.98 36.37
C THR C 172 13.04 64.12 34.84
N ALA C 173 13.88 63.27 34.25
CA ALA C 173 13.92 63.11 32.80
C ALA C 173 12.89 62.08 32.32
N GLY C 174 12.16 61.46 33.25
CA GLY C 174 11.35 60.32 32.91
C GLY C 174 12.15 59.03 32.83
N GLY C 175 11.46 57.97 32.46
CA GLY C 175 12.12 56.73 32.24
C GLY C 175 11.16 55.74 31.61
N SER C 176 11.63 54.55 31.26
N SER C 176 11.64 54.56 31.24
CA SER C 176 13.01 54.11 31.48
CA SER C 176 13.01 54.13 31.46
C SER C 176 14.09 54.63 30.50
C SER C 176 14.09 54.67 30.50
N SER C 177 13.71 55.23 29.37
CA SER C 177 14.74 55.77 28.42
C SER C 177 15.01 57.26 28.70
N GLY C 178 15.19 57.61 29.98
CA GLY C 178 15.38 59.01 30.39
C GLY C 178 16.70 59.57 29.91
N GLY C 179 17.75 58.74 29.95
CA GLY C 179 19.04 59.17 29.46
C GLY C 179 19.04 59.56 28.00
N ASP C 180 18.44 58.72 27.15
CA ASP C 180 18.34 59.02 25.73
C ASP C 180 17.53 60.28 25.46
N ALA C 181 16.41 60.43 26.15
CA ALA C 181 15.57 61.64 25.97
C ALA C 181 16.35 62.89 26.37
N ALA C 182 17.04 62.81 27.50
CA ALA C 182 17.86 63.90 27.98
C ALA C 182 19.02 64.24 27.01
N ASN C 183 19.70 63.22 26.49
CA ASN C 183 20.80 63.45 25.55
C ASN C 183 20.34 64.18 24.30
N VAL C 184 19.19 63.75 23.76
CA VAL C 184 18.61 64.37 22.59
C VAL C 184 18.14 65.78 22.90
N ALA C 185 17.43 65.95 24.02
CA ALA C 185 16.97 67.28 24.39
C ALA C 185 18.11 68.29 24.65
N ALA C 186 19.24 67.81 25.16
CA ALA C 186 20.39 68.66 25.50
C ALA C 186 21.33 68.91 24.33
N GLY C 187 21.09 68.27 23.19
CA GLY C 187 21.98 68.38 22.05
C GLY C 187 23.28 67.61 22.21
N PHE C 188 23.27 66.56 23.03
CA PHE C 188 24.41 65.64 23.17
C PHE C 188 24.48 64.61 22.02
N ALA C 189 23.33 64.37 21.36
CA ALA C 189 23.22 63.46 20.23
C ALA C 189 22.00 63.88 19.43
N THR C 190 21.94 63.43 18.21
CA THR C 190 20.86 63.81 17.28
C THR C 190 19.65 62.88 17.46
N ILE C 191 19.92 61.59 17.68
CA ILE C 191 18.87 60.58 17.77
C ILE C 191 19.25 59.64 18.90
N GLY C 192 18.25 59.24 19.69
CA GLY C 192 18.39 58.22 20.70
C GLY C 192 17.61 56.96 20.40
N LEU C 193 17.96 55.88 21.07
CA LEU C 193 17.28 54.59 20.92
C LEU C 193 16.81 54.09 22.27
N GLY C 194 15.49 53.88 22.40
CA GLY C 194 14.91 53.33 23.62
C GLY C 194 13.97 52.18 23.37
N GLY C 195 13.30 51.77 24.44
CA GLY C 195 12.34 50.67 24.42
C GLY C 195 11.15 51.14 25.20
N ASP C 196 9.97 50.55 24.94
CA ASP C 196 8.73 50.99 25.57
C ASP C 196 7.85 49.78 25.86
N LEU C 197 7.85 49.39 27.16
CA LEU C 197 6.96 48.36 27.75
C LEU C 197 5.84 48.95 28.64
N GLY C 198 6.09 50.12 29.22
CA GLY C 198 5.13 50.85 30.04
C GLY C 198 5.32 52.36 29.92
N GLY C 199 5.75 52.82 28.75
CA GLY C 199 5.99 54.24 28.51
C GLY C 199 7.44 54.64 28.40
N SER C 200 8.35 53.67 28.36
CA SER C 200 9.77 54.00 28.42
C SER C 200 10.32 54.89 27.31
N ILE C 201 9.65 54.98 26.17
CA ILE C 201 10.01 55.92 25.12
C ILE C 201 9.20 57.20 25.28
N ARG C 202 7.88 57.04 25.36
CA ARG C 202 6.96 58.19 25.29
C ARG C 202 7.03 59.11 26.51
N VAL C 203 7.14 58.53 27.69
CA VAL C 203 7.18 59.34 28.92
C VAL C 203 8.41 60.26 28.97
N PRO C 204 9.63 59.69 28.85
CA PRO C 204 10.79 60.61 28.88
C PRO C 204 10.88 61.54 27.68
N ALA C 205 10.46 61.09 26.49
CA ALA C 205 10.48 61.98 25.33
C ALA C 205 9.64 63.22 25.58
N SER C 206 8.41 63.01 26.00
CA SER C 206 7.50 64.11 26.26
C SER C 206 7.99 65.00 27.42
N TRP C 207 8.46 64.38 28.49
CA TRP C 207 8.94 65.16 29.65
C TRP C 207 10.21 65.96 29.34
N CYS C 208 11.01 65.51 28.37
CA CYS C 208 12.19 66.24 27.91
C CYS C 208 11.93 67.14 26.72
N GLY C 209 10.66 67.20 26.26
CA GLY C 209 10.29 68.10 25.17
C GLY C 209 10.87 67.69 23.83
N VAL C 210 10.85 66.39 23.53
CA VAL C 210 11.33 65.89 22.24
C VAL C 210 10.30 64.84 21.73
N TYR C 211 10.54 64.31 20.52
CA TYR C 211 9.69 63.26 19.96
C TYR C 211 10.19 61.88 20.41
N GLY C 212 9.27 60.96 20.62
CA GLY C 212 9.62 59.59 20.97
C GLY C 212 8.64 58.67 20.27
N PHE C 213 9.15 57.76 19.44
CA PHE C 213 8.27 56.90 18.66
C PHE C 213 8.36 55.45 19.10
N ARG C 214 7.29 54.97 19.74
CA ARG C 214 7.15 53.56 20.06
C ARG C 214 6.64 52.87 18.79
N THR C 215 7.48 52.04 18.19
CA THR C 215 7.07 51.29 16.98
C THR C 215 6.12 50.18 17.40
N GLY C 216 5.58 49.49 16.41
CA GLY C 216 4.57 48.47 16.65
C GLY C 216 5.06 47.06 16.34
N PRO C 217 4.26 46.07 16.70
CA PRO C 217 4.62 44.68 16.44
C PRO C 217 5.14 44.41 15.02
N GLY C 218 6.22 43.63 14.96
CA GLY C 218 6.77 43.12 13.71
C GLY C 218 7.87 43.91 13.01
N ARG C 219 7.94 45.21 13.28
CA ARG C 219 8.81 46.10 12.48
C ARG C 219 10.28 45.98 12.85
N ILE C 220 10.62 46.29 14.10
CA ILE C 220 12.03 46.29 14.54
C ILE C 220 12.30 45.03 15.35
N PRO C 221 13.24 44.19 14.91
CA PRO C 221 13.55 43.01 15.70
C PRO C 221 14.38 43.34 16.96
N ASP C 222 14.04 42.66 18.05
CA ASP C 222 14.82 42.69 19.30
C ASP C 222 15.65 41.41 19.31
N VAL C 223 16.89 41.54 18.88
CA VAL C 223 17.83 40.41 18.87
C VAL C 223 19.12 40.83 19.55
N ASN C 224 19.50 40.08 20.57
CA ASN C 224 20.76 40.24 21.29
C ASN C 224 21.64 39.00 21.10
N PRO C 225 22.61 39.06 20.20
CA PRO C 225 23.45 37.90 19.91
C PRO C 225 24.38 37.54 21.05
N ASN C 226 24.55 38.44 22.03
CA ASN C 226 25.41 38.18 23.17
C ASN C 226 24.76 37.26 24.20
N GLY C 227 23.46 37.03 24.04
CA GLY C 227 22.71 36.12 24.89
C GLY C 227 22.03 36.90 25.99
N GLY C 228 20.75 37.18 25.79
CA GLY C 228 19.92 37.71 26.87
C GLY C 228 19.27 36.58 27.67
N ARG C 229 18.81 36.93 28.86
CA ARG C 229 17.92 36.07 29.68
C ARG C 229 16.67 35.79 28.80
N SER C 230 15.82 34.81 29.08
CA SER C 230 14.65 34.57 28.18
C SER C 230 13.32 34.96 28.82
N ARG C 231 12.43 35.61 28.03
CA ARG C 231 11.25 36.34 28.56
C ARG C 231 9.92 35.64 28.31
N ASN C 232 8.97 36.02 29.15
CA ASN C 232 7.60 35.59 29.04
C ASN C 232 7.03 36.29 27.80
N VAL C 233 6.41 35.52 26.90
CA VAL C 233 5.79 36.07 25.70
C VAL C 233 4.80 37.21 26.02
N VAL C 234 4.09 37.09 27.14
CA VAL C 234 3.11 38.10 27.55
C VAL C 234 3.79 39.47 27.69
N MET C 235 4.97 39.52 28.27
CA MET C 235 5.75 40.78 28.39
C MET C 235 6.30 41.23 27.03
N GLU C 236 6.81 40.28 26.25
CA GLU C 236 7.37 40.62 24.95
C GLU C 236 6.35 41.21 24.00
N LEU C 237 5.10 40.77 24.11
CA LEU C 237 4.00 41.30 23.29
C LEU C 237 3.72 42.78 23.55
N MET C 238 4.13 43.28 24.70
CA MET C 238 3.89 44.64 25.13
C MET C 238 5.06 45.57 24.94
N ALA C 239 6.20 45.06 24.48
CA ALA C 239 7.44 45.83 24.39
C ALA C 239 7.86 46.07 22.95
N GLN C 240 8.29 47.30 22.63
CA GLN C 240 8.81 47.59 21.30
C GLN C 240 9.98 48.56 21.42
N ILE C 241 10.83 48.58 20.41
CA ILE C 241 11.99 49.47 20.32
C ILE C 241 11.60 50.72 19.52
N GLY C 242 12.23 51.84 19.81
CA GLY C 242 11.97 53.01 18.99
C GLY C 242 12.91 54.19 19.21
N PRO C 243 12.95 55.10 18.21
CA PRO C 243 13.81 56.26 18.26
C PRO C 243 13.23 57.46 19.03
N ILE C 244 14.15 58.31 19.50
CA ILE C 244 13.84 59.58 20.14
C ILE C 244 14.65 60.62 19.36
N ALA C 245 14.01 61.72 18.95
CA ALA C 245 14.65 62.71 18.11
C ALA C 245 13.95 64.07 18.22
N ARG C 246 14.53 65.07 17.57
CA ARG C 246 14.00 66.44 17.65
C ARG C 246 13.14 66.83 16.45
N SER C 247 12.96 65.91 15.51
CA SER C 247 12.09 66.13 14.34
C SER C 247 11.51 64.80 13.91
N ILE C 248 10.41 64.88 13.18
CA ILE C 248 9.77 63.68 12.64
C ILE C 248 10.61 63.05 11.52
N ASP C 249 11.25 63.88 10.68
CA ASP C 249 12.17 63.31 9.66
C ASP C 249 13.23 62.40 10.29
N ASP C 250 13.76 62.79 11.46
CA ASP C 250 14.79 62.00 12.15
C ASP C 250 14.19 60.73 12.76
N ILE C 251 12.99 60.85 13.34
CA ILE C 251 12.23 59.69 13.80
C ILE C 251 12.07 58.68 12.66
N GLU C 252 11.57 59.15 11.53
CA GLU C 252 11.28 58.28 10.39
C GLU C 252 12.53 57.60 9.83
N LEU C 253 13.61 58.38 9.72
CA LEU C 253 14.89 57.87 9.21
C LEU C 253 15.39 56.70 10.05
N ALA C 254 15.45 56.91 11.36
CA ALA C 254 15.92 55.87 12.26
C ALA C 254 14.99 54.63 12.22
N PHE C 255 13.68 54.90 12.20
CA PHE C 255 12.67 53.84 12.14
C PHE C 255 12.85 52.96 10.90
N ARG C 256 12.97 53.61 9.75
CA ARG C 256 13.13 52.89 8.48
C ARG C 256 14.41 52.06 8.44
N ILE C 257 15.51 52.62 8.94
CA ILE C 257 16.80 51.91 8.97
C ILE C 257 16.72 50.63 9.82
N MET C 258 16.02 50.70 10.94
CA MET C 258 15.98 49.59 11.90
C MET C 258 14.96 48.53 11.54
N THR C 259 13.98 48.87 10.69
CA THR C 259 12.91 47.95 10.34
C THR C 259 13.42 46.89 9.37
N GLY C 260 13.00 45.65 9.60
CA GLY C 260 13.30 44.51 8.71
C GLY C 260 13.31 43.23 9.51
N VAL C 261 12.87 42.15 8.88
CA VAL C 261 12.81 40.88 9.58
C VAL C 261 14.19 40.43 10.11
N ASP C 262 14.18 39.80 11.27
CA ASP C 262 15.27 38.91 11.70
C ASP C 262 14.62 37.76 12.45
N ARG C 263 14.75 36.55 11.93
CA ARG C 263 13.99 35.40 12.46
C ARG C 263 14.47 34.90 13.83
N ARG C 264 15.55 35.48 14.36
CA ARG C 264 15.95 35.28 15.75
C ARG C 264 15.02 35.96 16.75
N ASP C 265 14.17 36.86 16.26
CA ASP C 265 13.10 37.43 17.07
C ASP C 265 11.81 36.90 16.46
N THR C 266 11.14 36.06 17.24
CA THR C 266 9.91 35.45 16.83
C THR C 266 8.77 36.44 16.49
N MET C 267 8.80 37.62 17.07
CA MET C 267 7.76 38.61 16.83
C MET C 267 8.06 39.54 15.67
N SER C 268 9.27 39.43 15.12
CA SER C 268 9.66 40.17 13.94
C SER C 268 8.92 39.59 12.71
N SER C 269 8.62 40.45 11.76
CA SER C 269 7.86 40.08 10.56
C SER C 269 8.52 40.65 9.29
N PRO C 270 8.45 39.89 8.18
CA PRO C 270 8.91 40.39 6.90
C PRO C 270 7.95 41.36 6.20
N LEU C 271 6.80 41.64 6.82
CA LEU C 271 5.83 42.59 6.31
C LEU C 271 6.48 43.96 6.13
N GLY C 272 6.29 44.54 4.95
CA GLY C 272 6.80 45.86 4.63
C GLY C 272 6.03 46.95 5.34
N LEU C 273 6.52 48.18 5.23
CA LEU C 273 5.78 49.31 5.76
C LEU C 273 4.53 49.55 4.91
N ILE C 274 3.47 50.02 5.56
CA ILE C 274 2.19 50.29 4.89
C ILE C 274 2.11 51.79 4.73
N GLU C 275 1.77 52.23 3.52
CA GLU C 275 1.69 53.66 3.22
C GLU C 275 0.63 54.34 4.08
N PRO C 276 0.80 55.65 4.37
CA PRO C 276 -0.17 56.31 5.26
C PRO C 276 -1.57 56.22 4.69
N ILE C 277 -2.56 55.98 5.54
CA ILE C 277 -3.91 55.83 5.04
C ILE C 277 -4.50 57.21 4.72
N GLU C 278 -5.38 57.24 3.72
CA GLU C 278 -6.00 58.47 3.28
C GLU C 278 -7.10 58.77 4.28
N ALA C 279 -7.01 59.94 4.89
CA ALA C 279 -8.08 60.47 5.74
C ALA C 279 -8.49 59.54 6.90
N PRO C 280 -7.54 59.21 7.79
CA PRO C 280 -7.96 58.51 8.99
C PRO C 280 -8.78 59.39 9.91
N ARG C 281 -9.76 58.79 10.57
CA ARG C 281 -10.52 59.47 11.60
C ARG C 281 -9.83 59.30 12.97
N VAL C 282 -9.85 60.35 13.77
CA VAL C 282 -9.13 60.41 15.05
C VAL C 282 -10.11 60.44 16.21
N ALA C 283 -9.98 59.50 17.15
CA ALA C 283 -10.72 59.54 18.41
C ALA C 283 -9.86 60.15 19.50
N VAL C 284 -10.46 61.01 20.31
CA VAL C 284 -9.76 61.61 21.44
C VAL C 284 -9.99 60.75 22.70
N LEU C 285 -8.90 60.30 23.30
CA LEU C 285 -8.92 59.75 24.65
C LEU C 285 -8.52 60.87 25.60
N ARG C 286 -9.41 61.21 26.53
CA ARG C 286 -9.14 62.21 27.53
C ARG C 286 -9.25 61.53 28.89
N HIS C 287 -10.47 61.25 29.34
CA HIS C 287 -10.70 60.67 30.67
C HIS C 287 -11.15 59.21 30.64
N GLU C 288 -11.25 58.61 29.45
CA GLU C 288 -11.87 57.30 29.29
C GLU C 288 -11.03 56.14 29.86
N THR C 289 -9.75 56.35 30.19
CA THR C 289 -9.00 55.36 30.97
C THR C 289 -8.92 55.71 32.45
N GLY C 290 -9.60 56.76 32.84
CA GLY C 290 -9.69 57.22 34.25
C GLY C 290 -8.54 58.10 34.69
N ALA C 291 -7.78 58.62 33.72
CA ALA C 291 -6.63 59.47 34.02
C ALA C 291 -7.01 60.76 34.75
N VAL C 292 -6.13 61.16 35.67
CA VAL C 292 -6.22 62.43 36.38
C VAL C 292 -5.24 63.40 35.72
N LEU C 293 -5.79 64.40 35.04
CA LEU C 293 -5.02 65.28 34.16
C LEU C 293 -4.96 66.70 34.72
N ASP C 294 -3.75 67.28 34.71
CA ASP C 294 -3.58 68.71 35.00
C ASP C 294 -4.29 69.56 33.94
N SER C 295 -4.73 70.76 34.33
CA SER C 295 -5.29 71.68 33.34
C SER C 295 -4.34 71.92 32.16
N SER C 296 -3.05 72.05 32.43
CA SER C 296 -2.09 72.32 31.35
C SER C 296 -2.04 71.20 30.30
N VAL C 297 -2.23 69.97 30.74
CA VAL C 297 -2.24 68.79 29.86
C VAL C 297 -3.53 68.79 29.03
N GLU C 298 -4.66 69.06 29.69
CA GLU C 298 -5.96 69.20 28.98
C GLU C 298 -5.88 70.29 27.91
N GLU C 299 -5.19 71.38 28.22
CA GLU C 299 -5.00 72.48 27.27
C GLU C 299 -4.10 72.09 26.10
N GLN C 300 -3.07 71.27 26.35
CA GLN C 300 -2.24 70.78 25.24
C GLN C 300 -3.01 69.82 24.35
N LEU C 301 -3.84 68.98 24.95
CA LEU C 301 -4.70 68.07 24.20
C LEU C 301 -5.64 68.86 23.30
N ASP C 302 -6.26 69.90 23.85
CA ASP C 302 -7.15 70.78 23.08
C ASP C 302 -6.44 71.40 21.90
N ALA C 303 -5.23 71.91 22.13
CA ALA C 303 -4.43 72.52 21.09
C ALA C 303 -4.07 71.52 20.00
N THR C 304 -3.73 70.30 20.40
CA THR C 304 -3.33 69.30 19.44
C THR C 304 -4.50 68.81 18.59
N ILE C 305 -5.68 68.68 19.21
CA ILE C 305 -6.94 68.43 18.48
C ILE C 305 -7.10 69.43 17.32
N GLU C 306 -6.89 70.70 17.64
CA GLU C 306 -7.07 71.75 16.63
C GLU C 306 -5.99 71.81 15.55
N MET C 307 -4.78 71.39 15.88
CA MET C 307 -3.74 71.27 14.87
C MET C 307 -4.12 70.21 13.82
N LEU C 308 -4.64 69.09 14.30
CA LEU C 308 -5.07 68.01 13.43
C LEU C 308 -6.28 68.42 12.57
N ARG C 309 -7.25 69.06 13.20
CA ARG C 309 -8.41 69.57 12.46
C ARG C 309 -8.01 70.56 11.38
N ALA C 310 -7.12 71.49 11.71
CA ALA C 310 -6.64 72.48 10.73
C ALA C 310 -5.92 71.81 9.56
N GLU C 311 -5.22 70.71 9.84
CA GLU C 311 -4.57 69.91 8.79
C GLU C 311 -5.58 69.21 7.87
N GLY C 312 -6.79 69.01 8.37
CA GLY C 312 -7.89 68.40 7.64
C GLY C 312 -8.39 67.08 8.20
N TYR C 313 -7.84 66.63 9.33
CA TYR C 313 -8.35 65.39 9.97
C TYR C 313 -9.70 65.62 10.64
N VAL C 314 -10.56 64.63 10.53
CA VAL C 314 -11.75 64.51 11.37
C VAL C 314 -11.33 63.98 12.73
N VAL C 315 -11.65 64.74 13.78
CA VAL C 315 -11.24 64.45 15.15
C VAL C 315 -12.50 64.49 15.98
N GLU C 316 -12.78 63.40 16.69
CA GLU C 316 -14.01 63.28 17.47
C GLU C 316 -13.75 62.98 18.93
N GLU C 317 -14.44 63.72 19.78
CA GLU C 317 -14.37 63.53 21.23
C GLU C 317 -15.57 62.71 21.71
N ASN C 318 -15.39 62.07 22.85
CA ASN C 318 -16.48 61.34 23.56
C ASN C 318 -17.06 60.23 22.71
N VAL C 319 -16.18 59.47 22.06
CA VAL C 319 -16.58 58.33 21.22
C VAL C 319 -16.09 56.99 21.77
N LEU C 320 -15.08 57.00 22.63
CA LEU C 320 -14.57 55.77 23.22
C LEU C 320 -15.41 55.27 24.38
N PRO C 321 -15.50 53.94 24.54
CA PRO C 321 -16.16 53.38 25.72
C PRO C 321 -15.31 53.55 26.99
N ASP C 322 -15.86 53.11 28.12
CA ASP C 322 -15.19 53.15 29.40
C ASP C 322 -14.06 52.14 29.41
N LEU C 323 -12.82 52.65 29.37
CA LEU C 323 -11.63 51.80 29.27
C LEU C 323 -10.73 51.90 30.52
N HIS C 324 -11.30 52.23 31.67
CA HIS C 324 -10.52 52.34 32.91
C HIS C 324 -9.82 51.02 33.29
N ARG C 325 -10.39 49.90 32.86
CA ARG C 325 -9.74 48.61 33.08
C ARG C 325 -8.45 48.39 32.29
N ALA C 326 -8.25 49.08 31.17
CA ALA C 326 -7.08 48.81 30.34
C ALA C 326 -5.75 49.07 31.08
N PRO C 327 -5.53 50.26 31.64
CA PRO C 327 -4.27 50.41 32.39
C PRO C 327 -4.18 49.50 33.62
N GLU C 328 -5.32 49.21 34.25
CA GLU C 328 -5.36 48.35 35.43
C GLU C 328 -4.95 46.91 35.09
N VAL C 329 -5.47 46.39 33.97
CA VAL C 329 -5.07 45.07 33.52
C VAL C 329 -3.58 45.01 33.17
N TRP C 330 -3.03 46.08 32.60
CA TRP C 330 -1.59 46.14 32.39
C TRP C 330 -0.83 46.02 33.73
N ALA C 331 -1.22 46.82 34.71
CA ALA C 331 -0.57 46.76 36.02
C ALA C 331 -0.74 45.41 36.73
N GLU C 332 -1.91 44.79 36.58
CA GLU C 332 -2.16 43.44 37.13
C GLU C 332 -1.19 42.41 36.53
N ILE C 333 -1.06 42.42 35.21
CA ILE C 333 -0.22 41.44 34.53
C ILE C 333 1.25 41.68 34.81
N VAL C 334 1.71 42.92 34.63
CA VAL C 334 3.11 43.27 34.86
C VAL C 334 3.47 43.13 36.35
N GLY C 335 2.63 43.69 37.21
CA GLY C 335 2.83 43.69 38.66
C GLY C 335 2.91 42.31 39.26
N THR C 336 2.03 41.42 38.79
CA THR C 336 2.06 40.04 39.27
C THR C 336 3.41 39.39 38.94
N GLU C 337 3.90 39.59 37.72
CA GLU C 337 5.20 39.04 37.35
C GLU C 337 6.34 39.68 38.13
N LEU C 338 6.29 41.00 38.34
CA LEU C 338 7.38 41.69 39.04
C LEU C 338 7.46 41.23 40.50
N ILE C 339 6.32 41.08 41.14
CA ILE C 339 6.24 40.75 42.57
C ILE C 339 6.53 39.26 42.81
N HIS C 340 6.04 38.39 41.94
CA HIS C 340 6.14 36.92 42.14
C HIS C 340 7.29 36.20 41.42
N ARG C 341 7.99 36.88 40.53
CA ARG C 341 9.10 36.26 39.77
C ARG C 341 10.36 37.11 39.78
N VAL C 342 10.22 38.37 39.41
CA VAL C 342 11.37 39.24 39.25
C VAL C 342 11.96 39.64 40.60
N LEU C 343 11.16 40.23 41.48
CA LEU C 343 11.68 40.75 42.76
C LEU C 343 12.32 39.69 43.64
N PRO C 344 11.70 38.50 43.76
CA PRO C 344 12.36 37.44 44.51
C PRO C 344 13.78 37.12 44.04
N GLU C 345 14.04 37.30 42.74
CA GLU C 345 15.36 37.04 42.15
C GLU C 345 16.36 38.20 42.32
N VAL C 346 15.89 39.45 42.22
CA VAL C 346 16.78 40.60 42.10
C VAL C 346 16.70 41.64 43.24
N ALA C 347 15.91 41.37 44.27
CA ALA C 347 15.60 42.36 45.32
C ALA C 347 16.84 43.02 45.93
N GLU C 348 17.85 42.22 46.21
CA GLU C 348 19.07 42.71 46.86
C GLU C 348 20.07 43.37 45.90
N LEU C 349 19.84 43.22 44.60
CA LEU C 349 20.73 43.77 43.57
C LEU C 349 20.32 45.16 43.05
N VAL C 350 19.11 45.60 43.42
CA VAL C 350 18.55 46.89 42.96
C VAL C 350 18.52 47.90 44.08
N ILE C 351 18.54 49.18 43.73
CA ILE C 351 18.48 50.24 44.75
C ILE C 351 17.13 50.21 45.47
N ALA C 352 17.13 50.65 46.72
CA ALA C 352 15.91 50.63 47.54
C ALA C 352 14.71 51.32 46.85
N SER C 353 14.97 52.45 46.19
CA SER C 353 13.90 53.21 45.54
C SER C 353 13.24 52.44 44.39
N GLU C 354 14.01 51.56 43.74
CA GLU C 354 13.46 50.73 42.66
C GLU C 354 12.54 49.65 43.26
N ARG C 355 13.07 48.91 44.24
CA ARG C 355 12.30 47.89 44.96
C ARG C 355 11.00 48.47 45.48
N MET C 356 11.09 49.61 46.14
CA MET C 356 9.94 50.23 46.80
C MET C 356 8.98 50.88 45.82
N HIS C 357 9.46 51.34 44.66
CA HIS C 357 8.54 51.73 43.61
C HIS C 357 7.69 50.54 43.16
N ILE C 358 8.31 49.39 42.96
CA ILE C 358 7.60 48.19 42.51
C ILE C 358 6.61 47.74 43.60
N VAL C 359 7.07 47.63 44.84
CA VAL C 359 6.19 47.27 45.96
C VAL C 359 5.05 48.27 46.14
N ASP C 360 5.37 49.57 46.19
CA ASP C 360 4.36 50.57 46.48
C ASP C 360 3.33 50.71 45.35
N MET C 361 3.79 50.73 44.10
CA MET C 361 2.86 50.95 42.98
C MET C 361 2.30 49.64 42.45
N PHE C 362 3.16 48.76 41.95
CA PHE C 362 2.64 47.50 41.38
C PHE C 362 2.01 46.60 42.45
N GLY C 363 2.47 46.72 43.70
CA GLY C 363 1.78 46.04 44.82
C GLY C 363 0.31 46.35 44.99
N ALA C 364 -0.13 47.54 44.55
CA ALA C 364 -1.55 47.91 44.58
C ALA C 364 -2.43 47.13 43.60
N TYR C 365 -1.82 46.61 42.52
CA TYR C 365 -2.54 45.97 41.41
C TYR C 365 -2.25 44.48 41.24
N GLU C 366 -1.11 44.00 41.72
CA GLU C 366 -0.73 42.58 41.57
C GLU C 366 -1.82 41.66 42.13
N LEU C 367 -2.00 40.51 41.49
CA LEU C 367 -3.18 39.66 41.70
C LEU C 367 -2.99 38.58 42.75
N GLY C 368 -1.84 38.58 43.42
CA GLY C 368 -1.49 37.53 44.36
C GLY C 368 -0.88 36.34 43.66
N ALA C 369 -0.77 35.25 44.41
CA ALA C 369 -0.02 34.09 43.96
C ALA C 369 -0.83 33.07 43.16
N ASP C 370 -2.16 33.21 43.12
CA ASP C 370 -3.03 32.20 42.48
C ASP C 370 -2.99 32.37 40.95
N VAL C 371 -2.54 31.32 40.26
CA VAL C 371 -2.44 31.35 38.80
C VAL C 371 -3.80 31.64 38.14
N GLY C 372 -4.89 31.21 38.79
CA GLY C 372 -6.25 31.42 38.26
C GLY C 372 -6.57 32.89 38.08
N ALA C 373 -6.06 33.73 38.97
CA ALA C 373 -6.23 35.18 38.86
C ALA C 373 -5.48 35.77 37.66
N TYR C 374 -4.25 35.29 37.45
CA TYR C 374 -3.40 35.73 36.34
C TYR C 374 -4.02 35.34 35.02
N LEU C 375 -4.50 34.09 34.94
CA LEU C 375 -5.19 33.63 33.74
C LEU C 375 -6.45 34.45 33.42
N THR C 376 -7.21 34.81 34.45
CA THR C 376 -8.40 35.64 34.27
C THR C 376 -8.03 37.02 33.71
N ALA C 377 -6.94 37.57 34.21
CA ALA C 377 -6.47 38.88 33.73
C ALA C 377 -6.03 38.79 32.24
N LEU C 378 -5.40 37.69 31.88
CA LEU C 378 -4.98 37.50 30.49
C LEU C 378 -6.21 37.44 29.55
N GLU C 379 -7.30 36.84 30.03
CA GLU C 379 -8.56 36.80 29.25
C GLU C 379 -9.14 38.20 29.10
N GLU C 380 -9.11 38.97 30.18
CA GLU C 380 -9.59 40.35 30.11
C GLU C 380 -8.79 41.20 29.14
N ARG C 381 -7.47 41.03 29.15
CA ARG C 381 -6.60 41.66 28.14
C ARG C 381 -7.10 41.38 26.72
N SER C 382 -7.39 40.12 26.43
CA SER C 382 -7.86 39.79 25.06
C SER C 382 -9.20 40.44 24.76
N SER C 383 -10.10 40.46 25.75
CA SER C 383 -11.41 41.10 25.61
C SER C 383 -11.32 42.60 25.29
N ILE C 384 -10.47 43.30 26.04
CA ILE C 384 -10.23 44.73 25.81
C ILE C 384 -9.59 44.93 24.43
N GLN C 385 -8.64 44.07 24.09
CA GLN C 385 -7.95 44.17 22.80
C GLN C 385 -8.93 44.03 21.62
N MET C 386 -9.86 43.08 21.74
CA MET C 386 -10.90 42.87 20.74
C MET C 386 -11.79 44.10 20.59
N THR C 387 -12.21 44.66 21.72
CA THR C 387 -13.06 45.87 21.70
C THR C 387 -12.38 47.06 21.01
N VAL C 388 -11.11 47.27 21.34
CA VAL C 388 -10.37 48.41 20.79
C VAL C 388 -10.01 48.19 19.31
N ALA C 389 -9.66 46.96 18.95
CA ALA C 389 -9.36 46.67 17.54
C ALA C 389 -10.60 46.93 16.67
N ALA C 390 -11.78 46.53 17.16
CA ALA C 390 -13.02 46.75 16.39
C ALA C 390 -13.30 48.24 16.23
N LEU C 391 -13.16 49.01 17.30
CA LEU C 391 -13.41 50.45 17.22
C LEU C 391 -12.34 51.20 16.39
N MET C 392 -11.12 50.70 16.37
CA MET C 392 -10.06 51.32 15.57
C MET C 392 -10.15 51.04 14.07
N GLU C 393 -11.05 50.17 13.64
CA GLU C 393 -11.42 50.12 12.23
C GLU C 393 -12.12 51.41 11.81
N ARG C 394 -12.85 52.01 12.74
CA ARG C 394 -13.49 53.30 12.53
C ARG C 394 -12.56 54.48 12.89
N TYR C 395 -11.86 54.37 14.02
CA TYR C 395 -10.96 55.45 14.47
C TYR C 395 -9.55 54.92 14.42
N GLN C 396 -8.89 55.12 13.29
CA GLN C 396 -7.58 54.49 13.06
C GLN C 396 -6.45 55.14 13.85
N LEU C 397 -6.71 56.33 14.38
CA LEU C 397 -5.79 57.02 15.29
C LEU C 397 -6.53 57.41 16.56
N ILE C 398 -5.82 57.31 17.69
CA ILE C 398 -6.31 57.83 18.98
C ILE C 398 -5.32 58.90 19.47
N LEU C 399 -5.84 60.10 19.71
CA LEU C 399 -5.06 61.19 20.25
C LEU C 399 -5.25 61.16 21.78
N ALA C 400 -4.17 61.18 22.55
CA ALA C 400 -4.26 61.07 24.00
C ALA C 400 -3.13 61.81 24.67
N PRO C 401 -3.35 62.23 25.91
CA PRO C 401 -2.19 62.62 26.73
C PRO C 401 -1.22 61.46 26.86
N VAL C 402 0.03 61.80 27.13
CA VAL C 402 0.99 60.85 27.64
C VAL C 402 0.78 60.91 29.16
N ALA C 403 1.62 61.66 29.88
CA ALA C 403 1.48 61.81 31.33
C ALA C 403 0.40 62.83 31.65
N GLY C 404 -0.18 62.69 32.84
CA GLY C 404 -1.21 63.64 33.31
C GLY C 404 -0.67 64.95 33.89
N MET C 405 0.65 65.09 33.90
CA MET C 405 1.33 66.26 34.46
C MET C 405 2.62 66.50 33.71
N PRO C 406 3.10 67.75 33.68
CA PRO C 406 4.43 68.00 33.16
C PRO C 406 5.50 67.39 34.07
N ALA C 407 6.73 67.37 33.58
CA ALA C 407 7.84 66.68 34.26
C ALA C 407 7.86 67.01 35.75
N PRO C 408 7.66 65.98 36.59
CA PRO C 408 7.63 66.29 38.03
C PRO C 408 9.02 66.43 38.64
N PRO C 409 9.09 66.84 39.92
CA PRO C 409 10.41 66.95 40.57
C PRO C 409 11.16 65.63 40.56
N LEU C 410 12.48 65.70 40.68
CA LEU C 410 13.33 64.52 40.52
C LEU C 410 13.01 63.33 41.43
N ASP C 411 12.51 63.61 42.64
CA ASP C 411 12.26 62.54 43.61
C ASP C 411 10.79 62.15 43.72
N PHE C 412 10.01 62.40 42.65
CA PHE C 412 8.55 62.29 42.68
C PHE C 412 8.02 60.89 43.05
N ASP C 413 8.80 59.86 42.77
CA ASP C 413 8.39 58.47 42.96
C ASP C 413 9.32 57.70 43.89
N ASP C 414 10.06 58.43 44.73
CA ASP C 414 11.05 57.81 45.63
C ASP C 414 10.47 57.59 47.03
N HIS C 415 10.20 56.32 47.38
CA HIS C 415 9.61 55.92 48.68
C HIS C 415 8.40 56.76 49.06
N ILE C 416 7.44 56.85 48.15
CA ILE C 416 6.27 57.68 48.35
C ILE C 416 5.09 56.94 48.99
N GLY C 417 5.16 55.61 49.10
CA GLY C 417 4.11 54.81 49.70
C GLY C 417 2.97 54.43 48.78
N ARG C 418 2.08 53.59 49.30
CA ARG C 418 0.97 53.01 48.53
C ARG C 418 -0.03 54.03 48.00
N GLU C 419 -0.56 54.86 48.89
CA GLU C 419 -1.59 55.84 48.51
C GLU C 419 -1.10 56.82 47.43
N ALA C 420 0.09 57.35 47.63
CA ALA C 420 0.67 58.29 46.66
C ALA C 420 1.03 57.57 45.36
N SER C 421 1.39 56.30 45.45
CA SER C 421 1.70 55.52 44.23
C SER C 421 0.47 55.26 43.38
N ILE C 422 -0.66 55.02 44.02
CA ILE C 422 -1.95 54.91 43.31
C ILE C 422 -2.28 56.23 42.64
N ALA C 423 -2.10 57.35 43.34
CA ALA C 423 -2.31 58.67 42.76
C ALA C 423 -1.38 58.90 41.52
N LEU C 424 -0.12 58.52 41.63
CA LEU C 424 0.81 58.56 40.48
C LEU C 424 0.31 57.70 39.32
N PHE C 425 -0.05 56.45 39.62
CA PHE C 425 -0.57 55.56 38.59
C PHE C 425 -1.77 56.20 37.88
N ASP C 426 -2.66 56.83 38.65
CA ASP C 426 -3.82 57.52 38.11
C ASP C 426 -3.49 58.66 37.16
N GLN C 427 -2.41 59.38 37.44
CA GLN C 427 -1.92 60.41 36.54
C GLN C 427 -1.35 59.84 35.23
N MET C 428 -0.94 58.57 35.25
CA MET C 428 -0.27 57.98 34.10
C MET C 428 -1.15 57.03 33.30
N ARG C 429 -2.45 57.01 33.59
CA ARG C 429 -3.38 56.04 32.98
C ARG C 429 -3.54 56.13 31.46
N CYS C 430 -3.10 57.22 30.83
CA CYS C 430 -3.12 57.30 29.37
C CYS C 430 -1.90 56.65 28.73
N VAL C 431 -0.98 56.12 29.52
CA VAL C 431 0.29 55.59 28.99
C VAL C 431 0.26 54.07 28.68
N PRO C 432 0.01 53.22 29.70
CA PRO C 432 0.32 51.80 29.52
C PRO C 432 -0.74 50.94 28.81
N TRP C 433 -1.93 51.47 28.57
CA TRP C 433 -2.95 50.75 27.76
C TRP C 433 -2.39 50.51 26.35
N VAL C 434 -1.55 51.43 25.88
CA VAL C 434 -0.92 51.32 24.56
C VAL C 434 -0.06 50.04 24.50
N ASN C 435 0.70 49.80 25.57
CA ASN C 435 1.53 48.60 25.67
C ASN C 435 0.68 47.35 25.77
N LEU C 436 -0.34 47.40 26.63
CA LEU C 436 -1.23 46.26 26.82
C LEU C 436 -1.77 45.73 25.48
N LEU C 437 -2.15 46.65 24.61
CA LEU C 437 -2.80 46.27 23.37
C LEU C 437 -1.86 46.14 22.20
N GLY C 438 -0.56 46.36 22.43
CA GLY C 438 0.44 46.20 21.38
C GLY C 438 0.34 47.19 20.22
N LEU C 439 0.20 48.48 20.54
CA LEU C 439 0.00 49.50 19.54
C LEU C 439 1.17 50.48 19.40
N PRO C 440 1.54 50.85 18.16
CA PRO C 440 2.53 51.90 17.98
C PRO C 440 1.96 53.25 18.38
N SER C 441 2.83 54.17 18.80
CA SER C 441 2.41 55.47 19.24
C SER C 441 3.56 56.48 19.19
N LEU C 442 3.29 57.67 18.67
CA LEU C 442 4.25 58.76 18.62
C LEU C 442 3.94 59.76 19.73
N ALA C 443 4.90 59.94 20.65
CA ALA C 443 4.82 60.99 21.65
C ALA C 443 5.43 62.28 21.10
N LEU C 444 4.65 63.34 21.26
CA LEU C 444 5.03 64.67 20.79
C LEU C 444 5.70 65.44 21.93
N PRO C 445 6.52 66.47 21.59
CA PRO C 445 7.22 67.27 22.61
C PRO C 445 6.34 67.99 23.61
N ASN C 446 5.05 68.13 23.33
CA ASN C 446 4.11 68.79 24.24
C ASN C 446 3.38 67.82 25.18
N GLY C 447 3.79 66.55 25.20
CA GLY C 447 3.15 65.57 26.10
C GLY C 447 1.86 64.94 25.66
N ILE C 448 1.57 65.02 24.36
CA ILE C 448 0.42 64.37 23.73
C ILE C 448 0.96 63.32 22.77
N GLN C 449 0.22 62.24 22.59
CA GLN C 449 0.62 61.14 21.74
C GLN C 449 -0.45 60.80 20.69
N LEU C 450 0.01 60.26 19.57
CA LEU C 450 -0.82 59.72 18.49
C LEU C 450 -0.64 58.20 18.42
N VAL C 451 -1.68 57.47 18.80
CA VAL C 451 -1.67 56.01 18.84
C VAL C 451 -2.33 55.49 17.57
N GLY C 452 -1.71 54.51 16.93
CA GLY C 452 -2.27 53.92 15.70
C GLY C 452 -2.45 52.43 15.88
N ARG C 453 -2.97 51.78 14.83
CA ARG C 453 -3.13 50.34 14.84
C ARG C 453 -1.79 49.63 14.60
N LYS C 454 -1.76 48.35 14.93
CA LYS C 454 -0.67 47.49 14.49
C LYS C 454 -0.39 47.68 12.98
N HIS C 455 0.88 47.82 12.64
CA HIS C 455 1.41 47.96 11.28
C HIS C 455 1.21 49.32 10.60
N ASP C 456 0.56 50.27 11.27
CA ASP C 456 0.22 51.56 10.68
C ASP C 456 1.15 52.69 11.12
N GLU C 457 2.43 52.37 11.35
CA GLU C 457 3.41 53.39 11.78
C GLU C 457 3.45 54.63 10.90
N LEU C 458 3.37 54.46 9.57
CA LEU C 458 3.53 55.63 8.68
C LEU C 458 2.32 56.56 8.76
N THR C 459 1.13 56.01 9.01
CA THR C 459 -0.06 56.83 9.28
C THR C 459 0.15 57.75 10.51
N ILE C 460 0.73 57.19 11.56
CA ILE C 460 1.01 57.93 12.79
C ILE C 460 1.97 59.07 12.52
N LEU C 461 3.07 58.78 11.82
CA LEU C 461 4.08 59.81 11.52
C LEU C 461 3.50 60.93 10.64
N ALA C 462 2.69 60.56 9.65
CA ALA C 462 1.97 61.58 8.85
C ALA C 462 1.13 62.52 9.70
N ALA C 463 0.33 61.96 10.61
CA ALA C 463 -0.47 62.77 11.54
C ALA C 463 0.38 63.65 12.44
N GLY C 464 1.52 63.11 12.87
CA GLY C 464 2.48 63.86 13.69
C GLY C 464 2.91 65.14 13.00
N ARG C 465 2.99 65.13 11.67
CA ARG C 465 3.42 66.31 10.92
C ARG C 465 2.41 67.46 11.00
N ALA C 466 1.14 67.15 11.28
CA ALA C 466 0.15 68.17 11.56
C ALA C 466 0.53 69.02 12.76
N TYR C 467 1.08 68.36 13.80
CA TYR C 467 1.65 69.06 14.95
C TYR C 467 2.94 69.77 14.55
N GLU C 468 3.86 69.05 13.90
CA GLU C 468 5.17 69.60 13.57
C GLU C 468 5.09 70.86 12.71
N ARG C 469 4.14 70.90 11.77
CA ARG C 469 3.95 72.05 10.90
C ARG C 469 3.43 73.30 11.63
N ARG C 470 2.88 73.13 12.82
CA ARG C 470 2.27 74.23 13.58
C ARG C 470 2.94 74.66 14.87
N ALA C 471 3.49 73.70 15.59
CA ALA C 471 4.12 73.99 16.89
C ALA C 471 5.50 74.60 16.67
N PRO C 472 6.03 75.33 17.67
CA PRO C 472 7.41 75.81 17.52
C PRO C 472 8.36 74.62 17.33
N ARG C 473 9.41 74.81 16.52
CA ARG C 473 10.45 73.82 16.31
C ARG C 473 11.09 73.46 17.66
N VAL C 474 11.38 72.17 17.86
CA VAL C 474 12.12 71.74 19.04
C VAL C 474 13.50 72.38 18.99
N GLU C 475 13.88 73.03 20.08
CA GLU C 475 15.25 73.54 20.26
C GLU C 475 15.91 72.80 21.42
N ILE C 476 17.23 72.63 21.30
CA ILE C 476 17.99 71.97 22.37
C ILE C 476 18.05 72.85 23.62
N ALA C 477 18.13 72.21 24.77
CA ALA C 477 18.31 72.88 26.05
C ALA C 477 19.79 73.00 26.39
N THR C 478 20.15 74.09 27.07
CA THR C 478 21.47 74.23 27.64
C THR C 478 21.31 74.05 29.14
N PRO C 479 21.73 72.88 29.68
CA PRO C 479 21.56 72.63 31.12
C PRO C 479 22.29 73.65 31.98
N ALA C 480 21.58 74.18 32.98
CA ALA C 480 22.19 75.15 33.89
C ALA C 480 21.43 75.14 35.22
N ILE C 481 22.18 75.25 36.31
CA ILE C 481 21.59 75.30 37.66
C ILE C 481 20.78 76.59 37.84
N GLU D 25 24.87 -73.50 -24.79
CA GLU D 25 25.30 -72.18 -25.31
C GLU D 25 24.54 -71.08 -24.56
N THR D 26 25.15 -69.91 -24.50
CA THR D 26 24.57 -68.78 -23.76
C THR D 26 23.37 -68.18 -24.48
N THR D 27 23.23 -68.47 -25.78
CA THR D 27 22.05 -68.08 -26.55
C THR D 27 20.73 -68.68 -26.06
N ARG D 28 20.81 -69.78 -25.29
CA ARG D 28 19.63 -70.43 -24.69
C ARG D 28 19.26 -69.92 -23.31
N LEU D 29 20.14 -69.10 -22.71
CA LEU D 29 20.08 -68.79 -21.30
C LEU D 29 19.40 -67.46 -21.04
N THR D 30 18.89 -67.32 -19.83
CA THR D 30 18.35 -66.04 -19.36
C THR D 30 19.50 -65.14 -18.92
N ALA D 31 19.20 -63.86 -18.67
CA ALA D 31 20.19 -62.91 -18.17
C ALA D 31 20.86 -63.38 -16.89
N THR D 32 20.07 -63.88 -15.93
CA THR D 32 20.62 -64.35 -14.67
C THR D 32 21.60 -65.50 -14.91
N GLU D 33 21.22 -66.44 -15.77
CA GLU D 33 22.06 -67.60 -16.10
C GLU D 33 23.35 -67.22 -16.82
N ILE D 34 23.27 -66.26 -17.75
CA ILE D 34 24.50 -65.75 -18.41
C ILE D 34 25.45 -65.13 -17.38
N ARG D 35 24.90 -64.29 -16.52
CA ARG D 35 25.69 -63.62 -15.50
C ARG D 35 26.31 -64.60 -14.49
N ALA D 36 25.59 -65.67 -14.16
CA ALA D 36 26.14 -66.72 -13.29
C ALA D 36 27.39 -67.36 -13.91
N ARG D 37 27.33 -67.63 -15.22
CA ARG D 37 28.48 -68.16 -15.94
C ARG D 37 29.67 -67.22 -15.92
N ILE D 38 29.42 -65.93 -16.12
CA ILE D 38 30.49 -64.95 -16.09
C ILE D 38 31.10 -64.88 -14.69
N SER D 39 30.25 -64.81 -13.67
CA SER D 39 30.67 -64.80 -12.26
C SER D 39 31.53 -66.02 -11.90
N GLU D 40 31.13 -67.19 -12.39
CA GLU D 40 31.85 -68.43 -12.09
C GLU D 40 33.15 -68.60 -12.88
N GLY D 41 33.37 -67.77 -13.89
CA GLY D 41 34.53 -67.89 -14.74
C GLY D 41 34.34 -68.91 -15.85
N ALA D 42 33.12 -69.35 -16.06
CA ALA D 42 32.79 -70.32 -17.11
C ALA D 42 32.68 -69.68 -18.50
N ALA D 43 32.43 -68.37 -18.55
CA ALA D 43 32.33 -67.64 -19.81
C ALA D 43 32.82 -66.21 -19.64
N SER D 44 33.41 -65.66 -20.69
CA SER D 44 33.70 -64.23 -20.76
C SER D 44 32.57 -63.52 -21.50
N ARG D 45 32.49 -62.22 -21.31
CA ARG D 45 31.52 -61.41 -22.06
C ARG D 45 31.77 -61.49 -23.54
N GLU D 46 33.05 -61.49 -23.91
CA GLU D 46 33.45 -61.66 -25.31
C GLU D 46 32.87 -62.96 -25.92
N GLU D 47 33.00 -64.05 -25.18
N GLU D 47 33.00 -64.05 -25.17
CA GLU D 47 32.46 -65.35 -25.62
CA GLU D 47 32.46 -65.34 -25.60
C GLU D 47 30.93 -65.32 -25.72
C GLU D 47 30.93 -65.32 -25.72
N VAL D 48 30.26 -64.67 -24.77
CA VAL D 48 28.79 -64.51 -24.82
C VAL D 48 28.39 -63.78 -26.11
N VAL D 49 29.03 -62.65 -26.36
CA VAL D 49 28.73 -61.85 -27.55
C VAL D 49 29.06 -62.61 -28.83
N HIS D 50 30.21 -63.29 -28.85
CA HIS D 50 30.59 -64.10 -30.00
C HIS D 50 29.55 -65.17 -30.32
N GLU D 51 29.07 -65.86 -29.30
CA GLU D 51 28.06 -66.91 -29.47
C GLU D 51 26.80 -66.36 -30.10
N HIS D 52 26.35 -65.19 -29.64
CA HIS D 52 25.16 -64.56 -30.20
C HIS D 52 25.37 -64.08 -31.63
N LEU D 53 26.50 -63.43 -31.89
CA LEU D 53 26.82 -62.98 -33.25
C LEU D 53 26.94 -64.14 -34.25
N ASP D 54 27.54 -65.24 -33.80
CA ASP D 54 27.67 -66.44 -34.64
C ASP D 54 26.31 -67.04 -34.96
N ARG D 55 25.40 -67.02 -33.99
CA ARG D 55 24.05 -67.49 -34.22
C ARG D 55 23.28 -66.56 -35.17
N ILE D 56 23.44 -65.26 -35.00
CA ILE D 56 22.89 -64.28 -35.94
C ILE D 56 23.46 -64.56 -37.35
N ASP D 57 24.76 -64.78 -37.43
CA ASP D 57 25.37 -65.03 -38.75
C ASP D 57 24.78 -66.28 -39.42
N GLU D 58 24.50 -67.30 -38.61
CA GLU D 58 24.01 -68.58 -39.11
C GLU D 58 22.53 -68.55 -39.54
N PHE D 59 21.69 -67.78 -38.84
CA PHE D 59 20.24 -67.84 -39.04
C PHE D 59 19.52 -66.54 -39.40
N ASN D 60 20.17 -65.39 -39.30
CA ASN D 60 19.48 -64.10 -39.55
C ASN D 60 19.04 -63.90 -40.99
N ALA D 61 19.66 -64.62 -41.93
CA ALA D 61 19.18 -64.59 -43.32
C ALA D 61 17.75 -65.15 -43.43
N LEU D 62 17.37 -66.05 -42.53
CA LEU D 62 16.03 -66.63 -42.51
C LEU D 62 15.00 -65.73 -41.83
N THR D 63 15.32 -65.25 -40.63
CA THR D 63 14.38 -64.38 -39.87
C THR D 63 14.37 -62.94 -40.32
N ASN D 64 15.51 -62.43 -40.79
CA ASN D 64 15.63 -61.04 -41.20
C ASN D 64 15.19 -60.07 -40.07
N SER D 65 15.61 -60.42 -38.87
CA SER D 65 15.12 -59.75 -37.67
C SER D 65 16.13 -58.73 -37.09
N PHE D 66 17.42 -58.99 -37.24
CA PHE D 66 18.45 -57.99 -36.96
C PHE D 66 18.78 -57.27 -38.27
N VAL D 67 18.45 -55.99 -38.35
CA VAL D 67 18.58 -55.25 -39.63
C VAL D 67 19.82 -54.40 -39.74
N GLU D 68 20.43 -54.08 -38.60
CA GLU D 68 21.68 -53.35 -38.58
C GLU D 68 22.46 -53.80 -37.37
N LEU D 69 23.67 -54.31 -37.59
CA LEU D 69 24.53 -54.74 -36.48
C LEU D 69 25.63 -53.75 -36.14
N ARG D 70 26.08 -53.80 -34.89
CA ARG D 70 27.28 -53.09 -34.42
C ARG D 70 28.24 -54.11 -33.82
N ALA D 71 28.56 -55.12 -34.63
CA ALA D 71 29.34 -56.26 -34.16
C ALA D 71 30.70 -55.86 -33.61
N ASP D 72 31.47 -55.09 -34.37
CA ASP D 72 32.80 -54.68 -33.91
C ASP D 72 32.73 -53.88 -32.63
N GLN D 73 31.76 -52.97 -32.56
CA GLN D 73 31.61 -52.06 -31.45
C GLN D 73 31.19 -52.77 -30.16
N VAL D 74 30.25 -53.71 -30.28
CA VAL D 74 29.76 -54.43 -29.11
C VAL D 74 30.83 -55.39 -28.58
N LEU D 75 31.62 -55.97 -29.48
CA LEU D 75 32.75 -56.83 -29.05
C LEU D 75 33.81 -56.01 -28.32
N GLU D 76 34.06 -54.78 -28.79
CA GLU D 76 34.90 -53.82 -28.08
C GLU D 76 34.43 -53.60 -26.64
N GLU D 77 33.12 -53.37 -26.48
CA GLU D 77 32.52 -53.17 -25.16
C GLU D 77 32.70 -54.40 -24.24
N ALA D 78 32.46 -55.58 -24.82
CA ALA D 78 32.59 -56.84 -24.09
C ALA D 78 34.03 -57.07 -23.64
N ARG D 79 34.97 -56.90 -24.56
CA ARG D 79 36.38 -57.12 -24.24
C ARG D 79 36.89 -56.13 -23.19
N ALA D 80 36.47 -54.87 -23.28
CA ALA D 80 36.79 -53.84 -22.30
C ALA D 80 36.34 -54.20 -20.88
N ALA D 81 35.11 -54.69 -20.80
CA ALA D 81 34.53 -55.09 -19.54
C ALA D 81 35.21 -56.35 -18.97
N ASP D 82 35.54 -57.29 -19.85
CA ASP D 82 36.31 -58.47 -19.46
C ASP D 82 37.63 -58.04 -18.82
N ARG D 83 38.32 -57.10 -19.46
CA ARG D 83 39.60 -56.64 -18.94
C ARG D 83 39.47 -55.89 -17.63
N GLU D 84 38.54 -54.96 -17.55
CA GLU D 84 38.37 -54.13 -16.36
C GLU D 84 37.79 -54.91 -15.17
N PHE D 85 36.80 -55.77 -15.42
CA PHE D 85 36.06 -56.47 -14.35
C PHE D 85 36.36 -57.96 -14.19
N GLY D 86 36.76 -58.64 -15.27
CA GLY D 86 36.92 -60.08 -15.24
C GLY D 86 35.63 -60.79 -14.84
N SER D 87 35.73 -61.71 -13.89
CA SER D 87 34.56 -62.44 -13.40
C SER D 87 33.69 -61.64 -12.39
N THR D 88 34.11 -60.43 -12.01
CA THR D 88 33.30 -59.55 -11.18
C THR D 88 32.25 -58.88 -12.06
N LEU D 89 31.00 -58.87 -11.62
CA LEU D 89 29.94 -58.25 -12.41
C LEU D 89 29.90 -56.76 -12.11
N GLY D 90 29.79 -55.94 -13.15
CA GLY D 90 29.61 -54.51 -13.03
C GLY D 90 28.15 -54.23 -12.69
N GLY D 91 27.47 -53.54 -13.58
CA GLY D 91 26.11 -53.14 -13.36
C GLY D 91 25.15 -54.31 -13.52
N PRO D 92 23.85 -54.07 -13.32
CA PRO D 92 22.88 -55.17 -13.29
C PRO D 92 22.55 -55.84 -14.63
N LEU D 93 23.01 -55.25 -15.75
CA LEU D 93 22.86 -55.83 -17.08
C LEU D 93 24.19 -56.20 -17.76
N ASP D 94 25.29 -56.13 -16.99
CA ASP D 94 26.61 -56.50 -17.46
C ASP D 94 26.55 -57.92 -17.99
N GLY D 95 27.06 -58.10 -19.21
CA GLY D 95 27.15 -59.40 -19.86
C GLY D 95 25.95 -59.80 -20.70
N VAL D 96 24.95 -58.92 -20.82
CA VAL D 96 23.67 -59.34 -21.41
C VAL D 96 23.48 -58.71 -22.78
N PRO D 97 23.45 -59.53 -23.84
CA PRO D 97 23.21 -59.01 -25.18
C PRO D 97 21.77 -58.55 -25.44
N LEU D 98 21.64 -57.40 -26.08
CA LEU D 98 20.36 -56.75 -26.33
C LEU D 98 20.03 -56.53 -27.78
N SER D 99 18.73 -56.59 -28.07
CA SER D 99 18.14 -56.14 -29.31
C SER D 99 17.37 -54.86 -29.02
N ILE D 100 17.50 -53.87 -29.90
CA ILE D 100 16.78 -52.61 -29.76
C ILE D 100 16.01 -52.32 -31.03
N LYS D 101 14.74 -51.97 -30.89
CA LYS D 101 13.90 -51.62 -32.06
C LYS D 101 14.51 -50.43 -32.80
N ASP D 102 14.48 -50.49 -34.12
CA ASP D 102 14.96 -49.39 -35.00
C ASP D 102 14.55 -47.99 -34.49
N SER D 103 13.33 -47.87 -33.99
CA SER D 103 12.75 -46.59 -33.52
C SER D 103 13.48 -45.92 -32.37
N TYR D 104 14.22 -46.68 -31.57
CA TYR D 104 14.88 -46.16 -30.37
C TYR D 104 16.35 -45.94 -30.66
N SER D 105 16.78 -44.69 -30.50
CA SER D 105 18.14 -44.30 -30.85
C SER D 105 19.18 -45.07 -30.04
N VAL D 106 20.19 -45.52 -30.76
CA VAL D 106 21.40 -46.09 -30.22
C VAL D 106 22.54 -45.27 -30.87
N ALA D 107 23.42 -44.70 -30.05
CA ALA D 107 24.49 -43.84 -30.58
C ALA D 107 25.32 -44.67 -31.55
N GLY D 108 25.44 -44.18 -32.78
CA GLY D 108 26.23 -44.87 -33.81
C GLY D 108 25.43 -45.75 -34.74
N LEU D 109 24.13 -45.95 -34.47
CA LEU D 109 23.25 -46.67 -35.39
C LEU D 109 22.32 -45.74 -36.13
N HIS D 110 21.84 -46.22 -37.27
CA HIS D 110 20.86 -45.51 -38.05
C HIS D 110 19.46 -45.74 -37.46
N ARG D 111 18.59 -44.77 -37.67
CA ARG D 111 17.19 -44.83 -37.24
C ARG D 111 16.34 -44.45 -38.43
N THR D 112 15.67 -45.44 -39.01
CA THR D 112 15.07 -45.31 -40.33
C THR D 112 13.55 -45.31 -40.42
N ASP D 113 12.87 -45.85 -39.41
CA ASP D 113 11.43 -46.14 -39.49
C ASP D 113 11.09 -47.08 -40.66
N GLY D 114 12.09 -47.83 -41.12
CA GLY D 114 11.96 -48.72 -42.27
C GLY D 114 12.06 -48.07 -43.63
N LEU D 115 12.24 -46.74 -43.69
CA LEU D 115 12.03 -45.99 -44.93
C LEU D 115 13.35 -45.73 -45.63
N PRO D 116 13.44 -46.07 -46.92
CA PRO D 116 14.68 -45.77 -47.65
C PRO D 116 15.09 -44.28 -47.61
N VAL D 117 14.12 -43.37 -47.61
CA VAL D 117 14.40 -41.93 -47.47
C VAL D 117 15.19 -41.57 -46.19
N ASN D 118 15.06 -42.38 -45.14
CA ASN D 118 15.77 -42.16 -43.86
C ASN D 118 17.01 -43.03 -43.67
N ALA D 119 17.50 -43.64 -44.74
CA ALA D 119 18.62 -44.56 -44.65
C ALA D 119 19.92 -43.91 -44.12
N ASP D 120 20.04 -42.59 -44.27
CA ASP D 120 21.19 -41.81 -43.84
C ASP D 120 21.06 -41.14 -42.46
N VAL D 121 19.95 -41.37 -41.76
CA VAL D 121 19.79 -40.80 -40.42
C VAL D 121 20.65 -41.63 -39.47
N LEU D 122 21.71 -41.02 -38.91
CA LEU D 122 22.66 -41.68 -38.03
C LEU D 122 22.75 -40.90 -36.72
N ASP D 123 22.35 -41.54 -35.62
CA ASP D 123 22.23 -40.84 -34.36
C ASP D 123 23.54 -40.71 -33.61
N ALA D 124 23.80 -39.50 -33.11
CA ALA D 124 24.93 -39.25 -32.22
C ALA D 124 24.72 -39.72 -30.78
N GLN D 125 23.47 -39.80 -30.33
CA GLN D 125 23.20 -40.10 -28.92
C GLN D 125 22.17 -41.22 -28.75
N ASP D 126 22.25 -41.90 -27.63
CA ASP D 126 21.23 -42.89 -27.22
C ASP D 126 19.97 -42.15 -26.81
N ASP D 127 18.81 -42.78 -27.02
CA ASP D 127 17.58 -42.41 -26.29
C ASP D 127 17.83 -42.64 -24.82
N VAL D 128 17.05 -42.00 -23.95
CA VAL D 128 17.25 -42.17 -22.52
C VAL D 128 17.08 -43.64 -22.14
N ALA D 129 16.04 -44.26 -22.66
CA ALA D 129 15.78 -45.68 -22.31
C ALA D 129 16.95 -46.59 -22.69
N THR D 130 17.45 -46.41 -23.91
CA THR D 130 18.62 -47.16 -24.38
C THR D 130 19.86 -46.82 -23.56
N ALA D 131 20.07 -45.54 -23.26
CA ALA D 131 21.21 -45.12 -22.43
C ALA D 131 21.22 -45.82 -21.07
N ARG D 132 20.05 -45.97 -20.46
CA ARG D 132 19.98 -46.62 -19.15
C ARG D 132 20.34 -48.10 -19.25
N LEU D 133 19.86 -48.79 -20.27
CA LEU D 133 20.22 -50.20 -20.49
C LEU D 133 21.74 -50.36 -20.67
N ARG D 134 22.33 -49.46 -21.47
CA ARG D 134 23.76 -49.49 -21.75
C ARG D 134 24.60 -49.11 -20.52
N ALA D 135 24.17 -48.08 -19.79
CA ALA D 135 24.88 -47.66 -18.57
C ALA D 135 24.89 -48.78 -17.51
N ALA D 136 23.86 -49.63 -17.53
CA ALA D 136 23.77 -50.80 -16.66
C ALA D 136 24.64 -51.98 -17.09
N GLY D 137 25.26 -51.89 -18.26
CA GLY D 137 26.19 -52.89 -18.77
C GLY D 137 25.67 -53.68 -19.95
N GLY D 138 24.46 -53.34 -20.44
CA GLY D 138 23.87 -54.07 -21.53
C GLY D 138 24.66 -53.94 -22.82
N LEU D 139 24.72 -55.02 -23.59
CA LEU D 139 25.55 -55.07 -24.80
C LEU D 139 24.65 -55.05 -26.01
N VAL D 140 24.45 -53.87 -26.60
CA VAL D 140 23.53 -53.73 -27.72
C VAL D 140 24.18 -54.30 -29.00
N LEU D 141 23.57 -55.34 -29.55
CA LEU D 141 24.10 -56.00 -30.75
C LEU D 141 23.73 -55.27 -32.01
N GLY D 142 22.64 -54.51 -31.96
CA GLY D 142 22.11 -53.86 -33.16
C GLY D 142 20.67 -53.42 -33.07
N HIS D 143 20.16 -52.99 -34.20
CA HIS D 143 18.78 -52.53 -34.37
C HIS D 143 17.93 -53.63 -35.01
N ALA D 144 16.68 -53.72 -34.56
CA ALA D 144 15.78 -54.79 -34.99
C ALA D 144 14.74 -54.30 -35.99
N GLY D 145 14.30 -55.23 -36.83
CA GLY D 145 13.34 -54.97 -37.91
C GLY D 145 11.97 -54.52 -37.46
N ILE D 146 11.31 -53.79 -38.35
CA ILE D 146 10.07 -53.05 -38.05
C ILE D 146 9.25 -52.97 -39.32
N PRO D 147 7.98 -52.60 -39.21
CA PRO D 147 7.22 -52.17 -40.38
C PRO D 147 7.51 -50.72 -40.70
N ASP D 148 7.38 -50.33 -41.97
CA ASP D 148 7.35 -48.92 -42.38
C ASP D 148 6.44 -48.13 -41.45
N LEU D 149 6.97 -47.04 -40.89
CA LEU D 149 6.23 -46.16 -39.95
C LEU D 149 5.90 -46.75 -38.57
N CYS D 150 6.22 -48.03 -38.35
CA CYS D 150 5.79 -48.79 -37.18
C CYS D 150 4.26 -48.82 -36.97
N ILE D 151 3.51 -48.91 -38.07
CA ILE D 151 2.06 -48.97 -38.05
C ILE D 151 1.63 -50.23 -38.79
N ARG D 152 1.80 -51.37 -38.13
CA ARG D 152 1.34 -52.65 -38.69
C ARG D 152 1.60 -53.75 -37.67
N TRP D 153 0.79 -54.80 -37.70
CA TRP D 153 1.05 -56.00 -36.90
C TRP D 153 1.86 -57.03 -37.69
N ASN D 154 2.78 -56.54 -38.51
CA ASN D 154 3.56 -57.38 -39.42
C ASN D 154 4.76 -56.54 -39.80
N SER D 155 5.96 -57.01 -39.46
CA SER D 155 7.15 -56.17 -39.54
C SER D 155 7.81 -56.29 -40.91
N VAL D 156 7.26 -55.51 -41.85
CA VAL D 156 7.73 -55.47 -43.25
C VAL D 156 8.09 -54.03 -43.58
N SER D 157 9.33 -53.81 -44.02
CA SER D 157 9.79 -52.47 -44.36
C SER D 157 10.35 -52.38 -45.78
N GLY D 158 10.36 -51.16 -46.32
CA GLY D 158 10.93 -50.92 -47.65
C GLY D 158 12.42 -51.09 -47.67
N LEU D 159 13.07 -50.77 -46.55
CA LEU D 159 14.52 -50.82 -46.46
C LEU D 159 15.05 -52.23 -46.19
N TYR D 160 14.37 -52.98 -45.34
CA TYR D 160 14.87 -54.29 -44.90
C TYR D 160 14.06 -55.52 -45.29
N GLY D 161 12.85 -55.34 -45.81
CA GLY D 161 11.98 -56.46 -46.13
C GLY D 161 11.26 -57.01 -44.91
N ALA D 162 10.87 -58.29 -44.99
CA ALA D 162 9.99 -58.89 -43.98
C ALA D 162 10.72 -59.66 -42.89
N VAL D 163 10.31 -59.43 -41.64
CA VAL D 163 10.74 -60.24 -40.51
C VAL D 163 9.87 -61.51 -40.54
N ARG D 164 10.51 -62.65 -40.34
CA ARG D 164 9.81 -63.94 -40.28
C ARG D 164 9.91 -64.54 -38.90
N ASN D 165 8.85 -65.25 -38.51
CA ASN D 165 8.76 -65.83 -37.17
C ASN D 165 9.75 -66.99 -37.04
N PRO D 166 10.71 -66.91 -36.09
CA PRO D 166 11.68 -68.01 -35.96
C PRO D 166 11.07 -69.37 -35.58
N ARG D 167 9.90 -69.37 -34.95
CA ARG D 167 9.18 -70.60 -34.61
C ARG D 167 8.56 -71.29 -35.83
N ASP D 168 8.30 -70.53 -36.89
CA ASP D 168 7.72 -71.02 -38.14
C ASP D 168 7.87 -69.93 -39.18
N LEU D 169 8.86 -70.07 -40.06
CA LEU D 169 9.24 -69.01 -40.99
C LEU D 169 8.15 -68.62 -42.00
N SER D 170 7.10 -69.44 -42.13
CA SER D 170 5.93 -69.07 -42.94
C SER D 170 5.01 -68.03 -42.28
N ARG D 171 5.22 -67.75 -40.99
CA ARG D 171 4.37 -66.86 -40.23
C ARG D 171 4.95 -65.49 -40.02
N THR D 172 4.06 -64.52 -39.85
CA THR D 172 4.43 -63.20 -39.36
C THR D 172 5.11 -63.29 -37.99
N ALA D 173 6.05 -62.39 -37.74
CA ALA D 173 6.59 -62.17 -36.41
C ALA D 173 5.73 -61.18 -35.61
N GLY D 174 4.69 -60.65 -36.23
CA GLY D 174 3.92 -59.58 -35.67
C GLY D 174 4.63 -58.25 -35.83
N GLY D 175 4.05 -57.24 -35.21
CA GLY D 175 4.63 -55.92 -35.28
C GLY D 175 3.88 -54.98 -34.36
N SER D 176 4.38 -53.76 -34.19
N SER D 176 4.40 -53.77 -34.17
CA SER D 176 5.57 -53.23 -34.86
CA SER D 176 5.59 -53.25 -34.83
C SER D 176 6.94 -53.68 -34.34
C SER D 176 6.95 -53.74 -34.35
N SER D 177 7.02 -54.31 -33.16
CA SER D 177 8.31 -54.77 -32.61
C SER D 177 8.59 -56.23 -32.99
N GLY D 178 8.31 -56.59 -34.25
CA GLY D 178 8.49 -57.97 -34.70
C GLY D 178 9.92 -58.41 -34.71
N GLY D 179 10.83 -57.53 -35.12
CA GLY D 179 12.23 -57.85 -35.12
C GLY D 179 12.78 -58.20 -33.76
N ASP D 180 12.42 -57.38 -32.75
CA ASP D 180 12.88 -57.62 -31.39
C ASP D 180 12.34 -58.93 -30.84
N ALA D 181 11.04 -59.16 -31.05
CA ALA D 181 10.42 -60.44 -30.65
C ALA D 181 11.09 -61.65 -31.31
N ALA D 182 11.35 -61.54 -32.61
CA ALA D 182 12.02 -62.60 -33.37
C ALA D 182 13.44 -62.83 -32.87
N ASN D 183 14.18 -61.75 -32.60
CA ASN D 183 15.54 -61.88 -32.08
C ASN D 183 15.58 -62.62 -30.74
N VAL D 184 14.67 -62.28 -29.85
CA VAL D 184 14.60 -62.92 -28.54
C VAL D 184 14.16 -64.38 -28.70
N ALA D 185 13.19 -64.61 -29.56
CA ALA D 185 12.68 -65.98 -29.76
C ALA D 185 13.73 -66.90 -30.41
N ALA D 186 14.55 -66.35 -31.28
CA ALA D 186 15.60 -67.09 -31.99
C ALA D 186 16.92 -67.27 -31.19
N GLY D 187 16.99 -66.65 -30.02
CA GLY D 187 18.22 -66.63 -29.23
C GLY D 187 19.35 -65.81 -29.83
N PHE D 188 18.99 -64.78 -30.59
CA PHE D 188 19.95 -63.80 -31.11
C PHE D 188 20.32 -62.74 -30.09
N ALA D 189 19.47 -62.56 -29.07
CA ALA D 189 19.72 -61.62 -27.98
C ALA D 189 18.89 -62.11 -26.80
N THR D 190 19.24 -61.65 -25.61
CA THR D 190 18.56 -62.06 -24.39
C THR D 190 17.28 -61.25 -24.14
N ILE D 191 17.36 -59.95 -24.39
CA ILE D 191 16.28 -59.00 -24.11
C ILE D 191 16.18 -58.06 -25.30
N GLY D 192 14.94 -57.75 -25.71
CA GLY D 192 14.65 -56.75 -26.70
C GLY D 192 13.90 -55.57 -26.12
N LEU D 193 13.90 -54.47 -26.87
CA LEU D 193 13.22 -53.24 -26.48
C LEU D 193 12.29 -52.81 -27.59
N GLY D 194 11.01 -52.67 -27.24
CA GLY D 194 9.98 -52.23 -28.16
C GLY D 194 9.10 -51.12 -27.61
N GLY D 195 8.09 -50.79 -28.39
CA GLY D 195 7.10 -49.78 -28.00
C GLY D 195 5.75 -50.36 -28.30
N ASP D 196 4.70 -49.86 -27.64
CA ASP D 196 3.35 -50.40 -27.83
C ASP D 196 2.32 -49.26 -27.81
N LEU D 197 1.81 -48.93 -29.00
CA LEU D 197 0.71 -47.97 -29.26
C LEU D 197 -0.63 -48.62 -29.70
N GLY D 198 -0.53 -49.78 -30.32
CA GLY D 198 -1.67 -50.61 -30.74
C GLY D 198 -1.32 -52.08 -30.75
N GLY D 199 -0.46 -52.47 -29.83
CA GLY D 199 -0.05 -53.85 -29.64
C GLY D 199 1.38 -54.14 -30.07
N SER D 200 2.19 -53.10 -30.30
CA SER D 200 3.52 -53.30 -30.88
C SER D 200 4.50 -54.13 -30.04
N ILE D 201 4.26 -54.25 -28.73
CA ILE D 201 5.04 -55.14 -27.87
C ILE D 201 4.33 -56.49 -27.72
N ARG D 202 3.06 -56.42 -27.35
CA ARG D 202 2.29 -57.61 -26.96
C ARG D 202 2.04 -58.60 -28.11
N VAL D 203 1.68 -58.07 -29.26
CA VAL D 203 1.33 -58.89 -30.44
C VAL D 203 2.53 -59.68 -30.91
N PRO D 204 3.68 -59.02 -31.19
CA PRO D 204 4.81 -59.82 -31.64
C PRO D 204 5.40 -60.73 -30.58
N ALA D 205 5.41 -60.29 -29.31
CA ALA D 205 5.92 -61.14 -28.27
C ALA D 205 5.14 -62.45 -28.19
N SER D 206 3.81 -62.34 -28.16
CA SER D 206 2.97 -63.53 -28.05
C SER D 206 3.07 -64.40 -29.29
N TRP D 207 3.05 -63.79 -30.46
CA TRP D 207 3.13 -64.56 -31.72
C TRP D 207 4.48 -65.25 -31.90
N CYS D 208 5.54 -64.68 -31.34
CA CYS D 208 6.85 -65.34 -31.30
C CYS D 208 7.11 -66.23 -30.08
N GLY D 209 6.12 -66.40 -29.21
CA GLY D 209 6.23 -67.29 -28.07
C GLY D 209 7.25 -66.85 -27.04
N VAL D 210 7.27 -65.55 -26.74
CA VAL D 210 8.09 -64.99 -25.67
C VAL D 210 7.21 -64.01 -24.85
N TYR D 211 7.80 -63.40 -23.83
CA TYR D 211 7.10 -62.39 -23.00
C TYR D 211 7.34 -61.01 -23.56
N GLY D 212 6.30 -60.18 -23.50
CA GLY D 212 6.40 -58.78 -23.89
C GLY D 212 5.65 -57.94 -22.90
N PHE D 213 6.34 -56.96 -22.32
CA PHE D 213 5.74 -56.12 -21.26
C PHE D 213 5.57 -54.68 -21.72
N ARG D 214 4.32 -54.29 -21.96
CA ARG D 214 3.96 -52.90 -22.16
C ARG D 214 3.88 -52.23 -20.78
N THR D 215 4.84 -51.34 -20.50
CA THR D 215 4.82 -50.60 -19.24
C THR D 215 3.69 -49.58 -19.28
N GLY D 216 3.44 -48.93 -18.14
CA GLY D 216 2.34 -47.99 -18.01
C GLY D 216 2.79 -46.54 -17.89
N PRO D 217 1.83 -45.62 -17.88
CA PRO D 217 2.19 -44.21 -17.77
C PRO D 217 3.15 -43.90 -16.63
N GLY D 218 4.14 -43.06 -16.95
CA GLY D 218 5.05 -42.48 -15.98
C GLY D 218 6.38 -43.17 -15.75
N ARG D 219 6.47 -44.47 -16.04
CA ARG D 219 7.63 -45.26 -15.60
C ARG D 219 8.87 -44.99 -16.46
N ILE D 220 8.75 -45.30 -17.74
CA ILE D 220 9.90 -45.22 -18.66
C ILE D 220 9.74 -43.98 -19.51
N PRO D 221 10.72 -43.06 -19.47
CA PRO D 221 10.65 -41.88 -20.30
C PRO D 221 10.98 -42.16 -21.78
N ASP D 222 10.22 -41.52 -22.66
CA ASP D 222 10.49 -41.51 -24.11
C ASP D 222 11.20 -40.19 -24.44
N VAL D 223 12.52 -40.23 -24.47
CA VAL D 223 13.33 -39.05 -24.78
C VAL D 223 14.37 -39.39 -25.84
N ASN D 224 14.30 -38.65 -26.95
CA ASN D 224 15.21 -38.78 -28.08
C ASN D 224 15.97 -37.46 -28.22
N PRO D 225 17.20 -37.38 -27.70
CA PRO D 225 18.00 -36.15 -27.77
C PRO D 225 18.49 -35.80 -29.18
N ASN D 226 18.36 -36.71 -30.13
CA ASN D 226 18.69 -36.44 -31.53
C ASN D 226 17.63 -35.62 -32.24
N GLY D 227 16.47 -35.48 -31.62
CA GLY D 227 15.44 -34.54 -32.04
C GLY D 227 14.30 -35.26 -32.73
N GLY D 228 13.30 -35.61 -31.95
CA GLY D 228 12.06 -36.17 -32.48
C GLY D 228 11.05 -35.14 -32.98
N ARG D 229 10.15 -35.60 -33.84
CA ARG D 229 9.05 -34.82 -34.35
C ARG D 229 8.02 -34.65 -33.19
N SER D 230 7.43 -33.47 -33.06
CA SER D 230 6.51 -33.17 -31.95
C SER D 230 5.14 -33.85 -32.18
N ARG D 231 4.62 -34.50 -31.14
CA ARG D 231 3.45 -35.39 -31.30
C ARG D 231 2.18 -34.91 -30.61
N ASN D 232 1.06 -35.42 -31.12
CA ASN D 232 -0.25 -35.19 -30.55
C ASN D 232 -0.31 -35.89 -29.18
N VAL D 233 -0.66 -35.13 -28.14
CA VAL D 233 -0.81 -35.71 -26.79
C VAL D 233 -1.75 -36.93 -26.76
N VAL D 234 -2.79 -36.92 -27.57
CA VAL D 234 -3.75 -38.03 -27.62
C VAL D 234 -3.01 -39.32 -27.99
N MET D 235 -2.15 -39.27 -29.00
CA MET D 235 -1.37 -40.44 -29.40
C MET D 235 -0.34 -40.83 -28.34
N GLU D 236 0.31 -39.84 -27.76
CA GLU D 236 1.32 -40.06 -26.74
C GLU D 236 0.77 -40.74 -25.50
N LEU D 237 -0.45 -40.38 -25.13
CA LEU D 237 -1.12 -41.00 -23.99
C LEU D 237 -1.36 -42.50 -24.17
N MET D 238 -1.31 -42.99 -25.40
CA MET D 238 -1.58 -44.41 -25.71
C MET D 238 -0.33 -45.24 -25.95
N ALA D 239 0.85 -44.62 -25.88
CA ALA D 239 2.10 -45.30 -26.29
C ALA D 239 3.03 -45.46 -25.10
N GLN D 240 3.63 -46.64 -24.97
CA GLN D 240 4.59 -46.93 -23.91
C GLN D 240 5.72 -47.78 -24.42
N ILE D 241 6.87 -47.68 -23.76
CA ILE D 241 8.04 -48.48 -24.07
C ILE D 241 8.02 -49.74 -23.21
N GLY D 242 8.66 -50.81 -23.68
CA GLY D 242 8.82 -51.95 -22.84
C GLY D 242 9.69 -53.08 -23.35
N PRO D 243 10.12 -53.97 -22.45
CA PRO D 243 11.03 -55.04 -22.81
C PRO D 243 10.32 -56.31 -23.31
N ILE D 244 11.09 -57.11 -24.04
CA ILE D 244 10.68 -58.42 -24.53
C ILE D 244 11.77 -59.40 -24.10
N ALA D 245 11.39 -60.54 -23.52
CA ALA D 245 12.37 -61.46 -22.94
C ALA D 245 11.77 -62.87 -22.83
N ARG D 246 12.61 -63.82 -22.40
CA ARG D 246 12.22 -65.21 -22.29
C ARG D 246 11.88 -65.63 -20.87
N SER D 247 11.90 -64.70 -19.92
CA SER D 247 11.52 -64.95 -18.54
C SER D 247 11.05 -63.67 -17.89
N ILE D 248 10.26 -63.82 -16.83
CA ILE D 248 9.75 -62.67 -16.10
C ILE D 248 10.85 -61.97 -15.34
N ASP D 249 11.83 -62.70 -14.83
CA ASP D 249 12.97 -62.05 -14.20
C ASP D 249 13.70 -61.08 -15.15
N ASP D 250 13.87 -61.46 -16.41
CA ASP D 250 14.51 -60.56 -17.39
C ASP D 250 13.65 -59.35 -17.78
N ILE D 251 12.34 -59.59 -17.94
CA ILE D 251 11.37 -58.51 -18.08
C ILE D 251 11.52 -57.52 -16.94
N GLU D 252 11.47 -58.02 -15.71
CA GLU D 252 11.52 -57.14 -14.55
C GLU D 252 12.85 -56.38 -14.44
N LEU D 253 13.95 -57.07 -14.73
CA LEU D 253 15.28 -56.44 -14.69
C LEU D 253 15.37 -55.24 -15.64
N ALA D 254 14.98 -55.47 -16.90
CA ALA D 254 15.04 -54.42 -17.90
C ALA D 254 14.10 -53.27 -17.56
N PHE D 255 12.90 -53.62 -17.10
CA PHE D 255 11.90 -52.64 -16.67
C PHE D 255 12.44 -51.73 -15.57
N ARG D 256 12.99 -52.32 -14.53
CA ARG D 256 13.51 -51.55 -13.39
C ARG D 256 14.66 -50.63 -13.81
N ILE D 257 15.55 -51.12 -14.67
CA ILE D 257 16.66 -50.33 -15.15
C ILE D 257 16.21 -49.06 -15.90
N MET D 258 15.22 -49.22 -16.78
CA MET D 258 14.73 -48.12 -17.63
C MET D 258 13.82 -47.13 -16.91
N THR D 259 13.26 -47.52 -15.77
CA THR D 259 12.31 -46.69 -15.03
C THR D 259 13.03 -45.54 -14.29
N GLY D 260 12.46 -44.35 -14.39
CA GLY D 260 12.95 -43.18 -13.67
C GLY D 260 12.63 -41.90 -14.40
N VAL D 261 12.42 -40.83 -13.65
CA VAL D 261 11.91 -39.61 -14.26
C VAL D 261 12.95 -39.04 -15.24
N ASP D 262 12.46 -38.42 -16.31
CA ASP D 262 13.25 -37.49 -17.11
C ASP D 262 12.29 -36.42 -17.59
N ARG D 263 12.48 -35.20 -17.12
CA ARG D 263 11.48 -34.14 -17.36
C ARG D 263 11.45 -33.60 -18.81
N ARG D 264 12.31 -34.13 -19.68
CA ARG D 264 12.16 -33.93 -21.12
C ARG D 264 11.02 -34.75 -21.73
N ASP D 265 10.48 -35.69 -20.97
CA ASP D 265 9.25 -36.38 -21.34
C ASP D 265 8.16 -35.93 -20.36
N THR D 266 7.18 -35.22 -20.89
CA THR D 266 6.08 -34.68 -20.09
C THR D 266 5.26 -35.78 -19.38
N MET D 267 5.20 -36.96 -19.97
CA MET D 267 4.46 -38.11 -19.42
C MET D 267 5.25 -38.87 -18.36
N SER D 268 6.54 -38.59 -18.26
CA SER D 268 7.42 -39.22 -17.27
C SER D 268 7.05 -38.72 -15.86
N SER D 269 7.14 -39.61 -14.88
CA SER D 269 6.86 -39.28 -13.47
C SER D 269 7.99 -39.74 -12.50
N PRO D 270 8.23 -38.97 -11.43
CA PRO D 270 9.17 -39.39 -10.39
C PRO D 270 8.59 -40.42 -9.43
N LEU D 271 7.31 -40.76 -9.59
CA LEU D 271 6.69 -41.79 -8.77
C LEU D 271 7.46 -43.09 -8.85
N GLY D 272 7.69 -43.70 -7.69
CA GLY D 272 8.42 -44.95 -7.60
C GLY D 272 7.54 -46.12 -7.95
N LEU D 273 8.12 -47.32 -7.93
CA LEU D 273 7.32 -48.50 -8.22
C LEU D 273 6.43 -48.83 -7.02
N ILE D 274 5.25 -49.38 -7.29
CA ILE D 274 4.30 -49.71 -6.26
C ILE D 274 4.38 -51.21 -6.05
N GLU D 275 4.46 -51.63 -4.79
CA GLU D 275 4.59 -53.05 -4.49
C GLU D 275 3.36 -53.83 -4.95
N PRO D 276 3.52 -55.13 -5.24
CA PRO D 276 2.38 -55.91 -5.72
C PRO D 276 1.23 -55.92 -4.72
N ILE D 277 0.02 -55.75 -5.23
CA ILE D 277 -1.20 -55.81 -4.44
C ILE D 277 -1.30 -57.23 -3.86
N GLU D 278 -1.80 -57.33 -2.64
CA GLU D 278 -2.11 -58.64 -2.06
C GLU D 278 -3.49 -59.03 -2.55
N ALA D 279 -3.60 -60.24 -3.10
CA ALA D 279 -4.87 -60.81 -3.54
C ALA D 279 -5.72 -59.90 -4.44
N PRO D 280 -5.14 -59.44 -5.56
CA PRO D 280 -5.98 -58.75 -6.53
C PRO D 280 -6.99 -59.73 -7.15
N ARG D 281 -8.16 -59.22 -7.45
CA ARG D 281 -9.22 -59.98 -8.11
C ARG D 281 -9.01 -59.78 -9.61
N VAL D 282 -9.21 -60.85 -10.36
CA VAL D 282 -8.97 -60.86 -11.81
C VAL D 282 -10.29 -61.01 -12.54
N ALA D 283 -10.58 -60.09 -13.47
CA ALA D 283 -11.75 -60.22 -14.37
C ALA D 283 -11.28 -60.78 -15.68
N VAL D 284 -12.04 -61.71 -16.25
CA VAL D 284 -11.74 -62.25 -17.57
C VAL D 284 -12.45 -61.46 -18.65
N LEU D 285 -11.67 -60.96 -19.62
CA LEU D 285 -12.20 -60.43 -20.87
C LEU D 285 -12.09 -61.55 -21.91
N ARG D 286 -13.21 -61.95 -22.48
CA ARG D 286 -13.22 -62.96 -23.53
C ARG D 286 -13.88 -62.31 -24.76
N HIS D 287 -15.20 -62.15 -24.75
CA HIS D 287 -15.94 -61.59 -25.90
C HIS D 287 -16.45 -60.18 -25.70
N GLU D 288 -16.16 -59.58 -24.54
CA GLU D 288 -16.77 -58.29 -24.20
C GLU D 288 -16.30 -57.10 -25.03
N THR D 289 -15.19 -57.22 -25.77
CA THR D 289 -14.80 -56.18 -26.75
C THR D 289 -15.21 -56.53 -28.19
N GLY D 290 -15.97 -57.62 -28.33
CA GLY D 290 -16.46 -58.08 -29.63
C GLY D 290 -15.48 -58.94 -30.42
N ALA D 291 -14.41 -59.42 -29.78
CA ALA D 291 -13.36 -60.14 -30.48
C ALA D 291 -13.83 -61.47 -31.04
N VAL D 292 -13.31 -61.83 -32.20
CA VAL D 292 -13.55 -63.13 -32.85
C VAL D 292 -12.34 -64.02 -32.56
N LEU D 293 -12.53 -65.02 -31.72
CA LEU D 293 -11.44 -65.82 -31.19
C LEU D 293 -11.46 -67.23 -31.77
N ASP D 294 -10.27 -67.72 -32.13
CA ASP D 294 -10.12 -69.13 -32.50
C ASP D 294 -10.32 -70.00 -31.28
N SER D 295 -10.76 -71.25 -31.49
CA SER D 295 -10.86 -72.22 -30.40
C SER D 295 -9.58 -72.38 -29.60
N SER D 296 -8.43 -72.37 -30.28
CA SER D 296 -7.13 -72.54 -29.63
C SER D 296 -6.86 -71.41 -28.64
N VAL D 297 -7.33 -70.21 -28.97
CA VAL D 297 -7.16 -69.03 -28.14
C VAL D 297 -8.10 -69.11 -26.92
N GLU D 298 -9.35 -69.53 -27.16
CA GLU D 298 -10.31 -69.75 -26.09
C GLU D 298 -9.72 -70.76 -25.09
N GLU D 299 -9.08 -71.82 -25.60
CA GLU D 299 -8.47 -72.87 -24.75
C GLU D 299 -7.26 -72.37 -23.96
N GLN D 300 -6.43 -71.52 -24.57
CA GLN D 300 -5.32 -70.89 -23.85
C GLN D 300 -5.80 -69.96 -22.76
N LEU D 301 -6.88 -69.22 -23.02
CA LEU D 301 -7.47 -68.37 -21.99
C LEU D 301 -7.98 -69.22 -20.79
N ASP D 302 -8.71 -70.30 -21.10
CA ASP D 302 -9.17 -71.26 -20.08
C ASP D 302 -8.01 -71.81 -19.25
N ALA D 303 -6.93 -72.23 -19.93
CA ALA D 303 -5.74 -72.74 -19.25
C ALA D 303 -5.13 -71.70 -18.33
N THR D 304 -5.02 -70.46 -18.80
CA THR D 304 -4.40 -69.42 -17.99
C THR D 304 -5.27 -69.04 -16.80
N ILE D 305 -6.58 -69.01 -17.00
CA ILE D 305 -7.51 -68.86 -15.89
C ILE D 305 -7.15 -69.87 -14.80
N GLU D 306 -7.00 -71.14 -15.16
CA GLU D 306 -6.75 -72.18 -14.14
C GLU D 306 -5.37 -72.14 -13.50
N MET D 307 -4.36 -71.67 -14.24
CA MET D 307 -3.06 -71.39 -13.65
C MET D 307 -3.12 -70.33 -12.54
N LEU D 308 -3.87 -69.25 -12.80
CA LEU D 308 -4.07 -68.19 -11.82
C LEU D 308 -4.88 -68.68 -10.61
N ARG D 309 -5.96 -69.41 -10.88
CA ARG D 309 -6.76 -69.99 -9.77
C ARG D 309 -5.92 -70.92 -8.88
N ALA D 310 -5.11 -71.78 -9.49
CA ALA D 310 -4.27 -72.71 -8.75
C ALA D 310 -3.22 -71.98 -7.90
N GLU D 311 -2.75 -70.82 -8.39
CA GLU D 311 -1.86 -69.97 -7.60
C GLU D 311 -2.57 -69.32 -6.40
N GLY D 312 -3.89 -69.16 -6.51
CA GLY D 312 -4.71 -68.62 -5.41
C GLY D 312 -5.48 -67.35 -5.74
N TYR D 313 -5.35 -66.85 -6.97
CA TYR D 313 -6.12 -65.71 -7.44
C TYR D 313 -7.60 -66.07 -7.60
N VAL D 314 -8.47 -65.16 -7.18
CA VAL D 314 -9.86 -65.18 -7.55
C VAL D 314 -9.99 -64.61 -8.96
N VAL D 315 -10.54 -65.42 -9.86
CA VAL D 315 -10.67 -65.11 -11.29
C VAL D 315 -12.15 -65.27 -11.66
N GLU D 316 -12.79 -64.19 -12.10
CA GLU D 316 -14.20 -64.19 -12.44
C GLU D 316 -14.49 -63.91 -13.92
N GLU D 317 -15.34 -64.74 -14.50
CA GLU D 317 -15.82 -64.54 -15.86
C GLU D 317 -17.16 -63.81 -15.87
N ASN D 318 -17.47 -63.17 -16.99
CA ASN D 318 -18.76 -62.53 -17.22
C ASN D 318 -19.10 -61.44 -16.22
N VAL D 319 -18.11 -60.62 -15.91
CA VAL D 319 -18.29 -59.49 -14.99
C VAL D 319 -18.11 -58.12 -15.64
N LEU D 320 -17.51 -58.08 -16.83
CA LEU D 320 -17.30 -56.83 -17.55
C LEU D 320 -18.52 -56.43 -18.39
N PRO D 321 -18.77 -55.13 -18.53
CA PRO D 321 -19.84 -54.66 -19.39
C PRO D 321 -19.48 -54.79 -20.87
N ASP D 322 -20.43 -54.41 -21.71
CA ASP D 322 -20.23 -54.41 -23.15
C ASP D 322 -19.24 -53.31 -23.51
N LEU D 323 -18.03 -53.71 -23.92
CA LEU D 323 -16.94 -52.79 -24.24
C LEU D 323 -16.52 -52.85 -25.72
N HIS D 324 -17.45 -53.24 -26.60
CA HIS D 324 -17.13 -53.32 -28.05
C HIS D 324 -16.70 -51.98 -28.63
N ARG D 325 -17.19 -50.88 -28.04
CA ARG D 325 -16.77 -49.56 -28.47
C ARG D 325 -15.30 -49.24 -28.17
N ALA D 326 -14.69 -49.86 -27.16
CA ALA D 326 -13.31 -49.51 -26.78
C ALA D 326 -12.31 -49.66 -27.95
N PRO D 327 -12.19 -50.87 -28.55
CA PRO D 327 -11.29 -50.96 -29.71
C PRO D 327 -11.70 -50.08 -30.88
N GLU D 328 -13.01 -49.88 -31.10
CA GLU D 328 -13.50 -49.03 -32.19
C GLU D 328 -13.10 -47.57 -32.00
N VAL D 329 -13.23 -47.07 -30.79
CA VAL D 329 -12.84 -45.71 -30.48
C VAL D 329 -11.33 -45.51 -30.70
N TRP D 330 -10.52 -46.52 -30.34
CA TRP D 330 -9.09 -46.47 -30.64
C TRP D 330 -8.86 -46.30 -32.14
N ALA D 331 -9.49 -47.18 -32.93
CA ALA D 331 -9.37 -47.13 -34.40
C ALA D 331 -9.87 -45.82 -35.00
N GLU D 332 -10.96 -45.27 -34.45
CA GLU D 332 -11.47 -43.97 -34.88
C GLU D 332 -10.47 -42.84 -34.66
N ILE D 333 -9.91 -42.78 -33.46
CA ILE D 333 -8.96 -41.75 -33.08
C ILE D 333 -7.65 -41.89 -33.87
N VAL D 334 -7.06 -43.09 -33.86
CA VAL D 334 -5.80 -43.33 -34.57
C VAL D 334 -6.00 -43.22 -36.09
N GLY D 335 -7.05 -43.87 -36.58
CA GLY D 335 -7.38 -43.90 -38.01
C GLY D 335 -7.57 -42.51 -38.59
N THR D 336 -8.30 -41.66 -37.86
CA THR D 336 -8.54 -40.31 -38.30
C THR D 336 -7.24 -39.52 -38.50
N GLU D 337 -6.29 -39.65 -37.57
CA GLU D 337 -5.02 -38.97 -37.71
C GLU D 337 -4.19 -39.59 -38.84
N LEU D 338 -4.22 -40.91 -38.96
CA LEU D 338 -3.46 -41.59 -40.02
C LEU D 338 -3.93 -41.23 -41.41
N ILE D 339 -5.24 -41.21 -41.61
CA ILE D 339 -5.83 -40.95 -42.94
C ILE D 339 -5.72 -39.47 -43.32
N HIS D 340 -5.91 -38.57 -42.35
CA HIS D 340 -6.02 -37.13 -42.63
C HIS D 340 -4.75 -36.31 -42.41
N ARG D 341 -3.79 -36.85 -41.66
CA ARG D 341 -2.53 -36.12 -41.43
C ARG D 341 -1.28 -36.88 -41.86
N VAL D 342 -1.15 -38.13 -41.41
CA VAL D 342 0.07 -38.88 -41.64
C VAL D 342 0.18 -39.32 -43.10
N LEU D 343 -0.80 -40.11 -43.56
CA LEU D 343 -0.72 -40.69 -44.91
C LEU D 343 -0.44 -39.66 -46.03
N PRO D 344 -1.14 -38.50 -46.03
CA PRO D 344 -0.86 -37.47 -47.04
C PRO D 344 0.61 -37.06 -47.16
N GLU D 345 1.34 -37.06 -46.05
CA GLU D 345 2.75 -36.69 -46.06
C GLU D 345 3.70 -37.83 -46.47
N VAL D 346 3.34 -39.08 -46.18
CA VAL D 346 4.29 -40.20 -46.37
C VAL D 346 3.87 -41.28 -47.38
N ALA D 347 2.72 -41.12 -48.04
CA ALA D 347 2.15 -42.16 -48.89
C ALA D 347 3.15 -42.66 -49.97
N GLU D 348 3.94 -41.74 -50.52
CA GLU D 348 4.93 -42.05 -51.55
C GLU D 348 6.24 -42.67 -50.98
N LEU D 349 6.42 -42.59 -49.66
CA LEU D 349 7.64 -43.04 -48.99
C LEU D 349 7.53 -44.46 -48.41
N VAL D 350 6.32 -44.99 -48.34
CA VAL D 350 6.10 -46.31 -47.73
C VAL D 350 5.80 -47.36 -48.78
N ILE D 351 6.04 -48.63 -48.44
CA ILE D 351 5.71 -49.73 -49.35
C ILE D 351 4.19 -49.81 -49.54
N ALA D 352 3.79 -50.28 -50.71
CA ALA D 352 2.37 -50.32 -51.08
C ALA D 352 1.52 -51.08 -50.04
N SER D 353 2.07 -52.15 -49.48
CA SER D 353 1.32 -52.98 -48.54
C SER D 353 1.08 -52.24 -47.20
N GLU D 354 1.99 -51.34 -46.83
CA GLU D 354 1.80 -50.50 -45.65
C GLU D 354 0.68 -49.49 -45.92
N ARG D 355 0.77 -48.78 -47.05
CA ARG D 355 -0.25 -47.83 -47.48
C ARG D 355 -1.62 -48.50 -47.53
N MET D 356 -1.70 -49.67 -48.15
CA MET D 356 -2.99 -50.35 -48.31
C MET D 356 -3.53 -50.94 -47.01
N HIS D 357 -2.67 -51.32 -46.09
CA HIS D 357 -3.13 -51.72 -44.76
C HIS D 357 -3.83 -50.57 -44.04
N ILE D 358 -3.23 -49.39 -44.12
CA ILE D 358 -3.80 -48.21 -43.49
C ILE D 358 -5.15 -47.87 -44.12
N VAL D 359 -5.17 -47.80 -45.45
CA VAL D 359 -6.40 -47.49 -46.18
C VAL D 359 -7.47 -48.58 -45.94
N ASP D 360 -7.09 -49.84 -46.08
CA ASP D 360 -8.06 -50.93 -45.99
C ASP D 360 -8.63 -51.07 -44.58
N MET D 361 -7.78 -51.02 -43.56
CA MET D 361 -8.26 -51.23 -42.18
C MET D 361 -8.68 -49.94 -41.51
N PHE D 362 -7.76 -48.98 -41.38
CA PHE D 362 -8.12 -47.73 -40.67
C PHE D 362 -9.15 -46.90 -41.45
N GLY D 363 -9.17 -47.05 -42.77
CA GLY D 363 -10.24 -46.46 -43.61
C GLY D 363 -11.66 -46.83 -43.20
N ALA D 364 -11.84 -48.03 -42.64
CA ALA D 364 -13.15 -48.49 -42.17
C ALA D 364 -13.66 -47.78 -40.92
N TYR D 365 -12.74 -47.22 -40.13
CA TYR D 365 -13.06 -46.61 -38.83
C TYR D 365 -12.83 -45.11 -38.75
N GLU D 366 -11.97 -44.55 -39.60
CA GLU D 366 -11.67 -43.12 -39.58
C GLU D 366 -12.96 -42.27 -39.70
N LEU D 367 -12.95 -41.11 -39.05
CA LEU D 367 -14.18 -40.36 -38.78
C LEU D 367 -14.51 -39.31 -39.82
N GLY D 368 -13.70 -39.19 -40.86
CA GLY D 368 -13.83 -38.10 -41.81
C GLY D 368 -13.10 -36.86 -41.34
N ALA D 369 -13.30 -35.78 -42.09
CA ALA D 369 -12.50 -34.58 -41.90
C ALA D 369 -13.08 -33.58 -40.89
N ASP D 370 -14.30 -33.81 -40.38
CA ASP D 370 -14.97 -32.85 -39.49
C ASP D 370 -14.46 -33.02 -38.05
N VAL D 371 -13.91 -31.94 -37.51
CA VAL D 371 -13.35 -31.94 -36.14
C VAL D 371 -14.38 -32.33 -35.09
N GLY D 372 -15.66 -32.00 -35.33
CA GLY D 372 -16.72 -32.38 -34.41
C GLY D 372 -16.82 -33.88 -34.14
N ALA D 373 -16.59 -34.68 -35.17
CA ALA D 373 -16.57 -36.14 -35.01
C ALA D 373 -15.39 -36.59 -34.15
N TYR D 374 -14.22 -36.00 -34.39
CA TYR D 374 -13.01 -36.35 -33.62
C TYR D 374 -13.19 -35.96 -32.15
N LEU D 375 -13.77 -34.78 -31.91
CA LEU D 375 -14.04 -34.35 -30.54
C LEU D 375 -14.99 -35.29 -29.80
N THR D 376 -16.05 -35.71 -30.48
CA THR D 376 -17.00 -36.68 -29.94
C THR D 376 -16.33 -38.01 -29.57
N ALA D 377 -15.41 -38.47 -30.39
CA ALA D 377 -14.68 -39.72 -30.13
C ALA D 377 -13.77 -39.56 -28.90
N LEU D 378 -13.15 -38.40 -28.76
CA LEU D 378 -12.32 -38.12 -27.55
C LEU D 378 -13.15 -38.13 -26.27
N GLU D 379 -14.36 -37.57 -26.33
CA GLU D 379 -15.27 -37.61 -25.21
C GLU D 379 -15.68 -39.05 -24.88
N GLU D 380 -15.95 -39.86 -25.89
CA GLU D 380 -16.28 -41.25 -25.67
C GLU D 380 -15.11 -42.05 -25.07
N ARG D 381 -13.89 -41.75 -25.51
CA ARG D 381 -12.70 -42.35 -24.88
C ARG D 381 -12.69 -42.09 -23.37
N SER D 382 -12.93 -40.84 -22.97
CA SER D 382 -12.94 -40.53 -21.53
C SER D 382 -14.06 -41.27 -20.79
N SER D 383 -15.24 -41.37 -21.42
CA SER D 383 -16.36 -42.09 -20.83
C SER D 383 -16.03 -43.56 -20.55
N ILE D 384 -15.43 -44.22 -21.55
CA ILE D 384 -15.03 -45.62 -21.43
C ILE D 384 -13.94 -45.75 -20.34
N GLN D 385 -13.00 -44.82 -20.36
CA GLN D 385 -11.91 -44.86 -19.40
C GLN D 385 -12.41 -44.74 -17.96
N MET D 386 -13.40 -43.87 -17.75
CA MET D 386 -14.04 -43.69 -16.43
C MET D 386 -14.75 -44.97 -15.98
N THR D 387 -15.48 -45.61 -16.89
CA THR D 387 -16.16 -46.86 -16.60
C THR D 387 -15.20 -47.95 -16.21
N VAL D 388 -14.14 -48.13 -16.99
CA VAL D 388 -13.15 -49.17 -16.73
C VAL D 388 -12.33 -48.87 -15.46
N ALA D 389 -11.95 -47.62 -15.24
CA ALA D 389 -11.22 -47.26 -14.00
C ALA D 389 -12.04 -47.60 -12.75
N ALA D 390 -13.33 -47.26 -12.77
CA ALA D 390 -14.20 -47.59 -11.63
C ALA D 390 -14.26 -49.10 -11.40
N LEU D 391 -14.40 -49.84 -12.49
CA LEU D 391 -14.47 -51.30 -12.45
C LEU D 391 -13.19 -51.95 -11.92
N MET D 392 -12.04 -51.38 -12.31
CA MET D 392 -10.75 -51.93 -11.93
C MET D 392 -10.35 -51.60 -10.49
N GLU D 393 -11.14 -50.78 -9.80
CA GLU D 393 -11.04 -50.72 -8.34
C GLU D 393 -11.44 -52.03 -7.69
N ARG D 394 -12.34 -52.78 -8.32
CA ARG D 394 -12.71 -54.13 -7.89
C ARG D 394 -11.87 -55.21 -8.56
N TYR D 395 -11.70 -55.12 -9.88
CA TYR D 395 -10.91 -56.10 -10.64
C TYR D 395 -9.62 -55.47 -11.08
N GLN D 396 -8.58 -55.58 -10.26
CA GLN D 396 -7.34 -54.83 -10.47
C GLN D 396 -6.49 -55.42 -11.61
N LEU D 397 -6.78 -56.66 -11.99
CA LEU D 397 -6.22 -57.29 -13.18
C LEU D 397 -7.33 -57.76 -14.12
N ILE D 398 -7.07 -57.63 -15.42
CA ILE D 398 -7.94 -58.18 -16.45
C ILE D 398 -7.08 -59.16 -17.26
N LEU D 399 -7.56 -60.40 -17.33
CA LEU D 399 -6.93 -61.45 -18.12
C LEU D 399 -7.68 -61.50 -19.43
N ALA D 400 -6.93 -61.43 -20.53
CA ALA D 400 -7.52 -61.35 -21.87
C ALA D 400 -6.65 -62.04 -22.93
N PRO D 401 -7.28 -62.50 -24.01
CA PRO D 401 -6.44 -62.80 -25.17
C PRO D 401 -5.63 -61.58 -25.61
N VAL D 402 -4.54 -61.82 -26.31
CA VAL D 402 -3.90 -60.79 -27.13
C VAL D 402 -4.61 -60.89 -28.47
N ALA D 403 -4.04 -61.60 -29.43
CA ALA D 403 -4.68 -61.80 -30.72
C ALA D 403 -5.74 -62.89 -30.66
N GLY D 404 -6.67 -62.85 -31.59
CA GLY D 404 -7.74 -63.87 -31.68
C GLY D 404 -7.34 -65.13 -32.41
N MET D 405 -6.07 -65.18 -32.84
CA MET D 405 -5.52 -66.31 -33.57
C MET D 405 -4.04 -66.43 -33.29
N PRO D 406 -3.49 -67.66 -33.43
CA PRO D 406 -2.04 -67.82 -33.32
C PRO D 406 -1.39 -67.18 -34.53
N ALA D 407 -0.08 -66.99 -34.45
CA ALA D 407 0.70 -66.26 -35.46
C ALA D 407 0.24 -66.65 -36.88
N PRO D 408 -0.34 -65.71 -37.60
CA PRO D 408 -0.94 -66.04 -38.91
C PRO D 408 0.11 -66.10 -40.03
N PRO D 409 -0.29 -66.58 -41.22
CA PRO D 409 0.66 -66.59 -42.33
C PRO D 409 1.13 -65.18 -42.68
N LEU D 410 2.32 -65.09 -43.26
CA LEU D 410 2.96 -63.81 -43.54
C LEU D 410 2.10 -62.79 -44.30
N ASP D 411 1.25 -63.25 -45.23
CA ASP D 411 0.44 -62.32 -46.03
C ASP D 411 -0.94 -62.01 -45.46
N PHE D 412 -1.16 -62.30 -44.18
CA PHE D 412 -2.48 -62.18 -43.56
C PHE D 412 -3.09 -60.78 -43.67
N ASP D 413 -2.24 -59.75 -43.73
CA ASP D 413 -2.68 -58.37 -43.82
C ASP D 413 -2.16 -57.65 -45.08
N ASP D 414 -1.79 -58.42 -46.10
CA ASP D 414 -1.12 -57.89 -47.29
C ASP D 414 -2.08 -57.82 -48.47
N HIS D 415 -2.46 -56.60 -48.86
CA HIS D 415 -3.42 -56.36 -49.95
C HIS D 415 -4.69 -57.21 -49.82
N ILE D 416 -5.33 -57.11 -48.65
CA ILE D 416 -6.48 -57.98 -48.34
C ILE D 416 -7.84 -57.31 -48.58
N GLY D 417 -7.86 -55.99 -48.69
CA GLY D 417 -9.08 -55.25 -48.94
C GLY D 417 -9.85 -54.92 -47.67
N ARG D 418 -10.92 -54.17 -47.85
CA ARG D 418 -11.70 -53.59 -46.75
C ARG D 418 -12.40 -54.63 -45.89
N GLU D 419 -13.15 -55.51 -46.51
CA GLU D 419 -13.94 -56.49 -45.73
C GLU D 419 -13.05 -57.44 -44.94
N ALA D 420 -11.99 -57.93 -45.56
CA ALA D 420 -11.03 -58.77 -44.87
C ALA D 420 -10.31 -58.01 -43.76
N SER D 421 -10.12 -56.70 -43.95
CA SER D 421 -9.46 -55.88 -42.93
C SER D 421 -10.35 -55.66 -41.71
N ILE D 422 -11.66 -55.53 -41.92
CA ILE D 422 -12.62 -55.50 -40.82
C ILE D 422 -12.60 -56.82 -40.05
N ALA D 423 -12.58 -57.94 -40.78
CA ALA D 423 -12.48 -59.25 -40.13
C ALA D 423 -11.20 -59.36 -39.29
N LEU D 424 -10.07 -58.88 -39.84
CA LEU D 424 -8.80 -58.90 -39.10
C LEU D 424 -8.91 -58.04 -37.84
N PHE D 425 -9.45 -56.84 -37.99
CA PHE D 425 -9.62 -55.96 -36.83
C PHE D 425 -10.45 -56.66 -35.75
N ASP D 426 -11.51 -57.34 -36.14
CA ASP D 426 -12.35 -58.08 -35.18
C ASP D 426 -11.60 -59.17 -34.45
N GLN D 427 -10.61 -59.80 -35.10
CA GLN D 427 -9.77 -60.80 -34.44
C GLN D 427 -8.83 -60.17 -33.42
N MET D 428 -8.54 -58.88 -33.58
CA MET D 428 -7.57 -58.18 -32.76
C MET D 428 -8.20 -57.28 -31.72
N ARG D 429 -9.50 -57.39 -31.50
CA ARG D 429 -10.23 -56.48 -30.59
C ARG D 429 -9.84 -56.57 -29.12
N CYS D 430 -9.11 -57.60 -28.71
CA CYS D 430 -8.63 -57.65 -27.33
C CYS D 430 -7.32 -56.90 -27.14
N VAL D 431 -6.76 -56.33 -28.19
CA VAL D 431 -5.45 -55.67 -28.14
C VAL D 431 -5.50 -54.16 -27.83
N PRO D 432 -6.16 -53.33 -28.67
CA PRO D 432 -5.91 -51.88 -28.62
C PRO D 432 -6.68 -51.10 -27.58
N TRP D 433 -7.67 -51.72 -26.92
CA TRP D 433 -8.37 -51.10 -25.80
C TRP D 433 -7.40 -50.78 -24.67
N VAL D 434 -6.36 -51.60 -24.54
CA VAL D 434 -5.31 -51.41 -23.55
C VAL D 434 -4.61 -50.06 -23.80
N ASN D 435 -4.30 -49.77 -25.06
CA ASN D 435 -3.66 -48.50 -25.43
C ASN D 435 -4.60 -47.34 -25.21
N LEU D 436 -5.84 -47.48 -25.67
CA LEU D 436 -6.84 -46.43 -25.51
C LEU D 436 -6.90 -45.93 -24.07
N LEU D 437 -6.87 -46.87 -23.13
CA LEU D 437 -7.07 -46.56 -21.71
C LEU D 437 -5.79 -46.32 -20.92
N GLY D 438 -4.64 -46.42 -21.58
CA GLY D 438 -3.34 -46.14 -20.97
C GLY D 438 -2.97 -47.10 -19.88
N LEU D 439 -3.12 -48.41 -20.13
CA LEU D 439 -2.92 -49.42 -19.11
C LEU D 439 -1.69 -50.28 -19.42
N PRO D 440 -0.88 -50.59 -18.40
CA PRO D 440 0.21 -51.58 -18.59
C PRO D 440 -0.34 -52.98 -18.78
N SER D 441 0.42 -53.82 -19.48
CA SER D 441 0.01 -55.19 -19.74
C SER D 441 1.16 -56.08 -20.11
N LEU D 442 1.16 -57.29 -19.55
CA LEU D 442 2.16 -58.31 -19.86
C LEU D 442 1.57 -59.35 -20.81
N ALA D 443 2.16 -59.48 -21.99
CA ALA D 443 1.79 -60.54 -22.91
C ALA D 443 2.62 -61.76 -22.59
N LEU D 444 1.95 -62.91 -22.50
CA LEU D 444 2.58 -64.18 -22.20
C LEU D 444 2.85 -64.94 -23.50
N PRO D 445 3.74 -65.92 -23.44
CA PRO D 445 4.10 -66.68 -24.62
C PRO D 445 2.96 -67.50 -25.29
N ASN D 446 1.87 -67.74 -24.57
CA ASN D 446 0.72 -68.44 -25.12
C ASN D 446 -0.35 -67.56 -25.75
N GLY D 447 -0.06 -66.27 -25.93
CA GLY D 447 -1.03 -65.36 -26.53
C GLY D 447 -2.12 -64.80 -25.63
N ILE D 448 -1.92 -64.90 -24.32
CA ILE D 448 -2.81 -64.33 -23.31
C ILE D 448 -2.04 -63.20 -22.59
N GLN D 449 -2.76 -62.16 -22.16
CA GLN D 449 -2.15 -61.02 -21.47
C GLN D 449 -2.79 -60.75 -20.11
N LEU D 450 -2.01 -60.15 -19.23
CA LEU D 450 -2.48 -59.64 -17.95
C LEU D 450 -2.38 -58.12 -17.95
N VAL D 451 -3.53 -57.45 -17.92
CA VAL D 451 -3.65 -56.01 -17.95
C VAL D 451 -3.86 -55.55 -16.53
N GLY D 452 -3.13 -54.51 -16.13
CA GLY D 452 -3.25 -53.93 -14.80
C GLY D 452 -3.63 -52.48 -14.88
N ARG D 453 -3.75 -51.86 -13.70
CA ARG D 453 -4.04 -50.43 -13.61
C ARG D 453 -2.78 -49.62 -13.80
N LYS D 454 -2.97 -48.34 -14.08
CA LYS D 454 -1.86 -47.39 -14.08
C LYS D 454 -1.04 -47.54 -12.80
N HIS D 455 0.28 -47.57 -12.96
CA HIS D 455 1.26 -47.65 -11.86
C HIS D 455 1.41 -49.01 -11.17
N ASP D 456 0.60 -50.00 -11.57
CA ASP D 456 0.60 -51.32 -10.94
C ASP D 456 1.42 -52.37 -11.69
N GLU D 457 2.51 -51.95 -12.33
CA GLU D 457 3.36 -52.88 -13.06
C GLU D 457 3.79 -54.11 -12.27
N LEU D 458 4.17 -53.93 -11.00
CA LEU D 458 4.69 -55.07 -10.22
C LEU D 458 3.62 -56.09 -9.86
N THR D 459 2.37 -55.64 -9.70
CA THR D 459 1.22 -56.52 -9.57
C THR D 459 1.03 -57.44 -10.79
N ILE D 460 1.18 -56.85 -11.98
CA ILE D 460 1.10 -57.61 -13.22
C ILE D 460 2.17 -58.69 -13.27
N LEU D 461 3.41 -58.30 -13.00
CA LEU D 461 4.52 -59.25 -13.08
C LEU D 461 4.39 -60.36 -12.07
N ALA D 462 3.90 -60.03 -10.88
CA ALA D 462 3.60 -61.07 -9.87
C ALA D 462 2.62 -62.11 -10.40
N ALA D 463 1.52 -61.63 -10.97
CA ALA D 463 0.50 -62.51 -11.58
C ALA D 463 1.06 -63.34 -12.73
N GLY D 464 1.92 -62.73 -13.54
CA GLY D 464 2.61 -63.43 -14.60
C GLY D 464 3.41 -64.66 -14.14
N ARG D 465 3.96 -64.59 -12.93
CA ARG D 465 4.67 -65.73 -12.35
C ARG D 465 3.78 -66.96 -12.06
N ALA D 466 2.47 -66.76 -11.93
CA ALA D 466 1.54 -67.87 -11.82
C ALA D 466 1.54 -68.73 -13.08
N TYR D 467 1.64 -68.06 -14.23
CA TYR D 467 1.81 -68.72 -15.52
C TYR D 467 3.20 -69.32 -15.61
N GLU D 468 4.22 -68.53 -15.30
CA GLU D 468 5.60 -68.95 -15.47
C GLU D 468 5.92 -70.21 -14.65
N ARG D 469 5.35 -70.30 -13.46
CA ARG D 469 5.58 -71.44 -12.55
C ARG D 469 4.94 -72.76 -13.03
N ARG D 470 4.02 -72.69 -13.99
CA ARG D 470 3.26 -73.86 -14.49
C ARG D 470 3.50 -74.25 -15.95
N ALA D 471 3.63 -73.25 -16.81
CA ALA D 471 3.83 -73.46 -18.24
C ALA D 471 5.23 -73.97 -18.53
N PRO D 472 5.42 -74.64 -19.67
CA PRO D 472 6.79 -75.02 -19.98
C PRO D 472 7.67 -73.78 -20.15
N ARG D 473 8.92 -73.87 -19.74
CA ARG D 473 9.90 -72.81 -19.86
C ARG D 473 10.05 -72.44 -21.34
N VAL D 474 10.17 -71.14 -21.60
CA VAL D 474 10.38 -70.68 -22.98
C VAL D 474 11.76 -71.15 -23.42
N GLU D 475 11.81 -71.73 -24.62
CA GLU D 475 13.08 -72.17 -25.19
C GLU D 475 13.25 -71.42 -26.50
N ILE D 476 14.50 -71.20 -26.88
CA ILE D 476 14.77 -70.55 -28.15
C ILE D 476 14.44 -71.46 -29.33
N ALA D 477 14.07 -70.84 -30.44
CA ALA D 477 13.80 -71.51 -31.70
C ALA D 477 15.07 -71.51 -32.55
N THR D 478 15.27 -72.59 -33.30
CA THR D 478 16.32 -72.66 -34.32
C THR D 478 15.63 -72.55 -35.67
N PRO D 479 15.69 -71.36 -36.31
CA PRO D 479 15.02 -71.15 -37.58
C PRO D 479 15.47 -72.14 -38.66
N ALA D 480 14.51 -72.75 -39.36
CA ALA D 480 14.83 -73.77 -40.39
C ALA D 480 13.70 -73.94 -41.40
#